data_9HFS
#
_entry.id   9HFS
#
_cell.length_a   1.00
_cell.length_b   1.00
_cell.length_c   1.00
_cell.angle_alpha   90.00
_cell.angle_beta   90.00
_cell.angle_gamma   90.00
#
_symmetry.space_group_name_H-M   'P 1'
#
loop_
_entity.id
_entity.type
_entity.pdbx_description
1 polymer 'Cytidine and dCMP deaminase domain-containing protein 1'
2 non-polymer 'ZINC ION'
3 non-polymer "2'-DEOXYCYTIDINE-5'-TRIPHOSPHATE"
4 water water
#
_entity_poly.entity_id   1
_entity_poly.type   'polypeptide(L)'
_entity_poly.pdbx_seq_one_letter_code
;MGSSHHHHHHSSGLVPRGSHMKEAGQMQNLESARAGRSVSTQTGSMTGQIPRLSKVNLFTLLSLWMELFPAEAQRQKSQK
NEEGKHGPLGDNEERTRVSTDKRQVKRTGLVVVKNMKIVGLHCSSEDLHAGQIALIKHGSRLKNCDLYFSRKPCSACLKM
IVNAGVNRISYWPADPEISLLTEASSSEDAKLDAKAVERLKSNSRAHVCVLLQPLVCYMVQFVEETSYKCDFIQKITKTL
PDANTDFYYECKQERIKEYEMLFLVSNEEMHKQILMTIGLENLCENPYFSNLRQNMKDLILLLATVASSVPNFKHFGFYR
SNPEQINEIHNQSLPQEIARHCMVQARLLAYRTEDHKTGVGAVIWAEGKSRSCDGTGAMYFVGCGYNAFPVGSEYADFPH
MDDKQKDREIRKFRYIIHAAQNALTFRCQEIKPEERSMIFVTKCPCDECVPLIKGAGIKQIYAGDVDVGKKKADISYMRF
GELEGVSKFTWQLNPSGAYGLEQNEPERRENGVLRPVPQKEEQHQDKKLRLGIH
;
_entity_poly.pdbx_strand_id   A,B,C,D,E,F
#
# COMPACT_ATOMS: atom_id res chain seq x y z
N ILE A 50 -16.55 31.01 -12.86
CA ILE A 50 -16.90 30.31 -14.08
C ILE A 50 -17.20 28.85 -13.80
N PRO A 51 -18.17 28.28 -14.51
CA PRO A 51 -18.46 26.85 -14.35
C PRO A 51 -17.32 25.99 -14.83
N ARG A 52 -17.17 24.82 -14.21
CA ARG A 52 -16.09 23.90 -14.51
C ARG A 52 -16.66 22.58 -15.02
N LEU A 53 -16.11 22.10 -16.13
CA LEU A 53 -16.45 20.79 -16.63
C LEU A 53 -15.90 19.72 -15.68
N SER A 54 -16.69 18.67 -15.47
CA SER A 54 -16.25 17.60 -14.58
C SER A 54 -15.30 16.65 -15.30
N LYS A 55 -14.56 15.88 -14.50
CA LYS A 55 -13.59 14.94 -15.07
C LYS A 55 -14.28 13.87 -15.91
N VAL A 56 -15.36 13.28 -15.40
CA VAL A 56 -16.03 12.23 -16.13
C VAL A 56 -16.68 12.76 -17.39
N ASN A 57 -17.24 13.98 -17.34
CA ASN A 57 -17.82 14.58 -18.54
C ASN A 57 -16.73 14.95 -19.53
N LEU A 58 -15.57 15.42 -19.04
CA LEU A 58 -14.43 15.66 -19.92
C LEU A 58 -14.02 14.39 -20.65
N PHE A 59 -13.93 13.27 -19.91
CA PHE A 59 -13.50 12.03 -20.53
C PHE A 59 -14.53 11.49 -21.51
N THR A 60 -15.82 11.61 -21.18
CA THR A 60 -16.88 11.20 -22.10
C THR A 60 -16.83 12.02 -23.38
N LEU A 61 -16.71 13.35 -23.23
CA LEU A 61 -16.63 14.23 -24.40
C LEU A 61 -15.39 13.92 -25.23
N LEU A 62 -14.27 13.63 -24.58
CA LEU A 62 -13.04 13.33 -25.30
C LEU A 62 -13.13 12.00 -26.04
N SER A 63 -13.81 11.00 -25.45
CA SER A 63 -14.00 9.75 -26.17
C SER A 63 -14.91 9.93 -27.37
N LEU A 64 -15.99 10.72 -27.20
CA LEU A 64 -16.86 11.01 -28.32
C LEU A 64 -16.13 11.77 -29.42
N TRP A 65 -15.24 12.69 -29.04
CA TRP A 65 -14.45 13.43 -30.02
C TRP A 65 -13.40 12.54 -30.67
N MET A 66 -12.81 11.61 -29.92
CA MET A 66 -11.85 10.67 -30.48
C MET A 66 -12.50 9.77 -31.50
N GLU A 67 -13.79 9.43 -31.31
CA GLU A 67 -14.51 8.69 -32.35
C GLU A 67 -14.56 9.48 -33.66
N LEU A 68 -14.39 10.80 -33.61
CA LEU A 68 -14.41 11.65 -34.79
C LEU A 68 -13.02 11.96 -35.33
N PHE A 69 -11.99 11.27 -34.84
CA PHE A 69 -10.63 11.53 -35.29
C PHE A 69 -10.53 11.27 -36.79
N PRO A 70 -9.88 12.14 -37.57
CA PRO A 70 -9.82 11.95 -39.02
C PRO A 70 -9.06 10.68 -39.39
N ALA A 71 -9.67 9.86 -40.23
CA ALA A 71 -9.07 8.60 -40.66
C ALA A 71 -7.92 8.84 -41.62
N VAL A 105 -20.44 -3.02 -37.11
CA VAL A 105 -19.39 -2.55 -36.20
C VAL A 105 -19.11 -1.08 -36.44
N LYS A 106 -19.52 -0.25 -35.48
CA LYS A 106 -19.36 1.20 -35.58
C LYS A 106 -18.06 1.66 -34.97
N ARG A 107 -17.58 2.80 -35.44
CA ARG A 107 -16.34 3.38 -34.94
C ARG A 107 -16.49 3.79 -33.48
N THR A 108 -15.43 3.61 -32.70
CA THR A 108 -15.45 3.88 -31.27
C THR A 108 -14.23 4.69 -30.86
N GLY A 109 -14.47 5.76 -30.10
CA GLY A 109 -13.39 6.48 -29.46
C GLY A 109 -13.20 6.01 -28.03
N LEU A 110 -11.97 6.13 -27.54
CA LEU A 110 -11.62 5.60 -26.24
C LEU A 110 -10.63 6.51 -25.54
N VAL A 111 -10.90 6.80 -24.27
CA VAL A 111 -10.01 7.57 -23.41
C VAL A 111 -9.56 6.67 -22.27
N VAL A 112 -8.26 6.47 -22.16
CA VAL A 112 -7.67 5.69 -21.06
C VAL A 112 -7.10 6.66 -20.04
N VAL A 113 -7.58 6.56 -18.80
CA VAL A 113 -7.25 7.47 -17.72
C VAL A 113 -6.65 6.66 -16.58
N LYS A 114 -5.53 7.13 -16.03
CA LYS A 114 -4.91 6.51 -14.87
C LYS A 114 -4.61 7.58 -13.84
N ASN A 115 -5.09 7.37 -12.61
CA ASN A 115 -4.94 8.35 -11.53
C ASN A 115 -5.48 9.72 -11.93
N MET A 116 -6.65 9.71 -12.57
CA MET A 116 -7.35 10.91 -13.04
C MET A 116 -6.55 11.69 -14.08
N LYS A 117 -5.54 11.06 -14.67
CA LYS A 117 -4.77 11.65 -15.76
C LYS A 117 -4.96 10.80 -17.02
N ILE A 118 -5.08 11.48 -18.15
CA ILE A 118 -5.27 10.78 -19.42
C ILE A 118 -3.95 10.16 -19.84
N VAL A 119 -3.96 8.85 -20.06
CA VAL A 119 -2.79 8.13 -20.54
C VAL A 119 -2.99 7.55 -21.94
N GLY A 120 -4.18 7.67 -22.50
CA GLY A 120 -4.38 7.20 -23.86
C GLY A 120 -5.57 7.79 -24.58
N LEU A 121 -5.39 8.12 -25.85
CA LEU A 121 -6.48 8.55 -26.72
C LEU A 121 -6.46 7.67 -27.96
N HIS A 122 -7.52 6.89 -28.16
CA HIS A 122 -7.53 5.88 -29.21
C HIS A 122 -8.83 5.94 -29.99
N CYS A 123 -8.77 5.48 -31.23
CA CYS A 123 -9.95 5.35 -32.08
C CYS A 123 -9.91 4.00 -32.78
N SER A 124 -11.08 3.45 -33.04
CA SER A 124 -11.17 2.22 -33.81
C SER A 124 -10.64 2.44 -35.22
N SER A 125 -9.80 1.52 -35.68
CA SER A 125 -9.32 1.54 -37.05
C SER A 125 -10.19 0.60 -37.88
N GLU A 126 -9.81 0.39 -39.14
CA GLU A 126 -10.56 -0.53 -39.98
C GLU A 126 -10.35 -1.97 -39.56
N ASP A 127 -9.19 -2.28 -38.96
CA ASP A 127 -8.87 -3.65 -38.57
C ASP A 127 -9.26 -3.95 -37.14
N LEU A 128 -9.03 -3.02 -36.21
CA LEU A 128 -9.14 -3.30 -34.78
C LEU A 128 -10.07 -2.31 -34.10
N HIS A 129 -10.79 -2.79 -33.11
CA HIS A 129 -11.63 -1.93 -32.28
C HIS A 129 -10.77 -1.12 -31.31
N ALA A 130 -11.38 -0.10 -30.72
CA ALA A 130 -10.67 0.76 -29.77
C ALA A 130 -10.16 -0.03 -28.57
N GLY A 131 -10.95 -0.98 -28.08
CA GLY A 131 -10.51 -1.78 -26.94
C GLY A 131 -9.31 -2.67 -27.27
N GLN A 132 -9.34 -3.30 -28.45
CA GLN A 132 -8.19 -4.11 -28.87
C GLN A 132 -6.95 -3.25 -29.06
N ILE A 133 -7.12 -2.05 -29.62
CA ILE A 133 -5.99 -1.14 -29.80
C ILE A 133 -5.43 -0.71 -28.45
N ALA A 134 -6.31 -0.43 -27.49
CA ALA A 134 -5.85 -0.08 -26.15
C ALA A 134 -5.10 -1.23 -25.51
N LEU A 135 -5.58 -2.46 -25.70
CA LEU A 135 -4.85 -3.62 -25.20
C LEU A 135 -3.46 -3.70 -25.82
N ILE A 136 -3.38 -3.60 -27.15
CA ILE A 136 -2.08 -3.68 -27.82
C ILE A 136 -1.15 -2.58 -27.32
N LYS A 137 -1.67 -1.38 -27.13
CA LYS A 137 -0.82 -0.24 -26.79
C LYS A 137 -0.37 -0.28 -25.34
N HIS A 138 -1.21 -0.76 -24.42
CA HIS A 138 -0.91 -0.63 -23.00
C HIS A 138 -0.53 -1.94 -22.31
N GLY A 139 -1.12 -3.08 -22.69
CA GLY A 139 -0.79 -4.32 -22.02
C GLY A 139 -1.31 -4.35 -20.60
N SER A 140 -0.44 -4.73 -19.67
CA SER A 140 -0.81 -4.79 -18.26
C SER A 140 -0.92 -3.42 -17.62
N ARG A 141 -0.48 -2.37 -18.31
CA ARG A 141 -0.61 -1.01 -17.78
C ARG A 141 -2.06 -0.55 -17.71
N LEU A 142 -2.99 -1.28 -18.34
CA LEU A 142 -4.41 -1.01 -18.18
C LEU A 142 -4.93 -1.35 -16.79
N LYS A 143 -4.11 -2.00 -15.96
CA LYS A 143 -4.53 -2.34 -14.60
C LYS A 143 -4.90 -1.09 -13.83
N ASN A 144 -6.08 -1.13 -13.17
CA ASN A 144 -6.60 -0.02 -12.37
C ASN A 144 -6.79 1.25 -13.20
N CYS A 145 -7.11 1.10 -14.48
CA CYS A 145 -7.37 2.22 -15.35
C CYS A 145 -8.85 2.39 -15.58
N ASP A 146 -9.26 3.63 -15.85
CA ASP A 146 -10.63 3.95 -16.22
C ASP A 146 -10.68 4.15 -17.73
N LEU A 147 -11.52 3.36 -18.40
CA LEU A 147 -11.68 3.44 -19.85
C LEU A 147 -13.02 4.08 -20.14
N TYR A 148 -13.01 5.07 -21.03
CA TYR A 148 -14.20 5.81 -21.42
C TYR A 148 -14.42 5.56 -22.91
N PHE A 149 -15.44 4.77 -23.23
CA PHE A 149 -15.75 4.38 -24.60
C PHE A 149 -16.87 5.25 -25.14
N SER A 150 -16.77 5.58 -26.43
CA SER A 150 -17.87 6.27 -27.10
C SER A 150 -19.02 5.34 -27.41
N ARG A 151 -18.79 4.03 -27.42
CA ARG A 151 -19.82 3.02 -27.61
C ARG A 151 -19.53 1.85 -26.67
N LYS A 152 -20.57 1.12 -26.31
CA LYS A 152 -20.38 -0.02 -25.44
C LYS A 152 -19.50 -1.07 -26.13
N PRO A 153 -18.38 -1.46 -25.54
CA PRO A 153 -17.48 -2.40 -26.22
C PRO A 153 -18.10 -3.77 -26.41
N CYS A 154 -17.63 -4.47 -27.42
CA CYS A 154 -18.08 -5.82 -27.70
C CYS A 154 -17.53 -6.79 -26.65
N SER A 155 -18.04 -8.02 -26.67
CA SER A 155 -17.61 -9.03 -25.71
C SER A 155 -16.14 -9.37 -25.89
N ALA A 156 -15.68 -9.43 -27.14
CA ALA A 156 -14.26 -9.72 -27.40
C ALA A 156 -13.37 -8.62 -26.83
N CYS A 157 -13.77 -7.36 -26.98
CA CYS A 157 -13.02 -6.28 -26.37
C CYS A 157 -13.14 -6.29 -24.86
N LEU A 158 -14.35 -6.53 -24.35
CA LEU A 158 -14.58 -6.43 -22.91
C LEU A 158 -13.81 -7.51 -22.15
N LYS A 159 -13.77 -8.73 -22.68
CA LYS A 159 -13.07 -9.80 -21.96
C LYS A 159 -11.59 -9.51 -21.85
N MET A 160 -10.97 -9.01 -22.93
CA MET A 160 -9.55 -8.66 -22.88
C MET A 160 -9.31 -7.47 -21.98
N ILE A 161 -10.21 -6.49 -21.98
CA ILE A 161 -10.06 -5.31 -21.14
C ILE A 161 -10.14 -5.68 -19.66
N VAL A 162 -11.10 -6.51 -19.29
CA VAL A 162 -11.22 -6.93 -17.89
C VAL A 162 -10.09 -7.88 -17.52
N ASN A 163 -9.59 -8.67 -18.48
CA ASN A 163 -8.42 -9.51 -18.23
C ASN A 163 -7.20 -8.66 -17.93
N ALA A 164 -7.06 -7.53 -18.62
CA ALA A 164 -5.96 -6.62 -18.35
C ALA A 164 -6.05 -5.97 -16.97
N GLY A 165 -7.21 -6.02 -16.32
CA GLY A 165 -7.32 -5.56 -14.95
C GLY A 165 -7.78 -4.13 -14.77
N VAL A 166 -8.57 -3.59 -15.70
CA VAL A 166 -9.04 -2.22 -15.57
C VAL A 166 -10.01 -2.10 -14.41
N ASN A 167 -10.21 -0.86 -13.96
CA ASN A 167 -11.12 -0.59 -12.85
C ASN A 167 -12.55 -0.33 -13.33
N ARG A 168 -12.73 0.68 -14.19
CA ARG A 168 -14.05 1.09 -14.64
C ARG A 168 -14.09 1.16 -16.16
N ILE A 169 -15.19 0.72 -16.74
CA ILE A 169 -15.50 0.93 -18.15
C ILE A 169 -16.76 1.77 -18.22
N SER A 170 -16.62 3.06 -18.47
CA SER A 170 -17.75 3.94 -18.71
C SER A 170 -18.01 3.99 -20.20
N TYR A 171 -19.29 3.94 -20.59
CA TYR A 171 -19.61 3.97 -22.00
C TYR A 171 -20.75 4.94 -22.26
N TRP A 172 -20.75 5.49 -23.46
CA TRP A 172 -21.83 6.37 -23.93
C TRP A 172 -23.01 5.51 -24.34
N PRO A 173 -24.19 5.69 -23.74
CA PRO A 173 -25.27 4.71 -23.93
C PRO A 173 -26.07 4.90 -25.21
N ALA A 174 -25.37 5.11 -26.31
CA ALA A 174 -25.97 5.09 -27.64
C ALA A 174 -25.80 3.67 -28.21
N ASP A 175 -26.01 3.51 -29.52
CA ASP A 175 -25.76 2.26 -30.22
C ASP A 175 -24.37 1.72 -29.85
N PRO A 176 -24.27 0.48 -29.37
CA PRO A 176 -22.95 -0.04 -28.96
C PRO A 176 -22.03 -0.34 -30.13
N GLU A 177 -20.85 -0.89 -29.83
CA GLU A 177 -19.87 -1.18 -30.87
C GLU A 177 -20.43 -2.12 -31.92
N ILE A 178 -21.03 -3.23 -31.48
CA ILE A 178 -21.78 -4.11 -32.38
C ILE A 178 -23.16 -3.51 -32.53
N SER A 179 -23.44 -2.94 -33.70
CA SER A 179 -24.63 -2.14 -33.88
C SER A 179 -25.91 -2.95 -33.64
N LEU A 180 -26.78 -2.40 -32.82
CA LEU A 180 -28.11 -2.96 -32.59
C LEU A 180 -29.16 -2.38 -33.52
N LEU A 181 -28.80 -1.40 -34.33
CA LEU A 181 -29.71 -0.77 -35.28
C LEU A 181 -29.59 -1.34 -36.68
N THR A 182 -28.76 -2.37 -36.87
CA THR A 182 -28.58 -2.98 -38.18
C THR A 182 -29.70 -3.97 -38.49
N SER A 187 -28.44 -8.79 -36.32
CA SER A 187 -29.40 -8.54 -35.26
C SER A 187 -29.24 -9.55 -34.13
N GLU A 188 -29.41 -10.83 -34.46
CA GLU A 188 -29.26 -11.88 -33.45
C GLU A 188 -27.83 -11.93 -32.92
N ASP A 189 -26.84 -11.76 -33.79
CA ASP A 189 -25.44 -11.76 -33.36
C ASP A 189 -25.16 -10.60 -32.43
N ALA A 190 -25.70 -9.41 -32.73
CA ALA A 190 -25.50 -8.25 -31.88
C ALA A 190 -26.15 -8.46 -30.51
N LYS A 191 -27.35 -9.04 -30.49
CA LYS A 191 -28.02 -9.32 -29.22
C LYS A 191 -27.23 -10.35 -28.41
N LEU A 192 -26.70 -11.38 -29.06
CA LEU A 192 -25.88 -12.35 -28.36
C LEU A 192 -24.62 -11.71 -27.80
N ASP A 193 -24.01 -10.81 -28.56
CA ASP A 193 -22.83 -10.10 -28.08
C ASP A 193 -23.18 -9.24 -26.87
N ALA A 194 -24.34 -8.58 -26.89
CA ALA A 194 -24.76 -7.79 -25.74
C ALA A 194 -25.00 -8.65 -24.51
N LYS A 195 -25.61 -9.83 -24.71
CA LYS A 195 -25.81 -10.75 -23.59
C LYS A 195 -24.47 -11.23 -23.03
N ALA A 196 -23.51 -11.52 -23.90
CA ALA A 196 -22.18 -11.91 -23.44
C ALA A 196 -21.49 -10.79 -22.69
N VAL A 197 -21.66 -9.54 -23.15
CA VAL A 197 -21.10 -8.39 -22.44
C VAL A 197 -21.71 -8.29 -21.05
N GLU A 198 -23.02 -8.47 -20.95
CA GLU A 198 -23.67 -8.42 -19.63
C GLU A 198 -23.16 -9.53 -18.72
N ARG A 199 -22.98 -10.74 -19.26
CA ARG A 199 -22.46 -11.84 -18.45
C ARG A 199 -21.04 -11.57 -17.99
N LEU A 200 -20.20 -11.01 -18.88
CA LEU A 200 -18.84 -10.65 -18.49
C LEU A 200 -18.86 -9.58 -17.40
N LYS A 201 -19.76 -8.62 -17.51
CA LYS A 201 -19.87 -7.56 -16.51
C LYS A 201 -20.29 -8.12 -15.15
N SER A 202 -21.22 -9.09 -15.16
CA SER A 202 -21.73 -9.63 -13.91
C SER A 202 -20.67 -10.41 -13.14
N ASN A 203 -19.73 -11.06 -13.84
CA ASN A 203 -18.76 -11.95 -13.22
C ASN A 203 -17.34 -11.39 -13.26
N SER A 204 -17.20 -10.07 -13.22
CA SER A 204 -15.89 -9.43 -13.22
C SER A 204 -15.85 -8.34 -12.16
N ARG A 205 -14.65 -8.09 -11.64
CA ARG A 205 -14.46 -7.01 -10.68
C ARG A 205 -14.49 -5.64 -11.35
N ALA A 206 -14.32 -5.58 -12.67
CA ALA A 206 -14.41 -4.32 -13.38
C ALA A 206 -15.86 -3.82 -13.38
N HIS A 207 -16.02 -2.52 -13.20
CA HIS A 207 -17.34 -1.90 -13.11
C HIS A 207 -17.69 -1.27 -14.45
N VAL A 208 -18.66 -1.85 -15.16
CA VAL A 208 -19.12 -1.33 -16.44
C VAL A 208 -20.36 -0.49 -16.19
N CYS A 209 -20.32 0.78 -16.59
CA CYS A 209 -21.34 1.73 -16.20
C CYS A 209 -21.44 2.86 -17.22
N VAL A 210 -22.40 3.75 -16.96
CA VAL A 210 -22.57 5.00 -17.68
C VAL A 210 -22.29 6.12 -16.70
N LEU A 211 -21.17 6.83 -16.89
CA LEU A 211 -20.72 7.80 -15.92
C LEU A 211 -21.06 9.25 -16.29
N LEU A 212 -21.68 9.49 -17.44
CA LEU A 212 -22.03 10.85 -17.81
C LEU A 212 -23.03 11.42 -16.82
N GLN A 213 -22.80 12.66 -16.41
CA GLN A 213 -23.59 13.33 -15.40
C GLN A 213 -24.13 14.64 -15.96
N PRO A 214 -25.21 15.17 -15.38
CA PRO A 214 -25.77 16.44 -15.90
C PRO A 214 -24.75 17.57 -15.81
N LEU A 215 -24.76 18.42 -16.82
CA LEU A 215 -23.89 19.59 -16.83
C LEU A 215 -24.43 20.65 -15.88
N VAL A 216 -23.54 21.57 -15.50
CA VAL A 216 -23.97 22.75 -14.76
C VAL A 216 -24.98 23.52 -15.60
N CYS A 217 -25.91 24.20 -14.93
CA CYS A 217 -26.99 24.89 -15.64
C CYS A 217 -26.45 25.96 -16.57
N TYR A 218 -25.38 26.65 -16.17
CA TYR A 218 -24.78 27.70 -16.98
C TYR A 218 -23.63 27.19 -17.85
N MET A 219 -23.32 25.89 -17.80
CA MET A 219 -22.13 25.38 -18.46
C MET A 219 -22.20 25.56 -19.97
N VAL A 220 -23.35 25.27 -20.57
CA VAL A 220 -23.47 25.35 -22.03
C VAL A 220 -23.40 26.80 -22.51
N GLN A 221 -24.09 27.70 -21.81
CA GLN A 221 -24.04 29.11 -22.19
C GLN A 221 -22.63 29.67 -22.03
N PHE A 222 -21.94 29.30 -20.95
CA PHE A 222 -20.57 29.75 -20.74
C PHE A 222 -19.64 29.21 -21.81
N VAL A 223 -19.82 27.93 -22.19
CA VAL A 223 -18.99 27.34 -23.24
C VAL A 223 -19.23 28.07 -24.56
N GLU A 224 -20.49 28.38 -24.87
CA GLU A 224 -20.77 29.13 -26.10
C GLU A 224 -20.13 30.51 -26.07
N GLU A 225 -20.24 31.20 -24.93
CA GLU A 225 -19.67 32.54 -24.81
C GLU A 225 -18.16 32.52 -25.00
N THR A 226 -17.48 31.56 -24.34
CA THR A 226 -16.03 31.49 -24.46
C THR A 226 -15.59 31.01 -25.83
N SER A 227 -16.38 30.12 -26.46
CA SER A 227 -16.02 29.62 -27.78
C SER A 227 -16.14 30.72 -28.83
N TYR A 228 -17.17 31.56 -28.72
CA TYR A 228 -17.27 32.69 -29.65
C TYR A 228 -16.13 33.68 -29.44
N LYS A 229 -15.61 33.77 -28.22
CA LYS A 229 -14.54 34.70 -27.89
C LYS A 229 -13.16 34.05 -27.89
N CYS A 230 -13.05 32.82 -28.36
CA CYS A 230 -11.76 32.14 -28.38
C CYS A 230 -10.87 32.73 -29.48
N ASP A 231 -9.59 32.36 -29.43
CA ASP A 231 -8.60 32.97 -30.31
C ASP A 231 -8.93 32.74 -31.78
N PHE A 232 -9.37 31.53 -32.13
CA PHE A 232 -9.55 31.17 -33.53
C PHE A 232 -10.79 31.83 -34.13
N ILE A 233 -11.91 31.83 -33.40
CA ILE A 233 -13.11 32.51 -33.86
C ILE A 233 -12.86 34.00 -33.97
N GLN A 234 -12.15 34.58 -32.99
CA GLN A 234 -11.82 35.99 -33.05
C GLN A 234 -10.93 36.30 -34.24
N LYS A 235 -9.95 35.44 -34.51
CA LYS A 235 -9.05 35.66 -35.64
C LYS A 235 -9.81 35.63 -36.96
N ILE A 236 -10.76 34.69 -37.09
CA ILE A 236 -11.60 34.68 -38.29
C ILE A 236 -12.43 35.96 -38.36
N THR A 237 -12.96 36.41 -37.22
CA THR A 237 -13.80 37.61 -37.20
C THR A 237 -13.00 38.84 -37.63
N LYS A 238 -11.77 38.98 -37.13
CA LYS A 238 -10.94 40.13 -37.51
C LYS A 238 -10.45 40.06 -38.95
N THR A 239 -10.64 38.93 -39.62
CA THR A 239 -10.19 38.78 -41.00
C THR A 239 -11.37 38.66 -41.96
N PHE A 247 -20.89 33.55 -38.79
CA PHE A 247 -20.25 32.37 -39.36
C PHE A 247 -20.13 31.27 -38.32
N TYR A 248 -19.92 31.67 -37.06
CA TYR A 248 -19.68 30.69 -36.00
C TYR A 248 -20.96 29.95 -35.62
N TYR A 249 -22.09 30.66 -35.56
CA TYR A 249 -23.34 30.03 -35.14
C TYR A 249 -23.87 29.10 -36.22
N GLU A 250 -23.67 29.43 -37.50
CA GLU A 250 -24.10 28.53 -38.57
C GLU A 250 -23.29 27.23 -38.55
N CYS A 251 -21.97 27.34 -38.38
CA CYS A 251 -21.14 26.15 -38.23
C CYS A 251 -21.53 25.37 -36.98
N LYS A 252 -21.90 26.08 -35.91
CA LYS A 252 -22.35 25.41 -34.70
C LYS A 252 -23.63 24.61 -34.96
N GLN A 253 -24.56 25.18 -35.71
CA GLN A 253 -25.78 24.45 -36.06
C GLN A 253 -25.47 23.23 -36.91
N GLU A 254 -24.55 23.37 -37.87
CA GLU A 254 -24.15 22.23 -38.69
C GLU A 254 -23.55 21.11 -37.83
N ARG A 255 -22.65 21.48 -36.91
CA ARG A 255 -22.06 20.49 -36.02
C ARG A 255 -23.11 19.87 -35.10
N ILE A 256 -24.07 20.68 -34.63
CA ILE A 256 -25.15 20.15 -33.80
C ILE A 256 -25.91 19.06 -34.54
N LYS A 257 -26.30 19.36 -35.79
CA LYS A 257 -27.03 18.36 -36.57
C LYS A 257 -26.20 17.11 -36.80
N GLU A 258 -24.94 17.27 -37.21
CA GLU A 258 -24.11 16.11 -37.52
C GLU A 258 -23.85 15.26 -36.28
N TYR A 259 -23.54 15.89 -35.16
CA TYR A 259 -23.20 15.15 -33.95
C TYR A 259 -24.43 14.55 -33.27
N GLU A 260 -25.59 15.19 -33.41
CA GLU A 260 -26.82 14.57 -32.93
C GLU A 260 -27.20 13.37 -33.78
N MET A 261 -26.91 13.43 -35.08
CA MET A 261 -27.08 12.24 -35.92
C MET A 261 -26.14 11.13 -35.49
N LEU A 262 -24.87 11.47 -35.23
CA LEU A 262 -23.86 10.44 -34.99
C LEU A 262 -23.96 9.82 -33.61
N PHE A 263 -24.26 10.62 -32.58
CA PHE A 263 -24.13 10.17 -31.19
C PHE A 263 -25.44 9.97 -30.46
N LEU A 264 -26.56 10.47 -31.00
CA LEU A 264 -27.84 10.35 -30.33
C LEU A 264 -28.76 9.40 -31.10
N VAL A 265 -29.74 8.86 -30.39
CA VAL A 265 -30.79 8.04 -30.96
C VAL A 265 -32.07 8.85 -30.85
N SER A 266 -32.45 9.51 -31.94
CA SER A 266 -33.59 10.42 -31.90
C SER A 266 -34.89 9.67 -31.59
N ASN A 267 -35.05 8.47 -32.15
CA ASN A 267 -36.24 7.69 -31.87
C ASN A 267 -36.19 7.15 -30.45
N GLU A 268 -37.18 7.52 -29.64
CA GLU A 268 -37.18 7.11 -28.24
C GLU A 268 -37.35 5.61 -28.08
N GLU A 269 -38.17 4.97 -28.93
CA GLU A 269 -38.37 3.54 -28.81
C GLU A 269 -37.13 2.76 -29.24
N MET A 270 -36.42 3.22 -30.27
CA MET A 270 -35.16 2.58 -30.64
C MET A 270 -34.13 2.70 -29.52
N HIS A 271 -34.06 3.87 -28.88
CA HIS A 271 -33.16 4.04 -27.75
C HIS A 271 -33.55 3.15 -26.59
N LYS A 272 -34.86 3.01 -26.34
CA LYS A 272 -35.31 2.11 -25.28
C LYS A 272 -34.92 0.67 -25.58
N GLN A 273 -35.07 0.25 -26.84
CA GLN A 273 -34.64 -1.10 -27.22
C GLN A 273 -33.14 -1.27 -27.00
N ILE A 274 -32.34 -0.28 -27.38
CA ILE A 274 -30.89 -0.36 -27.17
C ILE A 274 -30.57 -0.48 -25.68
N LEU A 275 -31.20 0.37 -24.86
CA LEU A 275 -30.91 0.36 -23.43
C LEU A 275 -31.32 -0.95 -22.78
N MET A 276 -32.47 -1.50 -23.20
CA MET A 276 -32.88 -2.81 -22.70
C MET A 276 -31.88 -3.89 -23.10
N THR A 277 -31.42 -3.85 -24.35
CA THR A 277 -30.49 -4.87 -24.83
C THR A 277 -29.16 -4.80 -24.10
N ILE A 278 -28.67 -3.59 -23.81
CA ILE A 278 -27.35 -3.42 -23.22
C ILE A 278 -27.46 -3.38 -21.70
N GLY A 279 -28.59 -3.82 -21.17
CA GLY A 279 -28.77 -3.94 -19.73
C GLY A 279 -28.84 -2.63 -18.98
N LEU A 280 -29.53 -1.64 -19.52
CA LEU A 280 -29.76 -0.37 -18.85
C LEU A 280 -31.25 -0.18 -18.58
N GLU A 281 -31.91 -1.23 -18.09
CA GLU A 281 -33.33 -1.17 -17.81
C GLU A 281 -33.67 -0.17 -16.71
N ASN A 282 -32.71 0.14 -15.83
CA ASN A 282 -32.93 1.14 -14.80
C ASN A 282 -33.10 2.55 -15.36
N LEU A 283 -32.76 2.77 -16.62
CA LEU A 283 -32.89 4.07 -17.26
C LEU A 283 -33.86 4.04 -18.44
N CYS A 284 -34.78 3.07 -18.47
CA CYS A 284 -35.71 2.92 -19.58
C CYS A 284 -37.07 3.54 -19.33
N GLU A 285 -37.35 4.01 -18.11
CA GLU A 285 -38.61 4.65 -17.79
C GLU A 285 -38.36 6.02 -17.20
N ASN A 286 -39.32 6.91 -17.41
CA ASN A 286 -39.19 8.29 -16.98
C ASN A 286 -39.20 8.38 -15.45
N PRO A 287 -38.55 9.40 -14.88
CA PRO A 287 -37.85 10.51 -15.53
C PRO A 287 -36.41 10.17 -15.89
N TYR A 288 -35.93 8.99 -15.52
CA TYR A 288 -34.54 8.63 -15.74
C TYR A 288 -34.22 8.51 -17.23
N PHE A 289 -35.15 7.98 -18.02
CA PHE A 289 -34.96 7.90 -19.46
C PHE A 289 -34.83 9.29 -20.08
N SER A 290 -35.77 10.18 -19.74
CA SER A 290 -35.73 11.54 -20.27
C SER A 290 -34.53 12.30 -19.73
N ASN A 291 -34.18 12.09 -18.47
CA ASN A 291 -33.01 12.75 -17.90
C ASN A 291 -31.74 12.32 -18.62
N LEU A 292 -31.60 11.01 -18.89
CA LEU A 292 -30.42 10.52 -19.61
C LEU A 292 -30.37 11.09 -21.02
N ARG A 293 -31.50 11.11 -21.72
CA ARG A 293 -31.51 11.65 -23.08
C ARG A 293 -31.18 13.14 -23.08
N GLN A 294 -31.70 13.90 -22.12
CA GLN A 294 -31.39 15.32 -22.03
C GLN A 294 -29.92 15.56 -21.70
N ASN A 295 -29.36 14.74 -20.81
CA ASN A 295 -27.93 14.86 -20.49
C ASN A 295 -27.08 14.58 -21.71
N MET A 296 -27.43 13.54 -22.48
CA MET A 296 -26.71 13.24 -23.70
C MET A 296 -26.82 14.39 -24.70
N LYS A 297 -28.02 14.96 -24.84
CA LYS A 297 -28.20 16.08 -25.76
C LYS A 297 -27.38 17.29 -25.32
N ASP A 298 -27.32 17.56 -24.02
CA ASP A 298 -26.53 18.68 -23.52
C ASP A 298 -25.04 18.48 -23.79
N LEU A 299 -24.55 17.25 -23.57
CA LEU A 299 -23.14 16.98 -23.85
C LEU A 299 -22.85 17.07 -25.34
N ILE A 300 -23.77 16.62 -26.19
CA ILE A 300 -23.58 16.76 -27.63
C ILE A 300 -23.58 18.22 -28.04
N LEU A 301 -24.43 19.03 -27.42
CA LEU A 301 -24.43 20.47 -27.70
C LEU A 301 -23.11 21.11 -27.32
N LEU A 302 -22.57 20.75 -26.15
CA LEU A 302 -21.29 21.29 -25.73
C LEU A 302 -20.17 20.85 -26.69
N LEU A 303 -20.20 19.58 -27.11
CA LEU A 303 -19.19 19.08 -28.05
C LEU A 303 -19.28 19.83 -29.38
N ALA A 304 -20.49 20.05 -29.88
CA ALA A 304 -20.65 20.79 -31.13
C ALA A 304 -20.15 22.22 -30.98
N THR A 305 -20.43 22.85 -29.84
CA THR A 305 -19.95 24.20 -29.58
C THR A 305 -18.42 24.25 -29.62
N VAL A 306 -17.77 23.33 -28.91
CA VAL A 306 -16.30 23.34 -28.85
C VAL A 306 -15.70 23.00 -30.21
N ALA A 307 -16.31 22.08 -30.95
CA ALA A 307 -15.80 21.72 -32.26
C ALA A 307 -15.97 22.85 -33.26
N SER A 308 -17.04 23.63 -33.12
CA SER A 308 -17.25 24.81 -33.96
C SER A 308 -16.32 25.95 -33.57
N SER A 309 -15.85 25.99 -32.33
CA SER A 309 -14.89 27.01 -31.92
C SER A 309 -13.61 26.96 -32.75
N VAL A 310 -13.30 25.83 -33.39
CA VAL A 310 -12.17 25.72 -34.29
C VAL A 310 -12.75 25.21 -35.61
N PRO A 311 -13.36 26.08 -36.40
CA PRO A 311 -14.18 25.61 -37.53
C PRO A 311 -13.40 25.34 -38.79
N ASN A 312 -13.96 24.47 -39.62
CA ASN A 312 -13.49 24.26 -41.00
C ASN A 312 -14.18 25.32 -41.87
N PHE A 313 -13.67 26.55 -41.77
CA PHE A 313 -14.30 27.71 -42.36
C PHE A 313 -13.34 28.38 -43.33
N LYS A 314 -13.83 28.66 -44.55
CA LYS A 314 -13.09 29.36 -45.60
C LYS A 314 -11.77 28.63 -45.82
N HIS A 315 -10.63 29.32 -45.82
CA HIS A 315 -9.32 28.68 -45.93
C HIS A 315 -8.51 28.87 -44.66
N PHE A 316 -9.19 29.00 -43.52
CA PHE A 316 -8.51 29.16 -42.25
C PHE A 316 -7.96 27.84 -41.76
N GLY A 317 -6.69 27.85 -41.35
CA GLY A 317 -6.04 26.67 -40.85
C GLY A 317 -4.80 27.05 -40.09
N PHE A 318 -3.96 26.06 -39.82
CA PHE A 318 -2.73 26.28 -39.07
C PHE A 318 -1.57 26.39 -40.05
N TYR A 319 -0.95 27.56 -40.11
CA TYR A 319 0.15 27.81 -41.03
C TYR A 319 1.17 28.72 -40.38
N ARG A 320 2.37 28.72 -40.96
CA ARG A 320 3.41 29.76 -40.82
C ARG A 320 4.72 29.22 -41.38
N ASN A 331 8.87 20.59 -39.59
CA ASN A 331 8.79 21.76 -40.46
C ASN A 331 7.54 21.71 -41.34
N GLN A 332 7.04 20.51 -41.57
CA GLN A 332 5.84 20.29 -42.38
C GLN A 332 4.63 20.17 -41.47
N SER A 333 3.57 20.92 -41.78
CA SER A 333 2.38 20.92 -40.96
C SER A 333 1.60 19.61 -41.13
N LEU A 334 0.75 19.33 -40.15
CA LEU A 334 -0.14 18.19 -40.20
C LEU A 334 -1.27 18.47 -41.18
N PRO A 335 -2.00 17.43 -41.59
CA PRO A 335 -3.27 17.67 -42.28
C PRO A 335 -4.18 18.52 -41.41
N GLN A 336 -4.87 19.47 -42.05
CA GLN A 336 -5.60 20.49 -41.29
C GLN A 336 -6.72 19.87 -40.45
N GLU A 337 -7.28 18.75 -40.89
CA GLU A 337 -8.33 18.08 -40.11
C GLU A 337 -7.79 17.57 -38.78
N ILE A 338 -6.60 16.96 -38.78
CA ILE A 338 -6.03 16.44 -37.55
C ILE A 338 -5.60 17.59 -36.63
N ALA A 339 -5.07 18.66 -37.20
CA ALA A 339 -4.72 19.83 -36.40
C ALA A 339 -5.94 20.43 -35.73
N ARG A 340 -7.05 20.53 -36.48
CA ARG A 340 -8.29 21.02 -35.89
C ARG A 340 -8.80 20.08 -34.80
N HIS A 341 -8.71 18.77 -35.02
CA HIS A 341 -9.16 17.81 -34.03
C HIS A 341 -8.36 17.93 -32.73
N CYS A 342 -7.03 18.04 -32.85
CA CYS A 342 -6.19 18.19 -31.67
C CYS A 342 -6.43 19.52 -30.96
N MET A 343 -6.64 20.59 -31.74
CA MET A 343 -6.94 21.87 -31.13
C MET A 343 -8.27 21.83 -30.38
N VAL A 344 -9.25 21.09 -30.92
CA VAL A 344 -10.52 20.93 -30.20
C VAL A 344 -10.32 20.11 -28.94
N GLN A 345 -9.42 19.12 -28.98
CA GLN A 345 -9.07 18.41 -27.74
C GLN A 345 -8.54 19.38 -26.69
N ALA A 346 -7.62 20.26 -27.09
CA ALA A 346 -7.07 21.24 -26.16
C ALA A 346 -8.15 22.19 -25.66
N ARG A 347 -9.07 22.59 -26.55
CA ARG A 347 -10.15 23.49 -26.14
C ARG A 347 -11.07 22.82 -25.13
N LEU A 348 -11.36 21.54 -25.33
CA LEU A 348 -12.15 20.79 -24.35
C LEU A 348 -11.43 20.71 -23.01
N LEU A 349 -10.11 20.50 -23.04
CA LEU A 349 -9.35 20.48 -21.80
C LEU A 349 -9.35 21.85 -21.11
N ALA A 350 -9.41 22.93 -21.90
CA ALA A 350 -9.37 24.27 -21.32
C ALA A 350 -10.55 24.55 -20.39
N TYR A 351 -11.62 23.78 -20.50
CA TYR A 351 -12.79 23.95 -19.63
C TYR A 351 -12.65 23.23 -18.30
N ARG A 352 -11.54 22.53 -18.07
CA ARG A 352 -11.20 21.99 -16.77
C ARG A 352 -10.37 22.96 -15.94
N THR A 353 -10.21 24.19 -16.41
CA THR A 353 -9.30 25.14 -15.78
C THR A 353 -9.73 25.47 -14.36
N GLU A 354 -8.73 25.72 -13.51
CA GLU A 354 -8.96 26.25 -12.18
C GLU A 354 -8.86 27.76 -12.12
N ASP A 355 -8.28 28.39 -13.13
CA ASP A 355 -8.26 29.85 -13.21
C ASP A 355 -9.68 30.36 -13.41
N HIS A 356 -10.01 31.44 -12.69
CA HIS A 356 -11.38 31.95 -12.68
C HIS A 356 -11.70 32.86 -13.85
N LYS A 357 -10.71 33.21 -14.68
CA LYS A 357 -10.93 34.13 -15.79
C LYS A 357 -10.68 33.48 -17.15
N THR A 358 -9.53 32.85 -17.36
CA THR A 358 -9.16 32.34 -18.66
C THR A 358 -8.80 30.86 -18.56
N GLY A 359 -9.38 30.05 -19.43
CA GLY A 359 -9.07 28.64 -19.51
C GLY A 359 -8.17 28.34 -20.70
N VAL A 360 -7.09 27.61 -20.44
CA VAL A 360 -6.11 27.26 -21.46
C VAL A 360 -5.94 25.75 -21.45
N GLY A 361 -5.89 25.15 -22.63
CA GLY A 361 -5.67 23.73 -22.76
C GLY A 361 -4.53 23.43 -23.70
N ALA A 362 -3.89 22.28 -23.48
CA ALA A 362 -2.73 21.87 -24.27
C ALA A 362 -2.75 20.35 -24.43
N VAL A 363 -2.52 19.90 -25.66
CA VAL A 363 -2.35 18.48 -25.97
C VAL A 363 -1.05 18.29 -26.72
N ILE A 364 -0.28 17.28 -26.31
CA ILE A 364 0.95 16.90 -26.98
C ILE A 364 0.72 15.56 -27.66
N TRP A 365 0.94 15.53 -28.98
CA TRP A 365 0.83 14.34 -29.80
C TRP A 365 2.17 14.12 -30.50
N ALA A 366 2.43 12.89 -30.91
CA ALA A 366 3.64 12.57 -31.65
C ALA A 366 3.30 11.66 -32.82
N GLU A 367 4.05 11.83 -33.91
CA GLU A 367 3.88 11.05 -35.13
C GLU A 367 4.98 9.99 -35.16
N GLY A 368 4.61 8.74 -34.93
CA GLY A 368 5.59 7.66 -34.97
C GLY A 368 6.06 7.40 -36.38
N LYS A 369 7.28 6.86 -36.48
CA LYS A 369 7.87 6.57 -37.78
C LYS A 369 7.26 5.33 -38.42
N SER A 370 6.93 4.32 -37.61
CA SER A 370 6.45 3.04 -38.10
C SER A 370 4.92 3.00 -38.07
N ARG A 371 4.38 1.96 -38.72
CA ARG A 371 2.94 1.77 -38.76
C ARG A 371 2.40 1.43 -37.38
N SER A 372 1.17 1.87 -37.12
CA SER A 372 0.51 1.65 -35.84
C SER A 372 -0.85 1.00 -36.06
N CYS A 373 -1.31 0.30 -35.02
CA CYS A 373 -2.61 -0.35 -35.06
C CYS A 373 -3.76 0.60 -34.76
N ASP A 374 -3.47 1.78 -34.22
CA ASP A 374 -4.50 2.71 -33.80
C ASP A 374 -5.24 3.30 -34.99
N GLY A 375 -6.46 3.77 -34.73
CA GLY A 375 -7.22 4.51 -35.73
C GLY A 375 -6.72 5.91 -35.96
N THR A 376 -5.81 6.40 -35.11
CA THR A 376 -5.16 7.69 -35.31
C THR A 376 -3.96 7.60 -36.24
N GLY A 377 -3.67 6.42 -36.79
CA GLY A 377 -2.52 6.28 -37.66
C GLY A 377 -1.23 6.27 -36.85
N ALA A 378 -0.18 6.84 -37.45
CA ALA A 378 1.11 6.91 -36.78
C ALA A 378 1.09 7.86 -35.58
N MET A 379 0.09 8.73 -35.49
CA MET A 379 0.01 9.68 -34.40
C MET A 379 -0.49 9.01 -33.13
N TYR A 380 0.19 9.29 -32.02
CA TYR A 380 -0.20 8.75 -30.72
C TYR A 380 -0.18 9.87 -29.69
N PHE A 381 -1.10 9.77 -28.73
CA PHE A 381 -1.24 10.79 -27.70
C PHE A 381 -0.07 10.71 -26.72
N VAL A 382 0.50 11.88 -26.41
CA VAL A 382 1.66 11.97 -25.53
C VAL A 382 1.31 12.56 -24.17
N GLY A 383 0.55 13.66 -24.18
CA GLY A 383 0.23 14.31 -22.91
C GLY A 383 -0.86 15.33 -23.06
N CYS A 384 -1.41 15.74 -21.92
CA CYS A 384 -2.48 16.73 -21.92
C CYS A 384 -2.41 17.55 -20.63
N GLY A 385 -2.97 18.74 -20.68
CA GLY A 385 -2.97 19.60 -19.51
C GLY A 385 -3.83 20.82 -19.71
N TYR A 386 -4.15 21.47 -18.60
CA TYR A 386 -4.85 22.73 -18.57
C TYR A 386 -4.23 23.62 -17.49
N ASN A 387 -4.54 24.90 -17.53
CA ASN A 387 -4.00 25.82 -16.53
C ASN A 387 -4.72 25.61 -15.20
N ALA A 388 -3.94 25.32 -14.16
CA ALA A 388 -4.50 25.04 -12.84
C ALA A 388 -3.41 25.27 -11.80
N PHE A 389 -3.83 25.34 -10.55
CA PHE A 389 -2.90 25.45 -9.45
C PHE A 389 -2.28 24.09 -9.15
N PRO A 390 -1.16 24.04 -8.41
CA PRO A 390 -0.46 22.77 -8.22
C PRO A 390 -1.36 21.71 -7.62
N VAL A 391 -1.13 20.46 -8.06
CA VAL A 391 -2.02 19.35 -7.72
C VAL A 391 -2.15 19.23 -6.20
N GLY A 392 -3.38 19.01 -5.75
CA GLY A 392 -3.67 18.90 -4.34
C GLY A 392 -3.92 20.21 -3.63
N SER A 393 -4.26 21.27 -4.36
CA SER A 393 -4.49 22.58 -3.78
C SER A 393 -5.98 22.84 -3.58
N GLU A 394 -6.32 23.43 -2.45
CA GLU A 394 -7.68 23.86 -2.19
C GLU A 394 -7.97 25.17 -2.92
N TYR A 395 -9.24 25.57 -2.90
CA TYR A 395 -9.65 26.79 -3.60
C TYR A 395 -8.97 28.02 -3.02
N ALA A 396 -8.87 28.09 -1.70
CA ALA A 396 -8.29 29.25 -1.03
C ALA A 396 -6.78 29.09 -0.77
N ASP A 397 -6.17 28.02 -1.28
CA ASP A 397 -4.74 27.81 -1.04
C ASP A 397 -3.89 28.91 -1.66
N PHE A 398 -4.23 29.32 -2.88
CA PHE A 398 -3.39 30.25 -3.61
C PHE A 398 -4.21 31.45 -4.07
N PRO A 399 -3.58 32.61 -4.25
CA PRO A 399 -4.30 33.76 -4.79
C PRO A 399 -4.85 33.48 -6.18
N HIS A 400 -6.06 33.97 -6.43
CA HIS A 400 -6.72 33.80 -7.72
C HIS A 400 -6.80 35.10 -8.50
N MET A 401 -6.21 36.17 -8.01
CA MET A 401 -6.36 37.49 -8.61
C MET A 401 -5.45 37.64 -9.83
N ASP A 402 -5.67 38.73 -10.56
CA ASP A 402 -4.93 39.09 -11.75
C ASP A 402 -4.22 40.42 -11.53
N ASP A 403 -3.70 40.99 -12.62
CA ASP A 403 -2.96 42.25 -12.53
C ASP A 403 -3.77 43.39 -11.94
N LYS A 404 -5.11 43.28 -11.97
CA LYS A 404 -5.94 44.30 -11.34
C LYS A 404 -5.64 44.43 -9.85
N GLN A 405 -5.30 43.33 -9.18
CA GLN A 405 -4.87 43.40 -7.79
C GLN A 405 -3.57 44.19 -7.69
N LYS A 406 -3.50 45.08 -6.70
CA LYS A 406 -2.35 45.97 -6.58
C LYS A 406 -1.08 45.19 -6.23
N ASP A 407 -1.16 44.31 -5.24
CA ASP A 407 0.02 43.60 -4.75
C ASP A 407 0.33 42.42 -5.68
N ARG A 408 1.54 42.41 -6.24
CA ARG A 408 1.95 41.32 -7.12
C ARG A 408 2.15 40.01 -6.35
N GLU A 409 2.41 40.09 -5.04
CA GLU A 409 2.61 38.88 -4.24
C GLU A 409 1.33 38.07 -4.10
N ILE A 410 0.16 38.67 -4.35
CA ILE A 410 -1.11 37.98 -4.19
C ILE A 410 -1.79 37.85 -5.55
N ARG A 411 -1.00 37.69 -6.60
CA ARG A 411 -1.52 37.41 -7.94
C ARG A 411 -1.31 35.94 -8.29
N LYS A 412 -2.18 35.43 -9.15
CA LYS A 412 -2.19 34.01 -9.48
C LYS A 412 -0.96 33.56 -10.27
N PHE A 413 -0.27 34.49 -10.92
CA PHE A 413 0.66 34.12 -12.00
C PHE A 413 1.82 33.27 -11.49
N ARG A 414 2.37 33.61 -10.33
CA ARG A 414 3.52 32.88 -9.81
C ARG A 414 3.14 31.52 -9.23
N TYR A 415 1.85 31.22 -9.11
CA TYR A 415 1.40 29.95 -8.54
C TYR A 415 0.59 29.10 -9.50
N ILE A 416 0.20 29.62 -10.65
CA ILE A 416 -0.63 28.89 -11.59
C ILE A 416 0.26 28.05 -12.51
N ILE A 417 -0.07 26.78 -12.65
CA ILE A 417 0.62 25.90 -13.59
C ILE A 417 -0.04 26.03 -14.95
N HIS A 418 0.75 26.37 -15.97
CA HIS A 418 0.19 26.59 -17.29
C HIS A 418 -0.19 25.27 -17.94
N ALA A 419 -0.99 25.38 -19.01
CA ALA A 419 -1.49 24.18 -19.69
C ALA A 419 -0.35 23.36 -20.28
N ALA A 420 0.61 24.02 -20.92
CA ALA A 420 1.74 23.29 -21.48
C ALA A 420 2.61 22.68 -20.39
N GLN A 421 2.77 23.39 -19.28
CA GLN A 421 3.54 22.83 -18.15
C GLN A 421 2.88 21.57 -17.62
N ASN A 422 1.56 21.58 -17.48
CA ASN A 422 0.85 20.39 -17.02
C ASN A 422 0.87 19.27 -18.06
N ALA A 423 0.81 19.62 -19.34
CA ALA A 423 0.88 18.61 -20.39
C ALA A 423 2.24 17.91 -20.39
N LEU A 424 3.31 18.68 -20.18
CA LEU A 424 4.64 18.08 -20.11
C LEU A 424 4.84 17.30 -18.83
N THR A 425 4.28 17.80 -17.72
CA THR A 425 4.48 17.15 -16.42
C THR A 425 3.84 15.77 -16.39
N PHE A 426 2.59 15.67 -16.84
CA PHE A 426 1.82 14.42 -16.75
C PHE A 426 1.72 13.71 -18.09
N ARG A 427 2.78 13.77 -18.88
CA ARG A 427 2.82 13.06 -20.16
C ARG A 427 2.87 11.55 -19.92
N CYS A 428 2.13 10.81 -20.74
CA CYS A 428 2.15 9.36 -20.68
C CYS A 428 3.21 8.74 -21.57
N GLN A 429 3.87 9.54 -22.40
CA GLN A 429 4.88 9.06 -23.33
C GLN A 429 6.09 9.99 -23.28
N GLU A 430 7.25 9.43 -23.59
CA GLU A 430 8.46 10.23 -23.69
C GLU A 430 8.55 10.90 -25.05
N ILE A 431 9.07 12.12 -25.09
CA ILE A 431 9.27 12.84 -26.33
C ILE A 431 10.47 12.25 -27.05
N LYS A 432 10.22 11.55 -28.14
CA LYS A 432 11.31 10.92 -28.89
C LYS A 432 11.96 11.95 -29.81
N PRO A 433 13.28 12.15 -29.72
CA PRO A 433 13.93 13.19 -30.53
C PRO A 433 13.77 12.98 -32.03
N GLU A 434 13.75 11.74 -32.51
CA GLU A 434 13.64 11.47 -33.93
C GLU A 434 12.23 11.59 -34.47
N GLU A 435 11.22 11.61 -33.60
CA GLU A 435 9.83 11.72 -34.01
C GLU A 435 9.40 13.17 -34.10
N ARG A 436 8.41 13.44 -34.95
CA ARG A 436 7.78 14.75 -35.01
C ARG A 436 6.77 14.87 -33.88
N SER A 437 6.97 15.84 -33.00
CA SER A 437 6.11 16.03 -31.85
C SER A 437 5.47 17.41 -31.92
N MET A 438 4.17 17.46 -31.64
CA MET A 438 3.36 18.65 -31.80
C MET A 438 2.63 18.95 -30.49
N ILE A 439 2.67 20.20 -30.06
CA ILE A 439 1.88 20.66 -28.92
C ILE A 439 0.85 21.66 -29.43
N PHE A 440 -0.42 21.41 -29.14
CA PHE A 440 -1.53 22.27 -29.51
C PHE A 440 -2.00 22.97 -28.25
N VAL A 441 -1.96 24.30 -28.27
CA VAL A 441 -2.33 25.09 -27.09
C VAL A 441 -3.30 26.18 -27.53
N THR A 442 -4.38 26.34 -26.76
CA THR A 442 -5.47 27.24 -27.15
C THR A 442 -5.08 28.71 -27.08
N LYS A 443 -4.01 29.03 -26.35
CA LYS A 443 -3.51 30.39 -26.25
C LYS A 443 -2.03 30.39 -26.60
N CYS A 444 -1.53 31.52 -27.10
CA CYS A 444 -0.13 31.63 -27.45
C CYS A 444 0.73 31.27 -26.23
N PRO A 445 1.73 30.41 -26.40
CA PRO A 445 2.57 30.04 -25.26
C PRO A 445 3.29 31.25 -24.67
N CYS A 446 3.38 31.28 -23.34
CA CYS A 446 3.99 32.40 -22.64
C CYS A 446 5.49 32.23 -22.58
N ASP A 447 6.16 33.22 -21.98
CA ASP A 447 7.63 33.26 -21.99
C ASP A 447 8.26 32.24 -21.05
N GLU A 448 7.51 31.70 -20.10
CA GLU A 448 8.02 30.61 -19.26
C GLU A 448 7.58 29.24 -19.75
N CYS A 449 6.77 29.17 -20.80
CA CYS A 449 6.38 27.90 -21.40
C CYS A 449 7.15 27.58 -22.66
N VAL A 450 7.49 28.59 -23.47
CA VAL A 450 8.24 28.36 -24.70
C VAL A 450 9.59 27.69 -24.44
N PRO A 451 10.41 28.15 -23.48
CA PRO A 451 11.65 27.42 -23.20
C PRO A 451 11.43 25.99 -22.76
N LEU A 452 10.35 25.72 -22.00
CA LEU A 452 10.07 24.34 -21.60
C LEU A 452 9.69 23.48 -22.80
N ILE A 453 8.89 24.03 -23.71
CA ILE A 453 8.52 23.29 -24.92
C ILE A 453 9.76 23.02 -25.76
N LYS A 454 10.63 24.02 -25.90
CA LYS A 454 11.85 23.84 -26.68
C LYS A 454 12.78 22.81 -26.05
N GLY A 455 12.95 22.87 -24.72
CA GLY A 455 13.82 21.93 -24.06
C GLY A 455 13.27 20.52 -24.01
N ALA A 456 11.94 20.37 -24.03
CA ALA A 456 11.33 19.05 -24.06
C ALA A 456 11.54 18.35 -25.39
N GLY A 457 11.97 19.06 -26.43
CA GLY A 457 12.16 18.47 -27.74
C GLY A 457 10.96 18.52 -28.65
N ILE A 458 9.90 19.25 -28.27
CA ILE A 458 8.71 19.33 -29.11
C ILE A 458 9.03 20.11 -30.37
N LYS A 459 8.72 19.52 -31.52
CA LYS A 459 9.16 20.08 -32.80
C LYS A 459 8.23 21.18 -33.29
N GLN A 460 6.93 21.06 -33.04
CA GLN A 460 5.95 21.97 -33.59
C GLN A 460 5.01 22.47 -32.50
N ILE A 461 4.67 23.75 -32.57
CA ILE A 461 3.68 24.37 -31.69
C ILE A 461 2.56 24.90 -32.55
N TYR A 462 1.35 24.37 -32.35
CA TYR A 462 0.14 24.88 -32.96
C TYR A 462 -0.59 25.70 -31.91
N ALA A 463 -0.90 26.95 -32.24
CA ALA A 463 -1.43 27.85 -31.22
C ALA A 463 -2.28 28.93 -31.86
N GLY A 464 -3.14 29.52 -31.04
CA GLY A 464 -3.76 30.79 -31.38
C GLY A 464 -2.91 31.93 -30.84
N ASP A 465 -2.74 32.95 -31.68
CA ASP A 465 -1.76 34.00 -31.39
C ASP A 465 -2.40 35.36 -31.22
N VAL A 466 -3.48 35.43 -30.45
CA VAL A 466 -4.09 36.73 -30.14
C VAL A 466 -3.17 37.54 -29.22
N ASP A 467 -2.56 36.89 -28.24
CA ASP A 467 -1.78 37.55 -27.20
C ASP A 467 -0.30 37.63 -27.52
N VAL A 468 0.13 37.21 -28.72
CA VAL A 468 1.54 37.26 -29.06
C VAL A 468 2.03 38.70 -29.03
N GLY A 469 3.16 38.93 -28.37
CA GLY A 469 3.72 40.25 -28.22
C GLY A 469 3.29 41.00 -26.98
N LYS A 470 2.32 40.47 -26.23
CA LYS A 470 1.87 41.14 -25.02
C LYS A 470 2.93 40.99 -23.92
N LYS A 471 3.12 42.07 -23.15
CA LYS A 471 4.12 42.11 -22.09
C LYS A 471 3.47 42.66 -20.83
N LYS A 472 2.95 41.76 -20.00
CA LYS A 472 2.42 42.12 -18.69
C LYS A 472 3.48 41.90 -17.62
N ALA A 473 3.19 42.38 -16.41
CA ALA A 473 4.19 42.38 -15.34
C ALA A 473 4.62 40.97 -14.97
N ASP A 474 3.67 40.04 -14.85
CA ASP A 474 3.97 38.69 -14.40
C ASP A 474 3.84 37.64 -15.49
N ILE A 475 3.53 38.03 -16.72
CA ILE A 475 3.42 37.10 -17.83
C ILE A 475 3.65 37.87 -19.13
N SER A 476 4.38 37.25 -20.05
CA SER A 476 4.73 37.89 -21.30
C SER A 476 4.67 36.86 -22.43
N TYR A 477 4.58 37.36 -23.65
CA TYR A 477 4.46 36.55 -24.85
C TYR A 477 5.43 37.04 -25.92
N MET A 478 6.67 37.30 -25.51
CA MET A 478 7.67 37.83 -26.43
C MET A 478 8.53 36.74 -27.07
N ARG A 479 8.70 35.60 -26.40
CA ARG A 479 9.61 34.57 -26.88
C ARG A 479 8.98 33.64 -27.91
N PHE A 480 7.66 33.67 -28.08
CA PHE A 480 7.04 32.83 -29.10
C PHE A 480 7.30 33.37 -30.51
N GLY A 481 7.21 34.69 -30.68
CA GLY A 481 7.43 35.27 -31.99
C GLY A 481 8.84 35.10 -32.51
N GLU A 482 9.82 35.12 -31.61
CA GLU A 482 11.23 35.01 -31.97
C GLU A 482 11.79 33.61 -31.73
N LEU A 483 10.93 32.63 -31.47
CA LEU A 483 11.40 31.29 -31.13
C LEU A 483 12.09 30.63 -32.31
N GLU A 484 13.28 30.09 -32.07
CA GLU A 484 14.07 29.42 -33.08
C GLU A 484 14.16 27.93 -32.79
N GLY A 485 14.20 27.13 -33.84
CA GLY A 485 14.36 25.70 -33.73
C GLY A 485 13.08 24.93 -33.55
N VAL A 486 11.96 25.60 -33.35
CA VAL A 486 10.65 24.97 -33.23
C VAL A 486 9.72 25.58 -34.28
N SER A 487 9.13 24.73 -35.10
CA SER A 487 8.16 25.19 -36.09
C SER A 487 6.90 25.68 -35.36
N LYS A 488 6.37 26.81 -35.82
CA LYS A 488 5.17 27.40 -35.24
C LYS A 488 4.08 27.50 -36.29
N PHE A 489 2.88 27.06 -35.94
CA PHE A 489 1.71 27.14 -36.81
C PHE A 489 0.60 27.83 -36.03
N THR A 490 0.03 28.87 -36.63
CA THR A 490 -1.02 29.65 -36.02
C THR A 490 -2.27 29.60 -36.88
N TRP A 491 -3.41 29.86 -36.24
CA TRP A 491 -4.67 30.00 -36.97
C TRP A 491 -4.58 31.21 -37.87
N GLN A 492 -4.87 31.02 -39.15
CA GLN A 492 -4.51 32.00 -40.16
C GLN A 492 -5.13 31.60 -41.49
N LEU A 493 -5.34 32.59 -42.34
CA LEU A 493 -5.64 32.31 -43.74
C LEU A 493 -4.43 31.65 -44.38
N ASN A 494 -4.69 30.74 -45.32
CA ASN A 494 -3.61 30.06 -46.01
C ASN A 494 -2.78 31.08 -46.79
N PRO A 495 -1.48 31.20 -46.51
CA PRO A 495 -0.67 32.19 -47.26
C PRO A 495 -0.58 31.90 -48.74
N SER A 496 -0.80 30.66 -49.16
CA SER A 496 -0.75 30.31 -50.58
C SER A 496 -2.06 30.69 -51.27
N ILE B 50 -9.47 -32.06 -16.85
CA ILE B 50 -8.07 -32.33 -17.15
C ILE B 50 -7.18 -31.78 -16.02
N PRO B 51 -6.10 -32.49 -15.72
CA PRO B 51 -5.16 -31.99 -14.71
C PRO B 51 -4.47 -30.73 -15.16
N ARG B 52 -4.13 -29.88 -14.19
CA ARG B 52 -3.50 -28.59 -14.47
C ARG B 52 -2.11 -28.57 -13.85
N LEU B 53 -1.13 -28.17 -14.65
CA LEU B 53 0.22 -27.98 -14.15
C LEU B 53 0.26 -26.80 -13.19
N SER B 54 1.00 -26.96 -12.09
CA SER B 54 1.11 -25.90 -11.10
C SER B 54 1.97 -24.76 -11.64
N LYS B 55 1.73 -23.56 -11.09
CA LYS B 55 2.54 -22.40 -11.47
C LYS B 55 4.01 -22.62 -11.13
N VAL B 56 4.29 -23.11 -9.93
CA VAL B 56 5.67 -23.30 -9.50
C VAL B 56 6.33 -24.42 -10.28
N ASN B 57 5.59 -25.49 -10.59
CA ASN B 57 6.14 -26.55 -11.43
C ASN B 57 6.33 -26.08 -12.87
N LEU B 58 5.44 -25.24 -13.37
CA LEU B 58 5.65 -24.61 -14.68
C LEU B 58 6.94 -23.81 -14.70
N PHE B 59 7.18 -23.01 -13.66
CA PHE B 59 8.39 -22.19 -13.62
C PHE B 59 9.63 -23.06 -13.48
N THR B 60 9.57 -24.12 -12.68
CA THR B 60 10.71 -25.03 -12.56
C THR B 60 11.02 -25.71 -13.89
N LEU B 61 9.99 -26.20 -14.57
CA LEU B 61 10.17 -26.83 -15.87
C LEU B 61 10.72 -25.84 -16.88
N LEU B 62 10.25 -24.59 -16.83
CA LEU B 62 10.71 -23.58 -17.78
C LEU B 62 12.17 -23.20 -17.51
N SER B 63 12.58 -23.16 -16.25
CA SER B 63 13.99 -22.91 -15.95
C SER B 63 14.87 -24.05 -16.43
N LEU B 64 14.43 -25.29 -16.20
CA LEU B 64 15.18 -26.44 -16.71
C LEU B 64 15.27 -26.42 -18.23
N TRP B 65 14.17 -26.06 -18.90
CA TRP B 65 14.17 -25.98 -20.35
C TRP B 65 15.01 -24.81 -20.86
N MET B 66 15.01 -23.69 -20.13
CA MET B 66 15.85 -22.56 -20.49
C MET B 66 17.33 -22.92 -20.40
N GLU B 67 17.69 -23.78 -19.46
CA GLU B 67 19.06 -24.28 -19.43
C GLU B 67 19.42 -25.03 -20.72
N LEU B 68 18.42 -25.52 -21.45
CA LEU B 68 18.63 -26.24 -22.70
C LEU B 68 18.53 -25.35 -23.93
N PHE B 69 18.45 -24.03 -23.76
CA PHE B 69 18.35 -23.14 -24.90
C PHE B 69 19.58 -23.29 -25.79
N PRO B 70 19.40 -23.46 -27.11
CA PRO B 70 20.54 -23.72 -27.99
C PRO B 70 21.44 -22.49 -28.09
N ALA B 71 22.73 -22.70 -27.86
CA ALA B 71 23.71 -21.62 -27.90
C ALA B 71 24.16 -21.34 -29.33
N VAL B 105 31.78 -24.79 -13.49
CA VAL B 105 30.61 -23.93 -13.66
C VAL B 105 29.70 -24.51 -14.74
N LYS B 106 28.49 -24.90 -14.33
CA LYS B 106 27.53 -25.51 -15.23
C LYS B 106 26.51 -24.49 -15.72
N ARG B 107 25.95 -24.77 -16.90
CA ARG B 107 24.95 -23.89 -17.48
C ARG B 107 23.70 -23.87 -16.62
N THR B 108 23.05 -22.70 -16.53
CA THR B 108 21.90 -22.52 -15.67
C THR B 108 20.80 -21.78 -16.43
N GLY B 109 19.58 -22.31 -16.37
CA GLY B 109 18.42 -21.59 -16.85
C GLY B 109 17.75 -20.83 -15.71
N LEU B 110 17.07 -19.75 -16.07
CA LEU B 110 16.48 -18.87 -15.08
C LEU B 110 15.15 -18.32 -15.58
N VAL B 111 14.14 -18.36 -14.72
CA VAL B 111 12.83 -17.79 -14.98
C VAL B 111 12.58 -16.70 -13.95
N VAL B 112 12.40 -15.47 -14.41
CA VAL B 112 12.07 -14.34 -13.56
C VAL B 112 10.58 -14.10 -13.66
N VAL B 113 9.90 -14.14 -12.53
CA VAL B 113 8.44 -14.03 -12.44
C VAL B 113 8.10 -12.87 -11.52
N LYS B 114 7.19 -12.00 -11.97
CA LYS B 114 6.72 -10.89 -11.17
C LYS B 114 5.20 -10.89 -11.17
N ASN B 115 4.61 -10.86 -9.96
CA ASN B 115 3.15 -10.94 -9.79
C ASN B 115 2.58 -12.15 -10.51
N MET B 116 3.26 -13.29 -10.35
CA MET B 116 2.86 -14.57 -10.93
C MET B 116 2.86 -14.54 -12.46
N LYS B 117 3.52 -13.55 -13.06
CA LYS B 117 3.69 -13.47 -14.50
C LYS B 117 5.17 -13.55 -14.84
N ILE B 118 5.48 -14.28 -15.90
CA ILE B 118 6.88 -14.42 -16.33
C ILE B 118 7.33 -13.11 -16.97
N VAL B 119 8.41 -12.54 -16.44
CA VAL B 119 8.99 -11.31 -16.98
C VAL B 119 10.40 -11.53 -17.50
N GLY B 120 10.95 -12.73 -17.37
CA GLY B 120 12.26 -13.00 -17.93
C GLY B 120 12.59 -14.45 -18.13
N LEU B 121 13.18 -14.79 -19.29
CA LEU B 121 13.72 -16.12 -19.54
C LEU B 121 15.18 -15.96 -19.93
N HIS B 122 16.07 -16.55 -19.13
CA HIS B 122 17.50 -16.33 -19.30
C HIS B 122 18.25 -17.63 -19.22
N CYS B 123 19.42 -17.66 -19.87
CA CYS B 123 20.32 -18.79 -19.79
C CYS B 123 21.74 -18.27 -19.60
N SER B 124 22.55 -19.04 -18.89
CA SER B 124 23.96 -18.68 -18.72
C SER B 124 24.68 -18.70 -20.05
N SER B 125 25.45 -17.66 -20.32
CA SER B 125 26.29 -17.61 -21.50
C SER B 125 27.69 -18.12 -21.12
N GLU B 126 28.64 -18.02 -22.05
CA GLU B 126 30.00 -18.43 -21.74
C GLU B 126 30.67 -17.47 -20.78
N ASP B 127 30.25 -16.21 -20.77
CA ASP B 127 30.86 -15.19 -19.92
C ASP B 127 30.14 -15.02 -18.59
N LEU B 128 28.80 -14.99 -18.61
CA LEU B 128 28.01 -14.59 -17.45
C LEU B 128 27.04 -15.69 -17.06
N HIS B 129 26.88 -15.88 -15.75
CA HIS B 129 25.87 -16.77 -15.22
C HIS B 129 24.47 -16.18 -15.40
N ALA B 130 23.47 -17.04 -15.24
CA ALA B 130 22.09 -16.62 -15.42
C ALA B 130 21.71 -15.51 -14.44
N GLY B 131 22.19 -15.59 -13.20
CA GLY B 131 21.86 -14.56 -12.23
C GLY B 131 22.48 -13.21 -12.58
N GLN B 132 23.72 -13.21 -13.03
CA GLN B 132 24.35 -11.97 -13.48
C GLN B 132 23.63 -11.39 -14.68
N ILE B 133 23.20 -12.24 -15.61
CA ILE B 133 22.47 -11.78 -16.78
C ILE B 133 21.13 -11.18 -16.35
N ALA B 134 20.45 -11.81 -15.40
CA ALA B 134 19.19 -11.26 -14.90
C ALA B 134 19.41 -9.91 -14.24
N LEU B 135 20.49 -9.78 -13.47
CA LEU B 135 20.82 -8.49 -12.89
C LEU B 135 21.02 -7.43 -13.98
N ILE B 136 21.84 -7.75 -14.99
CA ILE B 136 22.09 -6.77 -16.05
C ILE B 136 20.80 -6.40 -16.76
N LYS B 137 19.93 -7.37 -17.01
CA LYS B 137 18.72 -7.13 -17.79
C LYS B 137 17.65 -6.37 -17.01
N HIS B 138 17.57 -6.58 -15.69
CA HIS B 138 16.45 -6.05 -14.93
C HIS B 138 16.81 -4.93 -13.96
N GLY B 139 18.02 -4.91 -13.41
CA GLY B 139 18.35 -3.88 -12.43
C GLY B 139 17.58 -4.08 -11.14
N SER B 140 17.01 -3.00 -10.63
CA SER B 140 16.20 -3.05 -9.42
C SER B 140 14.77 -3.48 -9.69
N ARG B 141 14.41 -3.74 -10.95
CA ARG B 141 13.11 -4.32 -11.26
C ARG B 141 12.99 -5.76 -10.77
N LEU B 142 14.09 -6.38 -10.34
CA LEU B 142 14.05 -7.67 -9.68
C LEU B 142 13.45 -7.59 -8.28
N LYS B 143 13.15 -6.39 -7.79
CA LYS B 143 12.55 -6.23 -6.47
C LYS B 143 11.24 -6.98 -6.39
N ASN B 144 11.07 -7.76 -5.32
CA ASN B 144 9.87 -8.56 -5.07
C ASN B 144 9.58 -9.54 -6.20
N CYS B 145 10.62 -10.00 -6.88
CA CYS B 145 10.49 -10.97 -7.95
C CYS B 145 10.82 -12.37 -7.45
N ASP B 146 10.24 -13.37 -8.11
CA ASP B 146 10.56 -14.76 -7.85
C ASP B 146 11.46 -15.27 -8.95
N LEU B 147 12.63 -15.80 -8.56
CA LEU B 147 13.59 -16.33 -9.50
C LEU B 147 13.59 -17.85 -9.38
N TYR B 148 13.56 -18.53 -10.53
CA TYR B 148 13.56 -19.98 -10.59
C TYR B 148 14.80 -20.40 -11.35
N PHE B 149 15.73 -21.03 -10.65
CA PHE B 149 17.03 -21.41 -11.19
C PHE B 149 17.06 -22.90 -11.48
N SER B 150 17.66 -23.27 -12.61
CA SER B 150 17.86 -24.69 -12.90
C SER B 150 18.95 -25.30 -12.03
N ARG B 151 19.85 -24.47 -11.48
CA ARG B 151 20.86 -24.90 -10.53
C ARG B 151 20.97 -23.84 -9.46
N LYS B 152 21.39 -24.24 -8.26
CA LYS B 152 21.53 -23.29 -7.17
C LYS B 152 22.59 -22.25 -7.53
N PRO B 153 22.26 -20.97 -7.50
CA PRO B 153 23.22 -19.94 -7.93
C PRO B 153 24.42 -19.86 -6.99
N CYS B 154 25.54 -19.40 -7.54
CA CYS B 154 26.75 -19.19 -6.77
C CYS B 154 26.59 -18.00 -5.83
N SER B 155 27.56 -17.84 -4.93
CA SER B 155 27.52 -16.76 -3.97
C SER B 155 27.58 -15.39 -4.66
N ALA B 156 28.39 -15.29 -5.72
CA ALA B 156 28.47 -14.03 -6.44
C ALA B 156 27.14 -13.66 -7.08
N CYS B 157 26.45 -14.64 -7.65
CA CYS B 157 25.12 -14.39 -8.19
C CYS B 157 24.11 -14.13 -7.09
N LEU B 158 24.18 -14.89 -5.99
CA LEU B 158 23.18 -14.78 -4.94
C LEU B 158 23.25 -13.42 -4.24
N LYS B 159 24.45 -12.91 -3.99
CA LYS B 159 24.56 -11.63 -3.29
C LYS B 159 24.00 -10.50 -4.15
N MET B 160 24.24 -10.54 -5.46
CA MET B 160 23.72 -9.49 -6.33
C MET B 160 22.20 -9.62 -6.49
N ILE B 161 21.69 -10.86 -6.55
CA ILE B 161 20.26 -11.07 -6.66
C ILE B 161 19.55 -10.59 -5.40
N VAL B 162 20.11 -10.90 -4.23
CA VAL B 162 19.52 -10.47 -2.96
C VAL B 162 19.61 -8.95 -2.82
N ASN B 163 20.75 -8.37 -3.23
CA ASN B 163 20.90 -6.92 -3.18
C ASN B 163 19.85 -6.22 -4.04
N ALA B 164 19.44 -6.85 -5.13
CA ALA B 164 18.41 -6.29 -5.99
C ALA B 164 17.02 -6.36 -5.37
N GLY B 165 16.86 -7.08 -4.27
CA GLY B 165 15.60 -7.08 -3.55
C GLY B 165 14.59 -8.12 -3.98
N VAL B 166 15.03 -9.24 -4.53
CA VAL B 166 14.09 -10.27 -4.96
C VAL B 166 13.39 -10.88 -3.75
N ASN B 167 12.21 -11.44 -3.99
CA ASN B 167 11.44 -12.04 -2.91
C ASN B 167 11.90 -13.46 -2.60
N ARG B 168 12.04 -14.30 -3.62
CA ARG B 168 12.15 -15.74 -3.41
C ARG B 168 12.96 -16.37 -4.54
N ILE B 169 14.03 -17.08 -4.16
CA ILE B 169 14.86 -17.83 -5.10
C ILE B 169 14.55 -19.31 -4.90
N SER B 170 13.90 -19.93 -5.88
CA SER B 170 13.69 -21.37 -5.92
C SER B 170 14.72 -21.98 -6.85
N TYR B 171 15.24 -23.14 -6.48
CA TYR B 171 16.24 -23.78 -7.31
C TYR B 171 15.98 -25.29 -7.42
N TRP B 172 16.44 -25.84 -8.53
CA TRP B 172 16.38 -27.28 -8.77
C TRP B 172 17.50 -27.96 -7.98
N PRO B 173 17.19 -28.91 -7.09
CA PRO B 173 18.21 -29.41 -6.15
C PRO B 173 19.12 -30.47 -6.73
N ALA B 174 19.61 -30.24 -7.95
CA ALA B 174 20.67 -31.03 -8.56
C ALA B 174 22.01 -30.37 -8.26
N ASP B 175 23.05 -30.77 -8.99
CA ASP B 175 24.34 -30.13 -8.86
C ASP B 175 24.21 -28.63 -9.09
N PRO B 176 24.69 -27.79 -8.16
CA PRO B 176 24.50 -26.34 -8.30
C PRO B 176 25.35 -25.72 -9.39
N GLU B 177 25.31 -24.39 -9.49
CA GLU B 177 26.04 -23.67 -10.52
C GLU B 177 27.53 -23.96 -10.46
N ILE B 178 28.12 -23.84 -9.27
CA ILE B 178 29.50 -24.28 -9.05
C ILE B 178 29.45 -25.78 -8.78
N SER B 179 29.93 -26.57 -9.74
CA SER B 179 29.74 -28.01 -9.69
C SER B 179 30.40 -28.62 -8.47
N LEU B 180 29.63 -29.42 -7.73
CA LEU B 180 30.15 -30.20 -6.62
C LEU B 180 30.60 -31.59 -7.04
N LEU B 181 30.43 -31.93 -8.33
CA LEU B 181 30.86 -33.21 -8.87
C LEU B 181 32.14 -33.10 -9.68
N THR B 182 32.86 -31.98 -9.58
CA THR B 182 34.07 -31.76 -10.35
C THR B 182 35.20 -32.69 -9.89
N SER B 187 36.74 -28.51 -5.93
CA SER B 187 36.08 -29.22 -4.85
C SER B 187 35.96 -28.34 -3.61
N GLU B 188 37.11 -27.95 -3.07
CA GLU B 188 37.12 -27.07 -1.90
C GLU B 188 36.50 -25.72 -2.23
N ASP B 189 36.80 -25.17 -3.41
CA ASP B 189 36.23 -23.89 -3.81
C ASP B 189 34.71 -23.98 -3.94
N ALA B 190 34.22 -25.07 -4.52
CA ALA B 190 32.77 -25.25 -4.65
C ALA B 190 32.09 -25.38 -3.30
N LYS B 191 32.71 -26.13 -2.38
CA LYS B 191 32.14 -26.26 -1.04
C LYS B 191 32.13 -24.94 -0.31
N LEU B 192 33.20 -24.15 -0.44
CA LEU B 192 33.25 -22.84 0.19
C LEU B 192 32.21 -21.91 -0.43
N ASP B 193 31.99 -22.01 -1.74
CA ASP B 193 30.94 -21.22 -2.38
C ASP B 193 29.57 -21.61 -1.85
N ALA B 194 29.33 -22.91 -1.64
CA ALA B 194 28.06 -23.34 -1.08
C ALA B 194 27.88 -22.83 0.35
N LYS B 195 28.94 -22.85 1.14
CA LYS B 195 28.87 -22.30 2.50
C LYS B 195 28.55 -20.82 2.47
N ALA B 196 29.19 -20.07 1.56
CA ALA B 196 28.89 -18.64 1.43
C ALA B 196 27.45 -18.41 0.97
N VAL B 197 26.95 -19.27 0.08
CA VAL B 197 25.55 -19.18 -0.34
C VAL B 197 24.62 -19.36 0.85
N GLU B 198 24.90 -20.37 1.68
CA GLU B 198 24.06 -20.60 2.85
C GLU B 198 24.14 -19.45 3.84
N ARG B 199 25.33 -18.87 4.04
CA ARG B 199 25.45 -17.71 4.91
C ARG B 199 24.66 -16.52 4.36
N LEU B 200 24.72 -16.30 3.04
CA LEU B 200 23.92 -15.24 2.43
C LEU B 200 22.44 -15.49 2.64
N LYS B 201 22.00 -16.74 2.49
CA LYS B 201 20.60 -17.07 2.68
C LYS B 201 20.16 -16.82 4.13
N SER B 202 21.01 -17.15 5.09
CA SER B 202 20.64 -17.01 6.49
C SER B 202 20.47 -15.55 6.90
N ASN B 203 21.23 -14.63 6.30
CA ASN B 203 21.25 -13.24 6.70
C ASN B 203 20.59 -12.32 5.68
N SER B 204 19.61 -12.84 4.94
CA SER B 204 18.90 -12.05 3.94
C SER B 204 17.40 -12.28 4.07
N ARG B 205 16.63 -11.26 3.68
CA ARG B 205 15.18 -11.40 3.68
C ARG B 205 14.66 -12.22 2.51
N ALA B 206 15.49 -12.42 1.49
CA ALA B 206 15.11 -13.30 0.39
C ALA B 206 15.10 -14.75 0.86
N HIS B 207 14.10 -15.50 0.40
CA HIS B 207 13.91 -16.88 0.80
C HIS B 207 14.46 -17.80 -0.29
N VAL B 208 15.50 -18.56 0.04
CA VAL B 208 16.12 -19.51 -0.87
C VAL B 208 15.58 -20.90 -0.54
N CYS B 209 14.97 -21.54 -1.52
CA CYS B 209 14.21 -22.75 -1.26
C CYS B 209 14.16 -23.64 -2.50
N VAL B 210 13.68 -24.86 -2.29
CA VAL B 210 13.32 -25.79 -3.34
C VAL B 210 11.80 -25.86 -3.36
N LEU B 211 11.20 -25.37 -4.44
CA LEU B 211 9.75 -25.19 -4.49
C LEU B 211 9.04 -26.19 -5.38
N LEU B 212 9.75 -27.13 -5.99
CA LEU B 212 9.10 -28.09 -6.87
C LEU B 212 8.12 -28.96 -6.09
N GLN B 213 6.94 -29.15 -6.65
CA GLN B 213 5.86 -29.90 -6.03
C GLN B 213 5.65 -31.23 -6.73
N PRO B 214 5.10 -32.22 -6.03
CA PRO B 214 4.68 -33.44 -6.72
C PRO B 214 3.57 -33.15 -7.73
N LEU B 215 3.64 -33.83 -8.86
CA LEU B 215 2.55 -33.74 -9.83
C LEU B 215 1.39 -34.61 -9.39
N VAL B 216 0.20 -34.30 -9.92
CA VAL B 216 -0.95 -35.16 -9.66
C VAL B 216 -0.73 -36.52 -10.32
N CYS B 217 -1.52 -37.50 -9.89
CA CYS B 217 -1.31 -38.88 -10.33
C CYS B 217 -1.46 -39.03 -11.83
N TYR B 218 -2.34 -38.25 -12.45
CA TYR B 218 -2.66 -38.38 -13.87
C TYR B 218 -1.91 -37.37 -14.73
N MET B 219 -1.10 -36.49 -14.15
CA MET B 219 -0.51 -35.40 -14.92
C MET B 219 0.40 -35.91 -16.02
N VAL B 220 1.26 -36.89 -15.71
CA VAL B 220 2.22 -37.36 -16.71
C VAL B 220 1.50 -38.12 -17.82
N GLN B 221 0.53 -38.97 -17.45
CA GLN B 221 -0.22 -39.70 -18.47
C GLN B 221 -1.00 -38.75 -19.36
N PHE B 222 -1.63 -37.72 -18.77
CA PHE B 222 -2.35 -36.74 -19.56
C PHE B 222 -1.42 -35.97 -20.48
N VAL B 223 -0.24 -35.60 -19.98
CA VAL B 223 0.73 -34.89 -20.81
C VAL B 223 1.17 -35.76 -21.98
N GLU B 224 1.42 -37.05 -21.74
CA GLU B 224 1.78 -37.95 -22.83
C GLU B 224 0.65 -38.08 -23.85
N GLU B 225 -0.59 -38.22 -23.37
CA GLU B 225 -1.73 -38.37 -24.27
C GLU B 225 -1.90 -37.13 -25.15
N THR B 226 -1.78 -35.95 -24.56
CA THR B 226 -1.91 -34.72 -25.34
C THR B 226 -0.69 -34.47 -26.22
N SER B 227 0.48 -34.96 -25.82
CA SER B 227 1.69 -34.77 -26.63
C SER B 227 1.65 -35.63 -27.88
N TYR B 228 1.15 -36.87 -27.77
CA TYR B 228 1.02 -37.68 -28.97
C TYR B 228 -0.03 -37.10 -29.93
N LYS B 229 -1.01 -36.38 -29.40
CA LYS B 229 -2.13 -35.90 -30.19
C LYS B 229 -2.01 -34.44 -30.58
N CYS B 230 -0.85 -33.82 -30.37
CA CYS B 230 -0.68 -32.41 -30.67
C CYS B 230 -0.50 -32.18 -32.17
N ASP B 231 -0.52 -30.90 -32.56
CA ASP B 231 -0.48 -30.54 -33.97
C ASP B 231 0.77 -31.06 -34.65
N PHE B 232 1.92 -30.95 -33.99
CA PHE B 232 3.20 -31.28 -34.63
C PHE B 232 3.37 -32.79 -34.77
N ILE B 233 3.08 -33.55 -33.70
CA ILE B 233 3.18 -35.00 -33.78
C ILE B 233 2.16 -35.56 -34.76
N GLN B 234 0.94 -35.01 -34.76
CA GLN B 234 -0.07 -35.44 -35.72
C GLN B 234 0.34 -35.12 -37.15
N LYS B 235 0.96 -33.95 -37.36
CA LYS B 235 1.41 -33.58 -38.70
C LYS B 235 2.51 -34.50 -39.19
N ILE B 236 3.45 -34.87 -38.31
CA ILE B 236 4.46 -35.86 -38.70
C ILE B 236 3.82 -37.20 -39.00
N THR B 237 2.85 -37.61 -38.18
CA THR B 237 2.17 -38.89 -38.39
C THR B 237 1.42 -38.90 -39.71
N LYS B 238 0.76 -37.79 -40.05
CA LYS B 238 0.02 -37.69 -41.30
C LYS B 238 0.93 -37.59 -42.51
N THR B 239 2.25 -37.59 -42.32
CA THR B 239 3.18 -37.47 -43.44
C THR B 239 4.15 -38.64 -43.48
N PHE B 247 7.51 -43.27 -33.80
CA PHE B 247 8.61 -42.31 -33.88
C PHE B 247 8.63 -41.43 -32.63
N TYR B 248 7.44 -41.10 -32.13
CA TYR B 248 7.34 -40.18 -31.00
C TYR B 248 7.84 -40.81 -29.71
N TYR B 249 7.53 -42.09 -29.48
CA TYR B 249 7.94 -42.73 -28.24
C TYR B 249 9.44 -43.00 -28.20
N GLU B 250 10.05 -43.27 -29.36
CA GLU B 250 11.50 -43.46 -29.38
C GLU B 250 12.23 -42.15 -29.08
N CYS B 251 11.79 -41.05 -29.68
CA CYS B 251 12.35 -39.75 -29.34
C CYS B 251 12.07 -39.40 -27.88
N LYS B 252 10.91 -39.83 -27.37
CA LYS B 252 10.60 -39.62 -25.96
C LYS B 252 11.60 -40.35 -25.07
N GLN B 253 11.94 -41.60 -25.42
CA GLN B 253 12.94 -42.34 -24.65
C GLN B 253 14.30 -41.67 -24.73
N GLU B 254 14.67 -41.19 -25.92
CA GLU B 254 15.96 -40.49 -26.06
C GLU B 254 16.01 -39.25 -25.19
N ARG B 255 14.94 -38.44 -25.20
CA ARG B 255 14.90 -37.26 -24.36
C ARG B 255 14.89 -37.62 -22.87
N ILE B 256 14.20 -38.70 -22.52
CA ILE B 256 14.21 -39.16 -21.13
C ILE B 256 15.63 -39.45 -20.68
N LYS B 257 16.37 -40.23 -21.48
CA LYS B 257 17.74 -40.56 -21.12
C LYS B 257 18.61 -39.31 -21.02
N GLU B 258 18.54 -38.43 -22.03
CA GLU B 258 19.39 -37.25 -22.04
C GLU B 258 19.09 -36.31 -20.88
N TYR B 259 17.80 -36.07 -20.61
CA TYR B 259 17.44 -35.13 -19.56
C TYR B 259 17.62 -35.72 -18.17
N GLU B 260 17.49 -37.03 -18.02
CA GLU B 260 17.84 -37.66 -16.75
C GLU B 260 19.35 -37.59 -16.50
N MET B 261 20.15 -37.71 -17.55
CA MET B 261 21.59 -37.50 -17.40
C MET B 261 21.89 -36.06 -17.00
N LEU B 262 21.23 -35.10 -17.65
CA LEU B 262 21.60 -33.69 -17.45
C LEU B 262 21.07 -33.13 -16.12
N PHE B 263 19.86 -33.51 -15.72
CA PHE B 263 19.19 -32.84 -14.62
C PHE B 263 19.10 -33.67 -13.34
N LEU B 264 19.38 -34.96 -13.39
CA LEU B 264 19.24 -35.82 -12.22
C LEU B 264 20.61 -36.39 -11.82
N VAL B 265 20.73 -36.68 -10.53
CA VAL B 265 21.91 -37.33 -9.98
C VAL B 265 21.52 -38.78 -9.71
N SER B 266 21.92 -39.67 -10.61
CA SER B 266 21.50 -41.07 -10.49
C SER B 266 22.02 -41.71 -9.21
N ASN B 267 23.26 -41.42 -8.85
CA ASN B 267 23.83 -41.97 -7.63
C ASN B 267 23.18 -41.32 -6.41
N GLU B 268 22.56 -42.14 -5.57
CA GLU B 268 21.88 -41.62 -4.38
C GLU B 268 22.88 -41.01 -3.40
N GLU B 269 24.06 -41.62 -3.26
CA GLU B 269 25.06 -41.10 -2.33
C GLU B 269 25.59 -39.74 -2.80
N MET B 270 25.85 -39.60 -4.10
CA MET B 270 26.29 -38.32 -4.62
C MET B 270 25.23 -37.24 -4.44
N HIS B 271 23.96 -37.60 -4.66
CA HIS B 271 22.88 -36.64 -4.45
C HIS B 271 22.77 -36.25 -2.98
N LYS B 272 22.94 -37.22 -2.07
CA LYS B 272 22.93 -36.90 -0.65
C LYS B 272 24.07 -35.97 -0.29
N GLN B 273 25.25 -36.21 -0.86
CA GLN B 273 26.39 -35.32 -0.64
C GLN B 273 26.08 -33.90 -1.12
N ILE B 274 25.49 -33.79 -2.31
CA ILE B 274 25.13 -32.47 -2.84
C ILE B 274 24.12 -31.78 -1.94
N LEU B 275 23.10 -32.51 -1.50
CA LEU B 275 22.06 -31.91 -0.66
C LEU B 275 22.63 -31.46 0.68
N MET B 276 23.53 -32.25 1.26
CA MET B 276 24.19 -31.85 2.50
C MET B 276 25.03 -30.60 2.28
N THR B 277 25.75 -30.53 1.16
CA THR B 277 26.60 -29.38 0.89
C THR B 277 25.77 -28.10 0.70
N ILE B 278 24.63 -28.20 0.04
CA ILE B 278 23.83 -27.02 -0.31
C ILE B 278 22.77 -26.78 0.77
N GLY B 279 22.95 -27.37 1.93
CA GLY B 279 22.07 -27.12 3.06
C GLY B 279 20.65 -27.64 2.91
N LEU B 280 20.49 -28.84 2.36
CA LEU B 280 19.19 -29.49 2.27
C LEU B 280 19.18 -30.78 3.08
N GLU B 281 19.71 -30.70 4.31
CA GLU B 281 19.76 -31.87 5.19
C GLU B 281 18.37 -32.37 5.57
N ASN B 282 17.36 -31.50 5.53
CA ASN B 282 16.00 -31.92 5.81
C ASN B 282 15.45 -32.89 4.77
N LEU B 283 16.10 -33.02 3.61
CA LEU B 283 15.65 -33.90 2.55
C LEU B 283 16.68 -35.00 2.23
N CYS B 284 17.57 -35.30 3.17
CA CYS B 284 18.62 -36.29 2.94
C CYS B 284 18.28 -37.68 3.46
N GLU B 285 17.18 -37.83 4.17
CA GLU B 285 16.75 -39.13 4.67
C GLU B 285 15.32 -39.43 4.27
N ASN B 286 15.01 -40.71 4.17
CA ASN B 286 13.71 -41.15 3.66
C ASN B 286 12.62 -40.81 4.67
N PRO B 287 11.37 -40.63 4.20
CA PRO B 287 10.92 -40.73 2.80
C PRO B 287 11.12 -39.43 2.01
N TYR B 288 11.61 -38.38 2.67
CA TYR B 288 11.76 -37.08 2.01
C TYR B 288 12.81 -37.12 0.90
N PHE B 289 13.90 -37.86 1.10
CA PHE B 289 14.90 -38.00 0.06
C PHE B 289 14.32 -38.71 -1.17
N SER B 290 13.65 -39.85 -0.95
CA SER B 290 13.03 -40.58 -2.04
C SER B 290 11.89 -39.80 -2.66
N ASN B 291 11.10 -39.08 -1.86
CA ASN B 291 10.02 -38.27 -2.40
C ASN B 291 10.57 -37.17 -3.30
N LEU B 292 11.64 -36.50 -2.87
CA LEU B 292 12.25 -35.45 -3.68
C LEU B 292 12.80 -36.03 -4.98
N ARG B 293 13.49 -37.17 -4.91
CA ARG B 293 14.05 -37.76 -6.12
C ARG B 293 12.95 -38.21 -7.07
N GLN B 294 11.86 -38.77 -6.55
CA GLN B 294 10.75 -39.19 -7.40
C GLN B 294 10.06 -37.99 -8.04
N ASN B 295 9.89 -36.91 -7.28
CA ASN B 295 9.30 -35.69 -7.85
C ASN B 295 10.17 -35.12 -8.96
N MET B 296 11.48 -35.10 -8.74
CA MET B 296 12.40 -34.64 -9.78
C MET B 296 12.32 -35.53 -11.02
N LYS B 297 12.27 -36.84 -10.82
CA LYS B 297 12.15 -37.77 -11.95
C LYS B 297 10.84 -37.55 -12.70
N ASP B 298 9.74 -37.33 -11.98
CA ASP B 298 8.46 -37.09 -12.64
C ASP B 298 8.48 -35.81 -13.45
N LEU B 299 9.06 -34.74 -12.90
CA LEU B 299 9.15 -33.49 -13.65
C LEU B 299 10.07 -33.64 -14.86
N ILE B 300 11.15 -34.39 -14.74
CA ILE B 300 12.03 -34.62 -15.88
C ILE B 300 11.30 -35.45 -16.95
N LEU B 301 10.49 -36.41 -16.54
CA LEU B 301 9.69 -37.18 -17.48
C LEU B 301 8.71 -36.28 -18.21
N LEU B 302 8.05 -35.37 -17.49
CA LEU B 302 7.14 -34.44 -18.14
C LEU B 302 7.88 -33.54 -19.12
N LEU B 303 9.06 -33.05 -18.74
CA LEU B 303 9.84 -32.21 -19.64
C LEU B 303 10.26 -32.97 -20.89
N ALA B 304 10.68 -34.23 -20.73
CA ALA B 304 11.06 -35.02 -21.89
C ALA B 304 9.86 -35.27 -22.80
N THR B 305 8.69 -35.54 -22.22
CA THR B 305 7.48 -35.72 -23.00
C THR B 305 7.17 -34.46 -23.82
N VAL B 306 7.18 -33.30 -23.17
CA VAL B 306 6.85 -32.06 -23.86
C VAL B 306 7.88 -31.74 -24.94
N ALA B 307 9.16 -31.96 -24.64
CA ALA B 307 10.20 -31.66 -25.62
C ALA B 307 10.13 -32.63 -26.79
N SER B 308 9.68 -33.86 -26.57
CA SER B 308 9.48 -34.80 -27.65
C SER B 308 8.25 -34.49 -28.48
N SER B 309 7.27 -33.79 -27.90
CA SER B 309 6.10 -33.40 -28.66
C SER B 309 6.43 -32.48 -29.83
N VAL B 310 7.60 -31.83 -29.83
CA VAL B 310 8.08 -31.05 -30.96
C VAL B 310 9.45 -31.59 -31.34
N PRO B 311 9.51 -32.75 -31.99
CA PRO B 311 10.78 -33.47 -32.09
C PRO B 311 11.68 -32.99 -33.21
N ASN B 312 12.97 -33.23 -33.02
CA ASN B 312 13.97 -33.07 -34.08
C ASN B 312 13.98 -34.36 -34.90
N PHE B 313 12.94 -34.51 -35.73
CA PHE B 313 12.67 -35.75 -36.45
C PHE B 313 12.68 -35.48 -37.95
N LYS B 314 13.40 -36.33 -38.68
CA LYS B 314 13.47 -36.30 -40.15
C LYS B 314 13.88 -34.88 -40.57
N HIS B 315 13.18 -34.26 -41.52
CA HIS B 315 13.42 -32.88 -41.91
C HIS B 315 12.26 -31.98 -41.52
N PHE B 316 11.49 -32.39 -40.51
CA PHE B 316 10.35 -31.59 -40.08
C PHE B 316 10.82 -30.36 -39.31
N GLY B 317 10.26 -29.21 -39.67
CA GLY B 317 10.59 -27.97 -39.02
C GLY B 317 9.58 -26.90 -39.37
N PHE B 318 9.90 -25.68 -38.99
CA PHE B 318 9.02 -24.54 -39.24
C PHE B 318 9.46 -23.87 -40.55
N TYR B 319 8.58 -23.90 -41.54
CA TYR B 319 8.91 -23.41 -42.87
C TYR B 319 7.73 -22.60 -43.42
N ARG B 320 7.93 -22.11 -44.65
CA ARG B 320 7.02 -21.19 -45.34
C ARG B 320 7.07 -19.80 -44.71
N ASN B 331 11.01 -12.19 -42.42
CA ASN B 331 10.88 -13.01 -43.61
C ASN B 331 11.77 -14.25 -43.53
N GLN B 332 12.89 -14.12 -42.81
CA GLN B 332 13.83 -15.20 -42.64
C GLN B 332 13.51 -15.98 -41.37
N SER B 333 13.41 -17.30 -41.49
CA SER B 333 13.06 -18.12 -40.34
C SER B 333 14.22 -18.20 -39.35
N LEU B 334 13.88 -18.53 -38.11
CA LEU B 334 14.88 -18.75 -37.08
C LEU B 334 15.59 -20.08 -37.33
N PRO B 335 16.74 -20.29 -36.69
CA PRO B 335 17.31 -21.64 -36.66
C PRO B 335 16.31 -22.61 -36.05
N GLN B 336 16.25 -23.82 -36.62
CA GLN B 336 15.20 -24.75 -36.25
C GLN B 336 15.29 -25.17 -34.78
N GLU B 337 16.49 -25.18 -34.22
CA GLU B 337 16.64 -25.53 -32.80
C GLU B 337 15.98 -24.50 -31.90
N ILE B 338 16.17 -23.21 -32.20
CA ILE B 338 15.56 -22.16 -31.38
C ILE B 338 14.05 -22.16 -31.56
N ALA B 339 13.57 -22.38 -32.78
CA ALA B 339 12.14 -22.45 -33.03
C ALA B 339 11.52 -23.61 -32.25
N ARG B 340 12.18 -24.77 -32.25
CA ARG B 340 11.69 -25.91 -31.48
C ARG B 340 11.68 -25.59 -29.99
N HIS B 341 12.74 -24.93 -29.50
CA HIS B 341 12.80 -24.59 -28.08
C HIS B 341 11.68 -23.65 -27.68
N CYS B 342 11.41 -22.62 -28.50
CA CYS B 342 10.33 -21.69 -28.18
C CYS B 342 8.97 -22.36 -28.27
N MET B 343 8.79 -23.24 -29.26
CA MET B 343 7.53 -23.98 -29.36
C MET B 343 7.32 -24.87 -28.15
N VAL B 344 8.39 -25.48 -27.64
CA VAL B 344 8.27 -26.28 -26.43
C VAL B 344 7.96 -25.40 -25.23
N GLN B 345 8.51 -24.18 -25.18
CA GLN B 345 8.11 -23.24 -24.13
C GLN B 345 6.61 -23.00 -24.16
N ALA B 346 6.08 -22.67 -25.34
CA ALA B 346 4.65 -22.42 -25.48
C ALA B 346 3.84 -23.65 -25.13
N ARG B 347 4.34 -24.83 -25.49
CA ARG B 347 3.64 -26.07 -25.18
C ARG B 347 3.60 -26.33 -23.68
N LEU B 348 4.70 -26.07 -22.98
CA LEU B 348 4.69 -26.18 -21.52
C LEU B 348 3.69 -25.21 -20.91
N LEU B 349 3.61 -23.99 -21.46
CA LEU B 349 2.59 -23.05 -20.98
C LEU B 349 1.18 -23.55 -21.28
N ALA B 350 1.00 -24.30 -22.36
CA ALA B 350 -0.33 -24.79 -22.72
C ALA B 350 -0.95 -25.68 -21.66
N TYR B 351 -0.16 -26.25 -20.76
CA TYR B 351 -0.66 -27.10 -19.69
C TYR B 351 -1.11 -26.31 -18.46
N ARG B 352 -0.97 -25.00 -18.48
CA ARG B 352 -1.55 -24.14 -17.45
C ARG B 352 -2.95 -23.69 -17.80
N THR B 353 -3.53 -24.25 -18.86
CA THR B 353 -4.81 -23.79 -19.38
C THR B 353 -5.94 -23.96 -18.36
N GLU B 354 -6.90 -23.05 -18.42
CA GLU B 354 -8.15 -23.19 -17.70
C GLU B 354 -9.25 -23.83 -18.53
N ASP B 355 -9.04 -23.94 -19.85
CA ASP B 355 -9.98 -24.67 -20.69
C ASP B 355 -9.97 -26.14 -20.31
N HIS B 356 -11.16 -26.74 -20.30
CA HIS B 356 -11.31 -28.12 -19.86
C HIS B 356 -11.07 -29.13 -20.99
N LYS B 357 -10.91 -28.67 -22.23
CA LYS B 357 -10.73 -29.58 -23.36
C LYS B 357 -9.39 -29.39 -24.06
N THR B 358 -9.06 -28.16 -24.45
CA THR B 358 -7.88 -27.90 -25.27
C THR B 358 -7.00 -26.87 -24.60
N GLY B 359 -5.71 -27.19 -24.46
CA GLY B 359 -4.73 -26.27 -23.92
C GLY B 359 -3.88 -25.68 -25.03
N VAL B 360 -3.81 -24.35 -25.05
CA VAL B 360 -3.04 -23.61 -26.05
C VAL B 360 -2.05 -22.71 -25.33
N GLY B 361 -0.82 -22.68 -25.82
CA GLY B 361 0.20 -21.81 -25.28
C GLY B 361 0.84 -20.96 -26.35
N ALA B 362 1.35 -19.80 -25.92
CA ALA B 362 1.97 -18.84 -26.82
C ALA B 362 3.12 -18.14 -26.12
N VAL B 363 4.23 -18.03 -26.83
CA VAL B 363 5.40 -17.27 -26.37
C VAL B 363 5.80 -16.26 -27.44
N ILE B 364 6.04 -15.02 -27.02
CA ILE B 364 6.52 -13.96 -27.89
C ILE B 364 7.97 -13.68 -27.52
N TRP B 365 8.85 -13.77 -28.52
CA TRP B 365 10.27 -13.49 -28.40
C TRP B 365 10.63 -12.43 -29.42
N ALA B 366 11.72 -11.72 -29.17
CA ALA B 366 12.22 -10.72 -30.11
C ALA B 366 13.73 -10.84 -30.23
N GLU B 367 14.24 -10.53 -31.42
CA GLU B 367 15.67 -10.57 -31.70
C GLU B 367 16.18 -9.13 -31.74
N GLY B 368 17.02 -8.78 -30.76
CA GLY B 368 17.59 -7.45 -30.73
C GLY B 368 18.60 -7.24 -31.84
N LYS B 369 18.73 -5.98 -32.27
CA LYS B 369 19.69 -5.65 -33.31
C LYS B 369 21.13 -5.83 -32.81
N SER B 370 21.38 -5.47 -31.56
CA SER B 370 22.71 -5.51 -30.98
C SER B 370 22.93 -6.75 -30.13
N ARG B 371 24.19 -7.05 -29.86
CA ARG B 371 24.55 -8.19 -29.03
C ARG B 371 24.11 -7.97 -27.58
N SER B 372 23.76 -9.05 -26.91
CA SER B 372 23.33 -9.01 -25.52
C SER B 372 24.20 -9.94 -24.69
N CYS B 373 24.09 -9.78 -23.36
CA CYS B 373 24.85 -10.60 -22.43
C CYS B 373 24.21 -11.97 -22.19
N ASP B 374 22.96 -12.15 -22.58
CA ASP B 374 22.23 -13.37 -22.28
C ASP B 374 22.80 -14.56 -23.06
N GLY B 375 22.54 -15.75 -22.52
CA GLY B 375 22.87 -16.98 -23.22
C GLY B 375 21.94 -17.30 -24.38
N THR B 376 20.83 -16.58 -24.50
CA THR B 376 19.93 -16.71 -25.64
C THR B 376 20.36 -15.89 -26.84
N GLY B 377 21.48 -15.17 -26.74
CA GLY B 377 21.95 -14.34 -27.82
C GLY B 377 21.18 -13.04 -27.93
N ALA B 378 20.94 -12.58 -29.16
CA ALA B 378 20.17 -11.35 -29.36
C ALA B 378 18.70 -11.55 -29.05
N MET B 379 18.25 -12.79 -28.95
CA MET B 379 16.85 -13.07 -28.66
C MET B 379 16.54 -12.87 -27.18
N TYR B 380 15.45 -12.17 -26.90
CA TYR B 380 15.01 -11.93 -25.53
C TYR B 380 13.52 -12.21 -25.42
N PHE B 381 13.12 -12.68 -24.25
CA PHE B 381 11.73 -13.04 -24.00
C PHE B 381 10.87 -11.78 -23.90
N VAL B 382 9.73 -11.78 -24.59
CA VAL B 382 8.82 -10.65 -24.61
C VAL B 382 7.55 -10.94 -23.81
N GLY B 383 6.93 -12.08 -24.03
CA GLY B 383 5.68 -12.35 -23.36
C GLY B 383 5.30 -13.82 -23.44
N CYS B 384 4.36 -14.21 -22.58
CA CYS B 384 3.87 -15.57 -22.57
C CYS B 384 2.39 -15.58 -22.19
N GLY B 385 1.70 -16.63 -22.61
CA GLY B 385 0.29 -16.75 -22.28
C GLY B 385 -0.24 -18.12 -22.61
N TYR B 386 -1.39 -18.42 -22.01
CA TYR B 386 -2.16 -19.63 -22.29
C TYR B 386 -3.63 -19.26 -22.32
N ASN B 387 -4.45 -20.15 -22.89
CA ASN B 387 -5.88 -19.88 -22.95
C ASN B 387 -6.51 -20.06 -21.58
N ALA B 388 -7.17 -19.01 -21.10
CA ALA B 388 -7.76 -19.01 -19.78
C ALA B 388 -8.84 -17.94 -19.72
N PHE B 389 -9.68 -18.04 -18.70
CA PHE B 389 -10.71 -17.04 -18.46
C PHE B 389 -10.08 -15.80 -17.84
N PRO B 390 -10.76 -14.66 -17.88
CA PRO B 390 -10.14 -13.40 -17.43
C PRO B 390 -9.64 -13.50 -16.00
N VAL B 391 -8.50 -12.83 -15.75
CA VAL B 391 -7.80 -12.94 -14.48
C VAL B 391 -8.73 -12.62 -13.32
N GLY B 392 -8.65 -13.44 -12.27
CA GLY B 392 -9.48 -13.27 -11.09
C GLY B 392 -10.81 -13.96 -11.15
N SER B 393 -11.05 -14.82 -12.14
CA SER B 393 -12.32 -15.52 -12.27
C SER B 393 -12.28 -16.84 -11.51
N GLU B 394 -13.42 -17.18 -10.92
CA GLU B 394 -13.58 -18.47 -10.25
C GLU B 394 -13.93 -19.55 -11.27
N TYR B 395 -13.97 -20.79 -10.79
CA TYR B 395 -14.25 -21.92 -11.69
C TYR B 395 -15.65 -21.83 -12.28
N ALA B 396 -16.63 -21.43 -11.48
CA ALA B 396 -18.02 -21.36 -11.93
C ALA B 396 -18.41 -19.98 -12.46
N ASP B 397 -17.46 -19.05 -12.57
CA ASP B 397 -17.79 -17.70 -13.02
C ASP B 397 -18.28 -17.69 -14.46
N PHE B 398 -17.64 -18.45 -15.34
CA PHE B 398 -17.93 -18.38 -16.75
C PHE B 398 -18.27 -19.76 -17.29
N PRO B 399 -19.09 -19.82 -18.34
CA PRO B 399 -19.39 -21.13 -18.96
C PRO B 399 -18.12 -21.78 -19.51
N HIS B 400 -18.05 -23.10 -19.35
CA HIS B 400 -16.91 -23.88 -19.82
C HIS B 400 -17.27 -24.77 -21.00
N MET B 401 -18.50 -24.69 -21.50
CA MET B 401 -18.97 -25.59 -22.54
C MET B 401 -18.43 -25.17 -23.91
N ASP B 402 -18.61 -26.06 -24.87
CA ASP B 402 -18.21 -25.86 -26.25
C ASP B 402 -19.45 -25.89 -27.15
N ASP B 403 -19.22 -25.94 -28.47
CA ASP B 403 -20.30 -25.94 -29.44
C ASP B 403 -21.32 -27.06 -29.21
N LYS B 404 -20.98 -28.06 -28.40
CA LYS B 404 -21.95 -29.11 -28.08
C LYS B 404 -23.15 -28.55 -27.34
N GLN B 405 -22.91 -27.59 -26.44
CA GLN B 405 -24.01 -26.91 -25.76
C GLN B 405 -24.87 -26.17 -26.78
N LYS B 406 -26.18 -26.31 -26.66
CA LYS B 406 -27.10 -25.74 -27.64
C LYS B 406 -27.06 -24.22 -27.62
N ASP B 407 -27.12 -23.62 -26.44
CA ASP B 407 -27.18 -22.17 -26.32
C ASP B 407 -25.78 -21.58 -26.48
N ARG B 408 -25.62 -20.71 -27.49
CA ARG B 408 -24.34 -20.04 -27.70
C ARG B 408 -24.00 -19.07 -26.58
N GLU B 409 -25.00 -18.56 -25.86
CA GLU B 409 -24.74 -17.63 -24.77
C GLU B 409 -24.02 -18.28 -23.59
N ILE B 410 -24.05 -19.60 -23.50
CA ILE B 410 -23.42 -20.31 -22.38
C ILE B 410 -22.27 -21.15 -22.88
N ARG B 411 -21.59 -20.69 -23.92
CA ARG B 411 -20.36 -21.31 -24.39
C ARG B 411 -19.15 -20.51 -23.96
N LYS B 412 -18.01 -21.19 -23.88
CA LYS B 412 -16.78 -20.59 -23.34
C LYS B 412 -16.17 -19.56 -24.27
N PHE B 413 -16.52 -19.58 -25.56
CA PHE B 413 -15.72 -18.87 -26.56
C PHE B 413 -15.74 -17.36 -26.35
N ARG B 414 -16.90 -16.79 -26.02
CA ARG B 414 -16.99 -15.34 -25.84
C ARG B 414 -16.33 -14.85 -24.57
N TYR B 415 -15.92 -15.75 -23.67
CA TYR B 415 -15.32 -15.36 -22.40
C TYR B 415 -13.91 -15.87 -22.20
N ILE B 416 -13.40 -16.73 -23.07
CA ILE B 416 -12.08 -17.32 -22.90
C ILE B 416 -11.04 -16.39 -23.54
N ILE B 417 -9.99 -16.08 -22.79
CA ILE B 417 -8.87 -15.32 -23.33
C ILE B 417 -7.89 -16.28 -23.98
N HIS B 418 -7.58 -16.02 -25.25
CA HIS B 418 -6.71 -16.92 -25.99
C HIS B 418 -5.26 -16.76 -25.54
N ALA B 419 -4.44 -17.75 -25.93
CA ALA B 419 -3.04 -17.75 -25.53
C ALA B 419 -2.29 -16.54 -26.05
N ALA B 420 -2.51 -16.18 -27.32
CA ALA B 420 -1.83 -15.02 -27.89
C ALA B 420 -2.32 -13.73 -27.25
N GLN B 421 -3.61 -13.65 -26.93
CA GLN B 421 -4.14 -12.47 -26.26
C GLN B 421 -3.50 -12.29 -24.89
N ASN B 422 -3.34 -13.38 -24.14
CA ASN B 422 -2.69 -13.29 -22.84
C ASN B 422 -1.21 -13.00 -22.97
N ALA B 423 -0.56 -13.52 -24.01
CA ALA B 423 0.85 -13.24 -24.23
C ALA B 423 1.07 -11.76 -24.55
N LEU B 424 0.18 -11.17 -25.32
CA LEU B 424 0.29 -9.74 -25.64
C LEU B 424 -0.08 -8.89 -24.43
N THR B 425 -1.07 -9.32 -23.65
CA THR B 425 -1.55 -8.52 -22.52
C THR B 425 -0.48 -8.39 -21.44
N PHE B 426 0.13 -9.51 -21.05
CA PHE B 426 1.08 -9.54 -19.96
C PHE B 426 2.54 -9.58 -20.44
N ARG B 427 2.81 -8.93 -21.56
CA ARG B 427 4.18 -8.86 -22.07
C ARG B 427 5.05 -8.02 -21.15
N CYS B 428 6.29 -8.45 -20.95
CA CYS B 428 7.25 -7.71 -20.16
C CYS B 428 8.09 -6.75 -21.00
N GLN B 429 7.96 -6.80 -22.32
CA GLN B 429 8.72 -5.94 -23.22
C GLN B 429 7.80 -5.37 -24.28
N GLU B 430 8.16 -4.21 -24.80
CA GLU B 430 7.44 -3.61 -25.91
C GLU B 430 7.93 -4.21 -27.23
N ILE B 431 7.01 -4.32 -28.18
CA ILE B 431 7.34 -4.83 -29.51
C ILE B 431 8.03 -3.72 -30.29
N LYS B 432 9.33 -3.86 -30.52
CA LYS B 432 10.06 -2.87 -31.28
C LYS B 432 9.77 -3.02 -32.76
N PRO B 433 9.31 -1.98 -33.44
CA PRO B 433 9.00 -2.10 -34.88
C PRO B 433 10.20 -2.49 -35.72
N GLU B 434 11.40 -2.02 -35.37
CA GLU B 434 12.60 -2.32 -36.16
C GLU B 434 13.15 -3.72 -35.88
N GLU B 435 12.73 -4.36 -34.79
CA GLU B 435 13.23 -5.68 -34.43
C GLU B 435 12.35 -6.77 -35.03
N ARG B 436 12.96 -7.93 -35.26
CA ARG B 436 12.20 -9.11 -35.65
C ARG B 436 11.54 -9.70 -34.41
N SER B 437 10.22 -9.87 -34.46
CA SER B 437 9.47 -10.41 -33.34
C SER B 437 8.69 -11.63 -33.80
N MET B 438 8.70 -12.67 -32.97
CA MET B 438 8.13 -13.96 -33.32
C MET B 438 7.17 -14.38 -32.21
N ILE B 439 6.00 -14.87 -32.60
CA ILE B 439 5.06 -15.48 -31.66
C ILE B 439 4.91 -16.95 -32.03
N PHE B 440 5.12 -17.82 -31.05
CA PHE B 440 5.03 -19.27 -31.19
C PHE B 440 3.76 -19.71 -30.48
N VAL B 441 2.82 -20.27 -31.25
CA VAL B 441 1.53 -20.69 -30.73
C VAL B 441 1.35 -22.17 -31.05
N THR B 442 0.96 -22.95 -30.05
CA THR B 442 0.81 -24.39 -30.22
C THR B 442 -0.36 -24.76 -31.11
N LYS B 443 -1.28 -23.84 -31.36
CA LYS B 443 -2.42 -24.05 -32.23
C LYS B 443 -2.47 -22.93 -33.26
N CYS B 444 -3.16 -23.16 -34.36
CA CYS B 444 -3.30 -22.13 -35.38
C CYS B 444 -3.99 -20.91 -34.78
N PRO B 445 -3.46 -19.71 -34.98
CA PRO B 445 -4.13 -18.51 -34.45
C PRO B 445 -5.52 -18.35 -35.05
N CYS B 446 -6.47 -17.94 -34.20
CA CYS B 446 -7.85 -17.80 -34.62
C CYS B 446 -8.08 -16.42 -35.25
N ASP B 447 -9.31 -16.19 -35.69
CA ASP B 447 -9.62 -14.98 -36.45
C ASP B 447 -9.71 -13.74 -35.58
N GLU B 448 -9.85 -13.89 -34.26
CA GLU B 448 -9.79 -12.75 -33.36
C GLU B 448 -8.41 -12.55 -32.77
N CYS B 449 -7.46 -13.44 -33.05
CA CYS B 449 -6.09 -13.32 -32.59
C CYS B 449 -5.14 -12.83 -33.68
N VAL B 450 -5.36 -13.23 -34.93
CA VAL B 450 -4.49 -12.80 -36.03
C VAL B 450 -4.46 -11.28 -36.17
N PRO B 451 -5.61 -10.57 -36.17
CA PRO B 451 -5.53 -9.11 -36.22
C PRO B 451 -4.80 -8.50 -35.04
N LEU B 452 -4.91 -9.09 -33.85
CA LEU B 452 -4.18 -8.58 -32.69
C LEU B 452 -2.68 -8.77 -32.87
N ILE B 453 -2.26 -9.92 -33.38
CA ILE B 453 -0.84 -10.16 -33.64
C ILE B 453 -0.32 -9.19 -34.69
N LYS B 454 -1.10 -8.98 -35.76
CA LYS B 454 -0.69 -8.07 -36.81
C LYS B 454 -0.59 -6.63 -36.30
N GLY B 455 -1.57 -6.20 -35.50
CA GLY B 455 -1.54 -4.84 -34.98
C GLY B 455 -0.48 -4.62 -33.93
N ALA B 456 -0.09 -5.68 -33.21
CA ALA B 456 0.96 -5.55 -32.23
C ALA B 456 2.33 -5.36 -32.86
N GLY B 457 2.47 -5.64 -34.16
CA GLY B 457 3.73 -5.50 -34.83
C GLY B 457 4.58 -6.77 -34.88
N ILE B 458 4.01 -7.92 -34.50
CA ILE B 458 4.77 -9.16 -34.49
C ILE B 458 5.04 -9.57 -35.94
N LYS B 459 6.32 -9.74 -36.27
CA LYS B 459 6.71 -9.97 -37.66
C LYS B 459 6.43 -11.40 -38.12
N GLN B 460 6.58 -12.38 -37.22
CA GLN B 460 6.52 -13.78 -37.60
C GLN B 460 5.63 -14.55 -36.64
N ILE B 461 4.86 -15.48 -37.19
CA ILE B 461 4.05 -16.41 -36.41
C ILE B 461 4.51 -17.83 -36.73
N TYR B 462 5.02 -18.52 -35.72
CA TYR B 462 5.32 -19.94 -35.80
C TYR B 462 4.17 -20.68 -35.13
N ALA B 463 3.53 -21.59 -35.86
CA ALA B 463 2.32 -22.19 -35.34
C ALA B 463 2.07 -23.56 -35.94
N GLY B 464 1.23 -24.33 -35.26
CA GLY B 464 0.65 -25.51 -35.87
C GLY B 464 -0.45 -25.13 -36.85
N ASP B 465 -0.80 -26.08 -37.71
CA ASP B 465 -1.69 -25.78 -38.82
C ASP B 465 -2.78 -26.84 -38.99
N VAL B 466 -3.16 -27.52 -37.90
CA VAL B 466 -4.21 -28.52 -37.99
C VAL B 466 -5.57 -27.87 -38.23
N ASP B 467 -5.87 -26.78 -37.51
CA ASP B 467 -7.17 -26.14 -37.56
C ASP B 467 -7.28 -25.07 -38.64
N VAL B 468 -6.24 -24.88 -39.46
CA VAL B 468 -6.26 -23.88 -40.52
C VAL B 468 -7.46 -24.13 -41.43
N GLY B 469 -8.30 -23.11 -41.59
CA GLY B 469 -9.47 -23.20 -42.43
C GLY B 469 -10.74 -23.64 -41.74
N LYS B 470 -10.67 -24.05 -40.48
CA LYS B 470 -11.87 -24.44 -39.76
C LYS B 470 -12.74 -23.23 -39.48
N LYS B 471 -14.06 -23.40 -39.65
CA LYS B 471 -15.03 -22.32 -39.50
C LYS B 471 -16.16 -22.82 -38.60
N LYS B 472 -16.06 -22.51 -37.31
CA LYS B 472 -17.10 -22.82 -36.35
C LYS B 472 -17.89 -21.56 -36.00
N ALA B 473 -18.98 -21.75 -35.25
CA ALA B 473 -19.91 -20.66 -35.00
C ALA B 473 -19.25 -19.53 -34.22
N ASP B 474 -18.49 -19.86 -33.17
CA ASP B 474 -17.90 -18.86 -32.30
C ASP B 474 -16.40 -18.75 -32.44
N ILE B 475 -15.78 -19.49 -33.35
CA ILE B 475 -14.34 -19.42 -33.56
C ILE B 475 -14.04 -19.90 -34.97
N SER B 476 -13.13 -19.21 -35.65
CA SER B 476 -12.78 -19.51 -37.03
C SER B 476 -11.29 -19.34 -37.22
N TYR B 477 -10.78 -19.96 -38.29
CA TYR B 477 -9.36 -19.95 -38.61
C TYR B 477 -9.15 -19.62 -40.09
N MET B 478 -9.83 -18.58 -40.55
CA MET B 478 -9.74 -18.19 -41.96
C MET B 478 -8.71 -17.10 -42.21
N ARG B 479 -8.44 -16.26 -41.21
CA ARG B 479 -7.55 -15.12 -41.43
C ARG B 479 -6.08 -15.48 -41.38
N PHE B 480 -5.73 -16.67 -40.86
CA PHE B 480 -4.32 -17.06 -40.81
C PHE B 480 -3.81 -17.44 -42.20
N GLY B 481 -4.62 -18.17 -42.97
CA GLY B 481 -4.17 -18.57 -44.29
C GLY B 481 -3.98 -17.40 -45.23
N GLU B 482 -4.80 -16.37 -45.11
CA GLU B 482 -4.77 -15.20 -45.98
C GLU B 482 -4.05 -14.02 -45.35
N LEU B 483 -3.35 -14.22 -44.23
CA LEU B 483 -2.71 -13.12 -43.54
C LEU B 483 -1.55 -12.57 -44.35
N GLU B 484 -1.51 -11.24 -44.50
CA GLU B 484 -0.47 -10.56 -45.24
C GLU B 484 0.29 -9.61 -44.33
N GLY B 485 1.57 -9.44 -44.62
CA GLY B 485 2.44 -8.58 -43.85
C GLY B 485 3.10 -9.25 -42.66
N VAL B 486 2.72 -10.48 -42.33
CA VAL B 486 3.32 -11.24 -41.26
C VAL B 486 3.79 -12.57 -41.82
N SER B 487 5.06 -12.89 -41.65
CA SER B 487 5.58 -14.17 -42.08
C SER B 487 4.97 -15.29 -41.25
N LYS B 488 4.64 -16.40 -41.90
CA LYS B 488 4.02 -17.54 -41.25
C LYS B 488 4.88 -18.77 -41.45
N PHE B 489 5.24 -19.43 -40.34
CA PHE B 489 6.04 -20.64 -40.37
C PHE B 489 5.28 -21.76 -39.67
N THR B 490 5.04 -22.84 -40.40
CA THR B 490 4.28 -23.97 -39.92
C THR B 490 5.16 -25.21 -39.86
N TRP B 491 4.76 -26.15 -39.00
CA TRP B 491 5.42 -27.43 -38.89
C TRP B 491 5.15 -28.26 -40.14
N GLN B 492 6.21 -28.63 -40.85
CA GLN B 492 6.08 -29.30 -42.13
C GLN B 492 7.45 -29.83 -42.54
N LEU B 493 7.46 -30.69 -43.55
CA LEU B 493 8.71 -31.08 -44.18
C LEU B 493 9.35 -29.87 -44.85
N ASN B 494 10.67 -29.87 -44.90
CA ASN B 494 11.39 -28.78 -45.55
C ASN B 494 11.05 -28.79 -47.04
N PRO B 495 10.50 -27.70 -47.58
CA PRO B 495 10.16 -27.69 -49.01
C PRO B 495 11.37 -27.82 -49.92
N SER B 496 12.56 -27.50 -49.44
CA SER B 496 13.78 -27.64 -50.24
C SER B 496 14.25 -29.08 -50.26
N ILE C 50 35.85 3.34 10.13
CA ILE C 50 35.97 4.58 9.38
C ILE C 50 34.65 5.36 9.42
N PRO C 51 34.74 6.68 9.48
CA PRO C 51 33.51 7.49 9.45
C PRO C 51 32.81 7.37 8.11
N ARG C 52 31.49 7.48 8.15
CA ARG C 52 30.64 7.32 6.98
C ARG C 52 29.90 8.61 6.69
N LEU C 53 29.98 9.07 5.45
CA LEU C 53 29.20 10.23 5.02
C LEU C 53 27.72 9.86 5.00
N SER C 54 26.88 10.78 5.48
CA SER C 54 25.45 10.52 5.52
C SER C 54 24.83 10.65 4.13
N LYS C 55 23.67 10.03 3.96
CA LYS C 55 22.97 10.08 2.67
C LYS C 55 22.61 11.52 2.30
N VAL C 56 22.07 12.28 3.25
CA VAL C 56 21.63 13.63 2.96
C VAL C 56 22.82 14.54 2.69
N ASN C 57 23.92 14.37 3.42
CA ASN C 57 25.11 15.16 3.13
C ASN C 57 25.75 14.75 1.81
N LEU C 58 25.69 13.46 1.47
CA LEU C 58 26.12 13.03 0.15
C LEU C 58 25.33 13.73 -0.95
N PHE C 59 24.00 13.77 -0.80
CA PHE C 59 23.17 14.41 -1.81
C PHE C 59 23.42 15.91 -1.89
N THR C 60 23.62 16.56 -0.74
CA THR C 60 23.94 17.98 -0.75
C THR C 60 25.27 18.23 -1.47
N LEU C 61 26.30 17.45 -1.12
CA LEU C 61 27.59 17.61 -1.76
C LEU C 61 27.50 17.35 -3.26
N LEU C 62 26.70 16.36 -3.65
CA LEU C 62 26.53 16.06 -5.07
C LEU C 62 25.80 17.18 -5.80
N SER C 63 24.83 17.81 -5.14
CA SER C 63 24.13 18.93 -5.80
C SER C 63 25.06 20.12 -5.99
N LEU C 64 25.84 20.48 -4.97
CA LEU C 64 26.83 21.54 -5.14
C LEU C 64 27.88 21.18 -6.18
N TRP C 65 28.29 19.91 -6.25
CA TRP C 65 29.25 19.51 -7.26
C TRP C 65 28.64 19.53 -8.66
N MET C 66 27.35 19.17 -8.77
CA MET C 66 26.66 19.22 -10.05
C MET C 66 26.53 20.66 -10.54
N GLU C 67 26.41 21.62 -9.63
CA GLU C 67 26.46 23.01 -10.03
C GLU C 67 27.78 23.36 -10.71
N LEU C 68 28.85 22.61 -10.43
CA LEU C 68 30.17 22.82 -11.01
C LEU C 68 30.40 22.00 -12.27
N PHE C 69 29.38 21.33 -12.80
CA PHE C 69 29.56 20.54 -14.00
C PHE C 69 30.04 21.41 -15.15
N PRO C 70 31.09 21.02 -15.87
CA PRO C 70 31.65 21.88 -16.93
C PRO C 70 30.68 22.02 -18.09
N ALA C 71 30.37 23.26 -18.44
CA ALA C 71 29.45 23.55 -19.53
C ALA C 71 30.18 23.58 -20.87
N VAL C 105 20.21 35.40 -12.11
CA VAL C 105 19.96 33.97 -12.07
C VAL C 105 21.28 33.21 -12.03
N LYS C 106 21.50 32.49 -10.95
CA LYS C 106 22.74 31.74 -10.74
C LYS C 106 22.56 30.27 -11.11
N ARG C 107 23.67 29.65 -11.50
CA ARG C 107 23.66 28.24 -11.87
C ARG C 107 23.32 27.37 -10.66
N THR C 108 22.56 26.30 -10.90
CA THR C 108 22.07 25.44 -9.83
C THR C 108 22.32 23.99 -10.20
N GLY C 109 22.87 23.22 -9.26
CA GLY C 109 22.96 21.79 -9.38
C GLY C 109 21.83 21.11 -8.63
N LEU C 110 21.37 19.97 -9.15
CA LEU C 110 20.21 19.30 -8.61
C LEU C 110 20.43 17.80 -8.59
N VAL C 111 20.10 17.19 -7.46
CA VAL C 111 20.15 15.74 -7.29
C VAL C 111 18.73 15.25 -7.04
N VAL C 112 18.24 14.37 -7.89
CA VAL C 112 16.93 13.76 -7.76
C VAL C 112 17.12 12.36 -7.20
N VAL C 113 16.51 12.09 -6.06
CA VAL C 113 16.66 10.84 -5.32
C VAL C 113 15.27 10.22 -5.15
N LYS C 114 15.17 8.93 -5.42
CA LYS C 114 13.94 8.17 -5.22
C LYS C 114 14.25 6.90 -4.45
N ASN C 115 13.53 6.68 -3.35
CA ASN C 115 13.75 5.54 -2.47
C ASN C 115 15.21 5.46 -2.02
N MET C 116 15.77 6.62 -1.66
CA MET C 116 17.15 6.77 -1.21
C MET C 116 18.16 6.37 -2.28
N LYS C 117 17.72 6.29 -3.53
CA LYS C 117 18.60 6.04 -4.66
C LYS C 117 18.59 7.24 -5.59
N ILE C 118 19.76 7.58 -6.12
CA ILE C 118 19.88 8.72 -7.03
C ILE C 118 19.30 8.32 -8.38
N VAL C 119 18.35 9.12 -8.87
CA VAL C 119 17.74 8.91 -10.17
C VAL C 119 17.98 10.08 -11.11
N GLY C 120 18.62 11.14 -10.65
CA GLY C 120 18.94 12.23 -11.55
C GLY C 120 20.03 13.16 -11.09
N LEU C 121 20.93 13.53 -12.00
CA LEU C 121 21.95 14.55 -11.74
C LEU C 121 21.82 15.62 -12.83
N HIS C 122 21.45 16.83 -12.43
CA HIS C 122 21.14 17.88 -13.38
C HIS C 122 21.84 19.17 -13.01
N CYS C 123 22.07 20.01 -14.01
CA CYS C 123 22.61 21.34 -13.80
C CYS C 123 21.84 22.33 -14.66
N SER C 124 21.72 23.56 -14.16
CA SER C 124 21.10 24.61 -14.94
C SER C 124 21.91 24.88 -16.21
N SER C 125 21.21 25.01 -17.32
CA SER C 125 21.81 25.41 -18.58
C SER C 125 21.61 26.91 -18.77
N GLU C 126 22.03 27.42 -19.93
CA GLU C 126 21.81 28.83 -20.21
C GLU C 126 20.34 29.14 -20.43
N ASP C 127 19.55 28.15 -20.84
CA ASP C 127 18.14 28.34 -21.14
C ASP C 127 17.25 28.02 -19.95
N LEU C 128 17.47 26.87 -19.31
CA LEU C 128 16.55 26.34 -18.32
C LEU C 128 17.24 26.16 -16.97
N HIS C 129 16.47 26.35 -15.90
CA HIS C 129 16.94 26.09 -14.56
C HIS C 129 16.96 24.59 -14.28
N ALA C 130 17.65 24.22 -13.19
CA ALA C 130 17.75 22.81 -12.82
C ALA C 130 16.38 22.20 -12.55
N GLY C 131 15.49 22.95 -11.91
CA GLY C 131 14.16 22.42 -11.64
C GLY C 131 13.34 22.21 -12.89
N GLN C 132 13.41 23.16 -13.84
CA GLN C 132 12.72 23.00 -15.11
C GLN C 132 13.28 21.80 -15.89
N ILE C 133 14.60 21.63 -15.86
CA ILE C 133 15.23 20.50 -16.54
C ILE C 133 14.78 19.19 -15.91
N ALA C 134 14.71 19.16 -14.58
CA ALA C 134 14.24 17.96 -13.89
C ALA C 134 12.80 17.65 -14.26
N LEU C 135 11.96 18.68 -14.34
CA LEU C 135 10.59 18.48 -14.79
C LEU C 135 10.56 17.88 -16.19
N ILE C 136 11.32 18.46 -17.13
CA ILE C 136 11.33 17.96 -18.50
C ILE C 136 11.80 16.51 -18.54
N LYS C 137 12.82 16.19 -17.74
CA LYS C 137 13.44 14.86 -17.82
C LYS C 137 12.57 13.80 -17.16
N HIS C 138 11.88 14.12 -16.07
CA HIS C 138 11.21 13.11 -15.27
C HIS C 138 9.69 13.11 -15.38
N GLY C 139 9.05 14.25 -15.61
CA GLY C 139 7.60 14.27 -15.67
C GLY C 139 6.99 14.01 -14.31
N SER C 140 5.99 13.13 -14.27
CA SER C 140 5.35 12.76 -13.02
C SER C 140 6.13 11.71 -12.24
N ARG C 141 7.25 11.23 -12.77
CA ARG C 141 8.13 10.35 -12.03
C ARG C 141 8.80 11.06 -10.86
N LEU C 142 8.72 12.39 -10.80
CA LEU C 142 9.18 13.14 -9.64
C LEU C 142 8.28 12.93 -8.42
N LYS C 143 7.17 12.21 -8.57
CA LYS C 143 6.28 11.93 -7.46
C LYS C 143 7.04 11.21 -6.34
N ASN C 144 6.88 11.73 -5.12
CA ASN C 144 7.51 11.17 -3.91
C ASN C 144 9.03 11.18 -3.99
N CYS C 145 9.61 12.06 -4.81
CA CYS C 145 11.04 12.16 -4.93
C CYS C 145 11.59 13.26 -4.02
N ASP C 146 12.86 13.10 -3.63
CA ASP C 146 13.58 14.10 -2.87
C ASP C 146 14.52 14.84 -3.80
N LEU C 147 14.39 16.16 -3.84
CA LEU C 147 15.21 17.00 -4.71
C LEU C 147 16.17 17.80 -3.85
N TYR C 148 17.45 17.75 -4.20
CA TYR C 148 18.50 18.46 -3.48
C TYR C 148 19.07 19.52 -4.41
N PHE C 149 18.80 20.78 -4.09
CA PHE C 149 19.18 21.92 -4.91
C PHE C 149 20.40 22.59 -4.33
N SER C 150 21.33 23.00 -5.18
CA SER C 150 22.47 23.78 -4.73
C SER C 150 22.09 25.20 -4.37
N ARG C 151 20.96 25.70 -4.88
CA ARG C 151 20.40 26.98 -4.50
C ARG C 151 18.90 26.83 -4.39
N LYS C 152 18.27 27.70 -3.60
CA LYS C 152 16.82 27.61 -3.43
C LYS C 152 16.14 27.91 -4.76
N PRO C 153 15.31 27.01 -5.28
CA PRO C 153 14.70 27.23 -6.59
C PRO C 153 13.75 28.42 -6.60
N CYS C 154 13.63 29.03 -7.78
CA CYS C 154 12.70 30.13 -7.98
C CYS C 154 11.26 29.64 -7.85
N SER C 155 10.33 30.60 -7.81
CA SER C 155 8.92 30.25 -7.68
C SER C 155 8.42 29.48 -8.89
N ALA C 156 8.90 29.84 -10.08
CA ALA C 156 8.49 29.12 -11.29
C ALA C 156 8.94 27.67 -11.24
N CYS C 157 10.17 27.42 -10.78
CA CYS C 157 10.63 26.04 -10.62
C CYS C 157 9.90 25.34 -9.49
N LEU C 158 9.69 26.04 -8.36
CA LEU C 158 9.09 25.40 -7.20
C LEU C 158 7.64 24.99 -7.47
N LYS C 159 6.87 25.82 -8.16
CA LYS C 159 5.48 25.47 -8.42
C LYS C 159 5.38 24.24 -9.31
N MET C 160 6.22 24.16 -10.34
CA MET C 160 6.21 22.99 -11.22
C MET C 160 6.68 21.74 -10.47
N ILE C 161 7.70 21.88 -9.64
CA ILE C 161 8.21 20.74 -8.87
C ILE C 161 7.15 20.23 -7.89
N VAL C 162 6.44 21.14 -7.23
CA VAL C 162 5.38 20.75 -6.31
C VAL C 162 4.22 20.11 -7.07
N ASN C 163 3.86 20.69 -8.22
CA ASN C 163 2.80 20.11 -9.04
C ASN C 163 3.16 18.70 -9.48
N ALA C 164 4.45 18.44 -9.72
CA ALA C 164 4.89 17.09 -10.08
C ALA C 164 4.75 16.10 -8.93
N GLY C 165 4.61 16.57 -7.70
CA GLY C 165 4.32 15.68 -6.58
C GLY C 165 5.51 15.22 -5.78
N VAL C 166 6.59 15.99 -5.74
CA VAL C 166 7.77 15.57 -5.00
C VAL C 166 7.49 15.59 -3.49
N ASN C 167 8.33 14.89 -2.74
CA ASN C 167 8.18 14.80 -1.29
C ASN C 167 8.93 15.92 -0.58
N ARG C 168 10.25 16.01 -0.80
CA ARG C 168 11.08 16.97 -0.09
C ARG C 168 11.91 17.78 -1.09
N ILE C 169 12.07 19.07 -0.81
CA ILE C 169 13.00 19.93 -1.51
C ILE C 169 13.99 20.44 -0.48
N SER C 170 15.17 19.84 -0.43
CA SER C 170 16.26 20.34 0.39
C SER C 170 17.11 21.28 -0.45
N TYR C 171 17.52 22.40 0.13
CA TYR C 171 18.33 23.35 -0.60
C TYR C 171 19.51 23.83 0.25
N TRP C 172 20.59 24.18 -0.45
CA TRP C 172 21.75 24.76 0.17
C TRP C 172 21.48 26.23 0.48
N PRO C 173 21.56 26.67 1.74
CA PRO C 173 21.08 28.00 2.15
C PRO C 173 22.05 29.15 1.87
N ALA C 174 22.63 29.14 0.68
CA ALA C 174 23.41 30.26 0.17
C ALA C 174 22.50 31.18 -0.65
N ASP C 175 23.07 32.06 -1.44
CA ASP C 175 22.29 32.88 -2.35
C ASP C 175 21.41 32.00 -3.22
N PRO C 176 20.09 32.24 -3.28
CA PRO C 176 19.21 31.33 -4.03
C PRO C 176 19.35 31.48 -5.54
N GLU C 177 18.49 30.76 -6.28
CA GLU C 177 18.57 30.75 -7.73
C GLU C 177 18.40 32.15 -8.31
N ILE C 178 17.39 32.88 -7.83
CA ILE C 178 17.24 34.29 -8.16
C ILE C 178 18.09 35.07 -7.15
N SER C 179 19.19 35.63 -7.65
CA SER C 179 20.21 36.18 -6.75
C SER C 179 19.66 37.32 -5.91
N LEU C 180 19.88 37.22 -4.60
CA LEU C 180 19.56 38.30 -3.67
C LEU C 180 20.73 39.25 -3.47
N LEU C 181 21.89 38.95 -4.06
CA LEU C 181 23.07 39.79 -3.95
C LEU C 181 23.25 40.70 -5.16
N THR C 182 22.29 40.72 -6.07
CA THR C 182 22.39 41.56 -7.26
C THR C 182 21.96 42.99 -6.96
N SER C 187 16.55 43.12 -7.51
CA SER C 187 16.44 43.23 -6.07
C SER C 187 15.00 43.03 -5.61
N GLU C 188 14.13 43.94 -6.03
CA GLU C 188 12.71 43.82 -5.69
C GLU C 188 12.10 42.57 -6.32
N ASP C 189 12.49 42.27 -7.56
CA ASP C 189 11.99 41.06 -8.22
C ASP C 189 12.45 39.80 -7.49
N ALA C 190 13.71 39.79 -7.04
CA ALA C 190 14.22 38.63 -6.29
C ALA C 190 13.49 38.47 -4.97
N LYS C 191 13.22 39.58 -4.27
CA LYS C 191 12.48 39.50 -3.03
C LYS C 191 11.05 39.02 -3.26
N LEU C 192 10.41 39.48 -4.34
CA LEU C 192 9.07 39.00 -4.67
C LEU C 192 9.09 37.51 -4.98
N ASP C 193 10.11 37.06 -5.70
CA ASP C 193 10.25 35.63 -5.98
C ASP C 193 10.41 34.82 -4.70
N ALA C 194 11.21 35.34 -3.77
CA ALA C 194 11.38 34.66 -2.48
C ALA C 194 10.07 34.60 -1.71
N LYS C 195 9.31 35.68 -1.71
CA LYS C 195 8.00 35.68 -1.06
C LYS C 195 7.07 34.67 -1.70
N ALA C 196 7.06 34.59 -3.03
CA ALA C 196 6.24 33.61 -3.72
C ALA C 196 6.67 32.19 -3.40
N VAL C 197 7.99 31.96 -3.27
CA VAL C 197 8.49 30.64 -2.87
C VAL C 197 8.00 30.29 -1.49
N GLU C 198 8.05 31.25 -0.56
CA GLU C 198 7.56 30.99 0.80
C GLU C 198 6.07 30.67 0.80
N ARG C 199 5.28 31.42 0.01
CA ARG C 199 3.84 31.15 -0.06
C ARG C 199 3.57 29.78 -0.67
N LEU C 200 4.30 29.41 -1.72
CA LEU C 200 4.15 28.08 -2.30
C LEU C 200 4.49 26.99 -1.29
N LYS C 201 5.56 27.20 -0.52
CA LYS C 201 5.95 26.21 0.49
C LYS C 201 4.90 26.08 1.59
N SER C 202 4.32 27.20 2.03
CA SER C 202 3.37 27.17 3.12
C SER C 202 2.02 26.55 2.73
N ASN C 203 1.73 26.42 1.44
CA ASN C 203 0.44 25.91 0.98
C ASN C 203 0.59 24.64 0.15
N SER C 204 1.66 23.88 0.35
CA SER C 204 1.90 22.66 -0.40
C SER C 204 2.28 21.54 0.54
N ARG C 205 1.97 20.31 0.14
CA ARG C 205 2.37 19.14 0.91
C ARG C 205 3.85 18.84 0.79
N ALA C 206 4.52 19.41 -0.21
CA ALA C 206 5.97 19.27 -0.33
C ALA C 206 6.66 20.04 0.79
N HIS C 207 7.70 19.44 1.35
CA HIS C 207 8.44 20.02 2.47
C HIS C 207 9.71 20.67 1.92
N VAL C 208 9.77 22.00 1.96
CA VAL C 208 10.94 22.75 1.51
C VAL C 208 11.76 23.10 2.74
N CYS C 209 13.01 22.65 2.76
CA CYS C 209 13.81 22.71 3.97
C CYS C 209 15.30 22.71 3.64
N VAL C 210 16.10 22.91 4.67
CA VAL C 210 17.55 22.80 4.62
C VAL C 210 17.93 21.55 5.41
N LEU C 211 18.45 20.54 4.72
CA LEU C 211 18.69 19.23 5.32
C LEU C 211 20.15 18.94 5.62
N LEU C 212 21.07 19.86 5.31
CA LEU C 212 22.47 19.60 5.62
C LEU C 212 22.68 19.48 7.12
N GLN C 213 23.47 18.49 7.52
CA GLN C 213 23.70 18.17 8.91
C GLN C 213 25.20 18.17 9.18
N PRO C 214 25.60 18.39 10.43
CA PRO C 214 27.04 18.41 10.74
C PRO C 214 27.69 17.06 10.44
N LEU C 215 28.91 17.12 9.94
CA LEU C 215 29.73 15.93 9.78
C LEU C 215 30.26 15.49 11.14
N VAL C 216 30.67 14.22 11.22
CA VAL C 216 31.32 13.75 12.43
C VAL C 216 32.67 14.46 12.59
N CYS C 217 33.22 14.38 13.80
CA CYS C 217 34.42 15.14 14.11
C CYS C 217 35.60 14.73 13.25
N TYR C 218 35.71 13.45 12.90
CA TYR C 218 36.84 12.92 12.17
C TYR C 218 36.61 12.84 10.67
N MET C 219 35.42 13.24 10.19
CA MET C 219 35.07 13.01 8.79
C MET C 219 36.01 13.76 7.84
N VAL C 220 36.30 15.03 8.15
CA VAL C 220 37.11 15.83 7.24
C VAL C 220 38.56 15.32 7.24
N GLN C 221 39.10 15.01 8.41
CA GLN C 221 40.46 14.48 8.48
C GLN C 221 40.57 13.13 7.77
N PHE C 222 39.57 12.27 7.94
CA PHE C 222 39.57 10.99 7.24
C PHE C 222 39.48 11.17 5.73
N VAL C 223 38.64 12.11 5.29
CA VAL C 223 38.52 12.38 3.85
C VAL C 223 39.84 12.89 3.30
N GLU C 224 40.51 13.78 4.02
CA GLU C 224 41.81 14.26 3.57
C GLU C 224 42.84 13.12 3.50
N GLU C 225 42.85 12.26 4.53
CA GLU C 225 43.81 11.15 4.56
C GLU C 225 43.59 10.21 3.38
N THR C 226 42.33 9.85 3.11
CA THR C 226 42.05 8.96 1.99
C THR C 226 42.23 9.65 0.65
N SER C 227 42.09 10.98 0.61
CA SER C 227 42.26 11.72 -0.64
C SER C 227 43.73 11.82 -1.02
N TYR C 228 44.62 12.00 -0.05
CA TYR C 228 46.03 11.98 -0.39
C TYR C 228 46.47 10.60 -0.84
N LYS C 229 45.80 9.54 -0.36
CA LYS C 229 46.23 8.17 -0.60
C LYS C 229 45.44 7.48 -1.72
N CYS C 230 44.64 8.22 -2.47
CA CYS C 230 43.83 7.59 -3.51
C CYS C 230 44.67 7.26 -4.73
N ASP C 231 44.05 6.54 -5.67
CA ASP C 231 44.77 6.04 -6.83
C ASP C 231 45.35 7.19 -7.67
N PHE C 232 44.59 8.26 -7.85
CA PHE C 232 45.01 9.34 -8.75
C PHE C 232 46.13 10.18 -8.14
N ILE C 233 45.99 10.55 -6.86
CA ILE C 233 47.05 11.32 -6.19
C ILE C 233 48.30 10.46 -6.07
N GLN C 234 48.14 9.17 -5.77
CA GLN C 234 49.29 8.28 -5.69
C GLN C 234 49.98 8.14 -7.04
N LYS C 235 49.18 8.05 -8.12
CA LYS C 235 49.76 7.94 -9.46
C LYS C 235 50.53 9.19 -9.84
N ILE C 236 50.01 10.36 -9.50
CA ILE C 236 50.76 11.60 -9.75
C ILE C 236 52.03 11.62 -8.92
N THR C 237 51.94 11.20 -7.64
CA THR C 237 53.11 11.21 -6.77
C THR C 237 54.19 10.27 -7.30
N LYS C 238 53.80 9.08 -7.79
CA LYS C 238 54.75 8.13 -8.33
C LYS C 238 55.30 8.54 -9.70
N THR C 239 54.93 9.72 -10.19
CA THR C 239 55.37 10.16 -11.51
C THR C 239 56.04 11.54 -11.43
N PHE C 247 51.92 19.00 -4.02
CA PHE C 247 51.08 19.40 -5.15
C PHE C 247 49.60 19.28 -4.79
N TYR C 248 49.27 18.28 -3.98
CA TYR C 248 47.88 18.02 -3.64
C TYR C 248 47.33 19.07 -2.68
N TYR C 249 48.14 19.47 -1.69
CA TYR C 249 47.65 20.42 -0.69
C TYR C 249 47.48 21.82 -1.27
N GLU C 250 48.36 22.22 -2.20
CA GLU C 250 48.20 23.52 -2.83
C GLU C 250 46.96 23.56 -3.71
N CYS C 251 46.72 22.49 -4.47
CA CYS C 251 45.50 22.41 -5.26
C CYS C 251 44.28 22.38 -4.34
N LYS C 252 44.39 21.72 -3.20
CA LYS C 252 43.29 21.71 -2.24
C LYS C 252 43.01 23.12 -1.72
N GLN C 253 44.07 23.89 -1.44
CA GLN C 253 43.88 25.27 -1.01
C GLN C 253 43.19 26.10 -2.10
N GLU C 254 43.60 25.90 -3.36
CA GLU C 254 42.95 26.60 -4.46
C GLU C 254 41.46 26.25 -4.54
N ARG C 255 41.14 24.96 -4.42
CA ARG C 255 39.74 24.53 -4.44
C ARG C 255 38.98 25.10 -3.24
N ILE C 256 39.61 25.14 -2.08
CA ILE C 256 38.97 25.72 -0.89
C ILE C 256 38.60 27.16 -1.14
N LYS C 257 39.53 27.95 -1.66
CA LYS C 257 39.25 29.36 -1.92
C LYS C 257 38.14 29.51 -2.96
N GLU C 258 38.23 28.77 -4.07
CA GLU C 258 37.24 28.91 -5.14
C GLU C 258 35.85 28.50 -4.68
N TYR C 259 35.75 27.38 -3.96
CA TYR C 259 34.45 26.86 -3.56
C TYR C 259 33.87 27.66 -2.40
N GLU C 260 34.71 28.23 -1.54
CA GLU C 260 34.20 29.13 -0.51
C GLU C 260 33.68 30.42 -1.14
N MET C 261 34.34 30.89 -2.20
CA MET C 261 33.79 32.02 -2.94
C MET C 261 32.45 31.69 -3.58
N LEU C 262 32.35 30.50 -4.19
CA LEU C 262 31.17 30.16 -4.98
C LEU C 262 29.97 29.78 -4.13
N PHE C 263 30.19 29.04 -3.04
CA PHE C 263 29.09 28.42 -2.30
C PHE C 263 28.82 29.05 -0.94
N LEU C 264 29.69 29.91 -0.43
CA LEU C 264 29.53 30.49 0.88
C LEU C 264 29.34 31.99 0.78
N VAL C 265 28.66 32.55 1.77
CA VAL C 265 28.49 33.98 1.92
C VAL C 265 29.37 34.40 3.08
N SER C 266 30.56 34.94 2.77
CA SER C 266 31.53 35.27 3.80
C SER C 266 31.00 36.34 4.74
N ASN C 267 30.31 37.34 4.20
CA ASN C 267 29.76 38.41 5.02
C ASN C 267 28.58 37.86 5.84
N GLU C 268 28.69 37.97 7.16
CA GLU C 268 27.64 37.45 8.04
C GLU C 268 26.34 38.23 7.87
N GLU C 269 26.44 39.55 7.69
CA GLU C 269 25.24 40.37 7.54
C GLU C 269 24.51 40.06 6.24
N MET C 270 25.25 39.88 5.15
CA MET C 270 24.63 39.51 3.88
C MET C 270 23.97 38.14 3.97
N HIS C 271 24.62 37.19 4.65
CA HIS C 271 24.03 35.87 4.82
C HIS C 271 22.77 35.95 5.67
N LYS C 272 22.78 36.76 6.73
CA LYS C 272 21.58 36.94 7.54
C LYS C 272 20.45 37.54 6.71
N GLN C 273 20.78 38.52 5.87
CA GLN C 273 19.77 39.09 4.98
C GLN C 273 19.18 38.04 4.05
N ILE C 274 20.04 37.19 3.47
CA ILE C 274 19.57 36.13 2.59
C ILE C 274 18.66 35.17 3.34
N LEU C 275 19.09 34.76 4.54
CA LEU C 275 18.31 33.80 5.32
C LEU C 275 16.96 34.36 5.73
N MET C 276 16.92 35.64 6.10
CA MET C 276 15.65 36.28 6.41
C MET C 276 14.76 36.35 5.17
N THR C 277 15.35 36.66 4.01
CA THR C 277 14.56 36.76 2.79
C THR C 277 13.97 35.41 2.38
N ILE C 278 14.73 34.32 2.57
CA ILE C 278 14.30 33.00 2.10
C ILE C 278 13.59 32.25 3.22
N GLY C 279 13.16 32.98 4.24
CA GLY C 279 12.38 32.38 5.32
C GLY C 279 13.12 31.41 6.21
N LEU C 280 14.36 31.73 6.57
CA LEU C 280 15.15 30.93 7.50
C LEU C 280 15.47 31.74 8.74
N GLU C 281 14.47 32.44 9.28
CA GLU C 281 14.67 33.26 10.46
C GLU C 281 15.04 32.43 11.69
N ASN C 282 14.62 31.16 11.72
CA ASN C 282 15.00 30.27 12.81
C ASN C 282 16.50 29.99 12.86
N LEU C 283 17.23 30.28 11.79
CA LEU C 283 18.67 30.07 11.73
C LEU C 283 19.44 31.37 11.63
N CYS C 284 18.81 32.50 11.95
CA CYS C 284 19.45 33.80 11.86
C CYS C 284 20.06 34.28 13.18
N GLU C 285 19.84 33.57 14.28
CA GLU C 285 20.37 33.94 15.58
C GLU C 285 21.31 32.85 16.08
N ASN C 286 22.33 33.29 16.82
CA ASN C 286 23.30 32.34 17.36
C ASN C 286 22.66 31.48 18.45
N PRO C 287 23.16 30.25 18.63
CA PRO C 287 24.27 29.60 17.94
C PRO C 287 23.87 28.94 16.63
N TYR C 288 22.60 29.01 16.25
CA TYR C 288 22.13 28.31 15.06
C TYR C 288 22.71 28.93 13.79
N PHE C 289 22.85 30.26 13.76
CA PHE C 289 23.47 30.91 12.61
C PHE C 289 24.92 30.46 12.44
N SER C 290 25.70 30.52 13.53
CA SER C 290 27.09 30.09 13.47
C SER C 290 27.21 28.60 13.23
N ASN C 291 26.32 27.79 13.80
CA ASN C 291 26.36 26.35 13.56
C ASN C 291 26.10 26.04 12.08
N LEU C 292 25.11 26.70 11.49
CA LEU C 292 24.83 26.49 10.07
C LEU C 292 26.00 26.93 9.20
N ARG C 293 26.60 28.08 9.52
CA ARG C 293 27.73 28.54 8.72
C ARG C 293 28.93 27.59 8.86
N GLN C 294 29.17 27.08 10.07
CA GLN C 294 30.27 26.14 10.26
C GLN C 294 30.01 24.83 9.54
N ASN C 295 28.77 24.34 9.55
CA ASN C 295 28.44 23.12 8.83
C ASN C 295 28.63 23.32 7.32
N MET C 296 28.20 24.46 6.80
CA MET C 296 28.41 24.76 5.39
C MET C 296 29.90 24.83 5.06
N LYS C 297 30.69 25.45 5.94
CA LYS C 297 32.13 25.52 5.71
C LYS C 297 32.76 24.13 5.73
N ASP C 298 32.33 23.27 6.65
CA ASP C 298 32.88 21.91 6.71
C ASP C 298 32.53 21.12 5.45
N LEU C 299 31.29 21.23 4.99
CA LEU C 299 30.91 20.54 3.76
C LEU C 299 31.67 21.09 2.55
N ILE C 300 31.90 22.40 2.49
CA ILE C 300 32.68 22.97 1.40
C ILE C 300 34.13 22.49 1.46
N LEU C 301 34.68 22.37 2.67
CA LEU C 301 36.03 21.84 2.83
C LEU C 301 36.12 20.40 2.34
N LEU C 302 35.13 19.58 2.70
CA LEU C 302 35.12 18.20 2.23
C LEU C 302 35.01 18.13 0.71
N LEU C 303 34.15 18.98 0.13
CA LEU C 303 34.00 19.01 -1.31
C LEU C 303 35.29 19.42 -2.00
N ALA C 304 35.97 20.43 -1.46
CA ALA C 304 37.25 20.85 -2.02
C ALA C 304 38.29 19.74 -1.93
N THR C 305 38.31 19.04 -0.80
CA THR C 305 39.23 17.92 -0.63
C THR C 305 38.98 16.85 -1.68
N VAL C 306 37.72 16.46 -1.86
CA VAL C 306 37.39 15.41 -2.83
C VAL C 306 37.69 15.88 -4.26
N ALA C 307 37.37 17.13 -4.57
CA ALA C 307 37.61 17.64 -5.92
C ALA C 307 39.10 17.72 -6.23
N SER C 308 39.91 18.11 -5.26
CA SER C 308 41.35 18.13 -5.46
C SER C 308 41.98 16.75 -5.43
N SER C 309 41.26 15.74 -4.91
CA SER C 309 41.76 14.38 -5.00
C SER C 309 41.87 13.89 -6.45
N VAL C 310 41.16 14.53 -7.38
CA VAL C 310 41.30 14.24 -8.81
C VAL C 310 41.68 15.56 -9.47
N PRO C 311 42.92 16.01 -9.34
CA PRO C 311 43.24 17.40 -9.66
C PRO C 311 43.51 17.63 -11.14
N ASN C 312 43.33 18.88 -11.54
CA ASN C 312 43.76 19.36 -12.86
C ASN C 312 45.23 19.77 -12.75
N PHE C 313 46.10 18.77 -12.69
CA PHE C 313 47.52 18.96 -12.41
C PHE C 313 48.33 18.45 -13.58
N LYS C 314 49.25 19.31 -14.06
CA LYS C 314 50.14 18.97 -15.17
C LYS C 314 49.35 18.48 -16.38
N HIS C 315 49.81 17.40 -17.01
CA HIS C 315 49.10 16.77 -18.11
C HIS C 315 48.43 15.47 -17.67
N PHE C 316 48.21 15.31 -16.38
CA PHE C 316 47.54 14.11 -15.87
C PHE C 316 46.07 14.11 -16.23
N GLY C 317 45.62 13.03 -16.81
CA GLY C 317 44.23 12.89 -17.19
C GLY C 317 43.92 11.43 -17.51
N PHE C 318 42.72 11.21 -18.01
CA PHE C 318 42.29 9.86 -18.37
C PHE C 318 42.63 9.60 -19.83
N TYR C 319 43.54 8.66 -20.06
CA TYR C 319 44.03 8.36 -21.40
C TYR C 319 44.13 6.86 -21.60
N ARG C 320 44.69 6.49 -22.75
CA ARG C 320 44.85 5.10 -23.20
C ARG C 320 43.50 4.47 -23.51
N ASN C 331 35.48 4.76 -28.11
CA ASN C 331 36.91 4.80 -28.38
C ASN C 331 37.48 6.19 -28.16
N GLN C 332 36.65 7.21 -28.34
CA GLN C 332 37.05 8.59 -28.15
C GLN C 332 36.85 8.99 -26.70
N SER C 333 37.90 9.53 -26.09
CA SER C 333 37.82 9.92 -24.69
C SER C 333 36.94 11.16 -24.52
N LEU C 334 36.39 11.30 -23.31
CA LEU C 334 35.62 12.46 -22.95
C LEU C 334 36.54 13.67 -22.78
N PRO C 335 35.98 14.88 -22.81
CA PRO C 335 36.76 16.03 -22.35
C PRO C 335 37.23 15.81 -20.93
N GLN C 336 38.49 16.19 -20.67
CA GLN C 336 39.11 15.83 -19.40
C GLN C 336 38.40 16.45 -18.21
N GLU C 337 37.79 17.63 -18.40
CA GLU C 337 37.06 18.26 -17.31
C GLU C 337 35.84 17.43 -16.90
N ILE C 338 35.10 16.91 -17.87
CA ILE C 338 33.92 16.10 -17.56
C ILE C 338 34.34 14.78 -16.93
N ALA C 339 35.44 14.19 -17.42
CA ALA C 339 35.95 12.96 -16.83
C ALA C 339 36.35 13.18 -15.37
N ARG C 340 37.02 14.30 -15.09
CA ARG C 340 37.38 14.61 -13.71
C ARG C 340 36.14 14.83 -12.86
N HIS C 341 35.13 15.51 -13.41
CA HIS C 341 33.91 15.76 -12.66
C HIS C 341 33.18 14.45 -12.31
N CYS C 342 33.08 13.54 -13.27
CA CYS C 342 32.44 12.26 -13.00
C CYS C 342 33.26 11.41 -12.04
N MET C 343 34.58 11.45 -12.15
CA MET C 343 35.42 10.74 -11.19
C MET C 343 35.23 11.28 -9.79
N VAL C 344 35.08 12.60 -9.67
CA VAL C 344 34.82 13.19 -8.35
C VAL C 344 33.44 12.78 -7.84
N GLN C 345 32.45 12.67 -8.74
CA GLN C 345 31.15 12.14 -8.33
C GLN C 345 31.30 10.76 -7.71
N ALA C 346 31.99 9.86 -8.42
CA ALA C 346 32.19 8.50 -7.91
C ALA C 346 32.99 8.51 -6.61
N ARG C 347 33.95 9.42 -6.51
CA ARG C 347 34.76 9.52 -5.30
C ARG C 347 33.95 9.97 -4.10
N LEU C 348 33.03 10.93 -4.31
CA LEU C 348 32.12 11.34 -3.24
C LEU C 348 31.22 10.18 -2.85
N LEU C 349 30.78 9.37 -3.82
CA LEU C 349 30.00 8.18 -3.48
C LEU C 349 30.83 7.17 -2.71
N ALA C 350 32.13 7.11 -2.95
CA ALA C 350 32.99 6.15 -2.27
C ALA C 350 32.99 6.31 -0.76
N TYR C 351 32.62 7.49 -0.25
CA TYR C 351 32.57 7.74 1.19
C TYR C 351 31.28 7.28 1.85
N ARG C 352 30.34 6.74 1.07
CA ARG C 352 29.16 6.08 1.61
C ARG C 352 29.38 4.60 1.84
N THR C 353 30.63 4.14 1.70
CA THR C 353 30.92 2.71 1.74
C THR C 353 30.57 2.09 3.09
N GLU C 354 30.12 0.84 3.05
CA GLU C 354 29.96 0.04 4.24
C GLU C 354 31.20 -0.79 4.55
N ASP C 355 32.15 -0.88 3.62
CA ASP C 355 33.42 -1.54 3.90
C ASP C 355 34.19 -0.74 4.95
N HIS C 356 34.85 -1.45 5.85
CA HIS C 356 35.55 -0.81 6.96
C HIS C 356 36.97 -0.40 6.62
N LYS C 357 37.48 -0.79 5.44
CA LYS C 357 38.84 -0.46 5.07
C LYS C 357 38.92 0.39 3.81
N THR C 358 38.28 -0.01 2.72
CA THR C 358 38.43 0.64 1.43
C THR C 358 37.07 1.05 0.89
N GLY C 359 36.95 2.32 0.51
CA GLY C 359 35.73 2.83 -0.10
C GLY C 359 35.91 3.01 -1.60
N VAL C 360 35.00 2.41 -2.35
CA VAL C 360 35.00 2.46 -3.81
C VAL C 360 33.68 3.02 -4.29
N GLY C 361 33.73 3.92 -5.26
CA GLY C 361 32.55 4.52 -5.84
C GLY C 361 32.53 4.35 -7.34
N ALA C 362 31.33 4.37 -7.91
CA ALA C 362 31.15 4.17 -9.34
C ALA C 362 29.97 4.99 -9.84
N VAL C 363 30.16 5.69 -10.95
CA VAL C 363 29.09 6.42 -11.62
C VAL C 363 29.03 5.99 -13.08
N ILE C 364 27.83 5.72 -13.57
CA ILE C 364 27.60 5.40 -14.97
C ILE C 364 26.86 6.57 -15.60
N TRP C 365 27.46 7.15 -16.63
CA TRP C 365 26.90 8.23 -17.42
C TRP C 365 26.78 7.77 -18.86
N ALA C 366 25.88 8.40 -19.61
CA ALA C 366 25.74 8.10 -21.03
C ALA C 366 25.58 9.39 -21.81
N GLU C 367 26.07 9.38 -23.05
CA GLU C 367 25.99 10.53 -23.95
C GLU C 367 24.89 10.27 -24.97
N GLY C 368 23.84 11.09 -24.93
CA GLY C 368 22.77 10.95 -25.89
C GLY C 368 23.18 11.39 -27.28
N LYS C 369 22.51 10.81 -28.27
CA LYS C 369 22.78 11.17 -29.66
C LYS C 369 22.29 12.58 -29.98
N SER C 370 21.13 12.95 -29.46
CA SER C 370 20.48 14.22 -29.79
C SER C 370 20.74 15.26 -28.73
N ARG C 371 20.34 16.49 -29.03
CA ARG C 371 20.49 17.60 -28.10
C ARG C 371 19.61 17.39 -26.87
N SER C 372 20.07 17.91 -25.73
CA SER C 372 19.36 17.79 -24.47
C SER C 372 19.19 19.17 -23.84
N CYS C 373 18.15 19.28 -23.01
CA CYS C 373 17.88 20.53 -22.31
C CYS C 373 18.74 20.72 -21.06
N ASP C 374 19.40 19.66 -20.60
CA ASP C 374 20.16 19.72 -19.36
C ASP C 374 21.41 20.57 -19.53
N GLY C 375 21.93 21.03 -18.39
CA GLY C 375 23.20 21.73 -18.37
C GLY C 375 24.42 20.85 -18.54
N THR C 376 24.24 19.53 -18.47
CA THR C 376 25.29 18.57 -18.73
C THR C 376 25.44 18.23 -20.21
N GLY C 377 24.64 18.86 -21.07
CA GLY C 377 24.69 18.58 -22.49
C GLY C 377 24.05 17.26 -22.84
N ALA C 378 24.61 16.56 -23.84
CA ALA C 378 24.08 15.26 -24.23
C ALA C 378 24.29 14.21 -23.14
N MET C 379 25.22 14.44 -22.22
CA MET C 379 25.48 13.47 -21.17
C MET C 379 24.37 13.49 -20.13
N TYR C 380 23.89 12.30 -19.76
CA TYR C 380 22.87 12.15 -18.74
C TYR C 380 23.28 11.05 -17.76
N PHE C 381 22.87 11.23 -16.51
CA PHE C 381 23.22 10.28 -15.46
C PHE C 381 22.43 8.98 -15.62
N VAL C 382 23.13 7.86 -15.47
CA VAL C 382 22.53 6.54 -15.65
C VAL C 382 22.44 5.79 -14.32
N GLY C 383 23.53 5.76 -13.55
CA GLY C 383 23.53 5.00 -12.32
C GLY C 383 24.67 5.38 -11.41
N CYS C 384 24.56 4.98 -10.16
CA CYS C 384 25.61 5.23 -9.19
C CYS C 384 25.62 4.11 -8.15
N GLY C 385 26.78 3.94 -7.52
CA GLY C 385 26.90 2.91 -6.51
C GLY C 385 28.20 3.02 -5.75
N TYR C 386 28.24 2.33 -4.61
CA TYR C 386 29.44 2.21 -3.81
C TYR C 386 29.50 0.78 -3.27
N ASN C 387 30.67 0.39 -2.78
CA ASN C 387 30.83 -0.96 -2.24
C ASN C 387 30.14 -1.06 -0.89
N ALA C 388 29.22 -2.01 -0.78
CA ALA C 388 28.43 -2.19 0.44
C ALA C 388 27.87 -3.59 0.45
N PHE C 389 27.39 -4.01 1.61
CA PHE C 389 26.72 -5.29 1.75
C PHE C 389 25.30 -5.20 1.20
N PRO C 390 24.66 -6.34 0.93
CA PRO C 390 23.35 -6.29 0.25
C PRO C 390 22.34 -5.46 1.02
N VAL C 391 21.47 -4.80 0.27
CA VAL C 391 20.53 -3.82 0.84
C VAL C 391 19.72 -4.46 1.97
N GLY C 392 19.54 -3.71 3.05
CA GLY C 392 18.80 -4.20 4.19
C GLY C 392 19.58 -5.09 5.12
N SER C 393 20.90 -4.92 5.17
CA SER C 393 21.77 -5.74 6.02
C SER C 393 22.21 -4.94 7.24
N GLU C 394 22.17 -5.59 8.40
CA GLU C 394 22.67 -4.99 9.62
C GLU C 394 24.20 -5.06 9.65
N TYR C 395 24.79 -4.37 10.64
CA TYR C 395 26.25 -4.32 10.73
C TYR C 395 26.84 -5.69 10.99
N ALA C 396 26.20 -6.50 11.83
CA ALA C 396 26.70 -7.82 12.18
C ALA C 396 26.19 -8.93 11.28
N ASP C 397 25.43 -8.60 10.23
CA ASP C 397 24.88 -9.62 9.35
C ASP C 397 25.97 -10.39 8.62
N PHE C 398 26.98 -9.68 8.12
CA PHE C 398 27.98 -10.31 7.26
C PHE C 398 29.38 -10.03 7.79
N PRO C 399 30.32 -10.94 7.54
CA PRO C 399 31.71 -10.70 7.96
C PRO C 399 32.29 -9.47 7.29
N HIS C 400 33.11 -8.74 8.04
CA HIS C 400 33.77 -7.54 7.55
C HIS C 400 35.27 -7.69 7.38
N MET C 401 35.82 -8.87 7.69
CA MET C 401 37.26 -9.06 7.68
C MET C 401 37.79 -9.21 6.27
N ASP C 402 39.04 -8.77 6.09
CA ASP C 402 39.75 -8.91 4.82
C ASP C 402 40.54 -10.22 4.82
N ASP C 403 41.47 -10.37 3.89
CA ASP C 403 42.24 -11.60 3.77
C ASP C 403 43.09 -11.91 5.00
N LYS C 404 43.29 -10.92 5.89
CA LYS C 404 44.05 -11.16 7.10
C LYS C 404 43.39 -12.24 7.96
N GLN C 405 42.07 -12.34 7.93
CA GLN C 405 41.39 -13.42 8.63
C GLN C 405 41.74 -14.76 7.99
N LYS C 406 41.96 -15.77 8.85
CA LYS C 406 42.43 -17.06 8.35
C LYS C 406 41.34 -17.77 7.55
N ASP C 407 40.12 -17.81 8.08
CA ASP C 407 39.03 -18.54 7.43
C ASP C 407 38.46 -17.70 6.29
N ARG C 408 38.52 -18.24 5.08
CA ARG C 408 37.97 -17.53 3.92
C ARG C 408 36.45 -17.42 3.99
N GLU C 409 35.80 -18.36 4.70
CA GLU C 409 34.35 -18.33 4.82
C GLU C 409 33.83 -17.13 5.60
N ILE C 410 34.69 -16.49 6.39
CA ILE C 410 34.28 -15.35 7.21
C ILE C 410 34.98 -14.09 6.74
N ARG C 411 35.23 -14.00 5.44
CA ARG C 411 35.74 -12.78 4.83
C ARG C 411 34.63 -12.06 4.09
N LYS C 412 34.82 -10.74 3.92
CA LYS C 412 33.78 -9.89 3.36
C LYS C 412 33.55 -10.11 1.87
N PHE C 413 34.49 -10.76 1.18
CA PHE C 413 34.52 -10.72 -0.28
C PHE C 413 33.33 -11.43 -0.90
N ARG C 414 32.93 -12.57 -0.34
CA ARG C 414 31.80 -13.32 -0.89
C ARG C 414 30.46 -12.60 -0.68
N TYR C 415 30.41 -11.57 0.15
CA TYR C 415 29.15 -10.93 0.51
C TYR C 415 29.10 -9.45 0.19
N ILE C 416 30.21 -8.84 -0.20
CA ILE C 416 30.25 -7.40 -0.45
C ILE C 416 29.83 -7.13 -1.89
N ILE C 417 28.88 -6.21 -2.07
CA ILE C 417 28.49 -5.77 -3.40
C ILE C 417 29.41 -4.64 -3.82
N HIS C 418 30.03 -4.79 -4.99
CA HIS C 418 30.99 -3.80 -5.45
C HIS C 418 30.29 -2.54 -5.96
N ALA C 419 31.08 -1.48 -6.13
CA ALA C 419 30.53 -0.20 -6.56
C ALA C 419 29.89 -0.30 -7.93
N ALA C 420 30.57 -0.96 -8.88
CA ALA C 420 30.02 -1.10 -10.21
C ALA C 420 28.77 -1.97 -10.21
N GLN C 421 28.77 -3.02 -9.39
CA GLN C 421 27.59 -3.88 -9.29
C GLN C 421 26.38 -3.09 -8.77
N ASN C 422 26.60 -2.25 -7.77
CA ASN C 422 25.50 -1.43 -7.25
C ASN C 422 25.07 -0.38 -8.25
N ALA C 423 26.02 0.20 -9.00
CA ALA C 423 25.68 1.18 -10.00
C ALA C 423 24.84 0.57 -11.11
N LEU C 424 25.17 -0.66 -11.53
CA LEU C 424 24.37 -1.33 -12.54
C LEU C 424 23.02 -1.77 -11.98
N THR C 425 23.00 -2.19 -10.71
CA THR C 425 21.76 -2.71 -10.12
C THR C 425 20.71 -1.61 -9.99
N PHE C 426 21.10 -0.46 -9.45
CA PHE C 426 20.16 0.63 -9.18
C PHE C 426 20.26 1.75 -10.20
N ARG C 427 20.50 1.40 -11.46
CA ARG C 427 20.54 2.39 -12.52
C ARG C 427 19.14 2.95 -12.77
N CYS C 428 19.07 4.26 -13.00
CA CYS C 428 17.81 4.91 -13.33
C CYS C 428 17.53 4.93 -14.84
N GLN C 429 18.49 4.54 -15.66
CA GLN C 429 18.34 4.53 -17.11
C GLN C 429 18.87 3.22 -17.66
N GLU C 430 18.34 2.84 -18.82
CA GLU C 430 18.83 1.66 -19.51
C GLU C 430 20.05 2.00 -20.34
N ILE C 431 20.99 1.05 -20.44
CA ILE C 431 22.18 1.24 -21.25
C ILE C 431 21.81 1.03 -22.71
N LYS C 432 21.82 2.11 -23.48
CA LYS C 432 21.45 2.03 -24.90
C LYS C 432 22.65 1.63 -25.73
N PRO C 433 22.53 0.57 -26.54
CA PRO C 433 23.71 0.08 -27.28
C PRO C 433 24.30 1.11 -28.25
N GLU C 434 23.47 1.97 -28.83
CA GLU C 434 23.96 2.95 -29.79
C GLU C 434 24.61 4.16 -29.15
N GLU C 435 24.44 4.36 -27.85
CA GLU C 435 25.00 5.50 -27.16
C GLU C 435 26.37 5.16 -26.58
N ARG C 436 27.20 6.19 -26.41
CA ARG C 436 28.46 6.03 -25.70
C ARG C 436 28.19 6.08 -24.20
N SER C 437 28.46 4.98 -23.52
CA SER C 437 28.23 4.88 -22.08
C SER C 437 29.54 4.65 -21.36
N MET C 438 29.74 5.39 -20.27
CA MET C 438 30.98 5.41 -19.52
C MET C 438 30.70 5.08 -18.07
N ILE C 439 31.57 4.26 -17.47
CA ILE C 439 31.53 4.00 -16.05
C ILE C 439 32.85 4.49 -15.44
N PHE C 440 32.73 5.32 -14.41
CA PHE C 440 33.87 5.87 -13.69
C PHE C 440 33.94 5.19 -12.34
N VAL C 441 35.08 4.54 -12.06
CA VAL C 441 35.28 3.79 -10.83
C VAL C 441 36.57 4.29 -10.19
N THR C 442 36.51 4.60 -8.90
CA THR C 442 37.67 5.10 -8.17
C THR C 442 38.75 4.05 -7.98
N LYS C 443 38.41 2.78 -8.18
CA LYS C 443 39.35 1.67 -8.04
C LYS C 443 39.28 0.84 -9.33
N CYS C 444 40.36 0.13 -9.60
CA CYS C 444 40.38 -0.72 -10.79
C CYS C 444 39.28 -1.77 -10.70
N PRO C 445 38.46 -1.94 -11.74
CA PRO C 445 37.40 -2.96 -11.67
C PRO C 445 37.99 -4.34 -11.49
N CYS C 446 37.35 -5.13 -10.63
CA CYS C 446 37.83 -6.46 -10.31
C CYS C 446 37.37 -7.45 -11.39
N ASP C 447 37.91 -8.67 -11.30
CA ASP C 447 37.58 -9.71 -12.27
C ASP C 447 36.12 -10.15 -12.16
N GLU C 448 35.45 -9.82 -11.05
CA GLU C 448 34.04 -10.11 -10.90
C GLU C 448 33.16 -9.02 -11.49
N CYS C 449 33.68 -7.80 -11.61
CA CYS C 449 32.91 -6.67 -12.13
C CYS C 449 33.12 -6.42 -13.62
N VAL C 450 34.31 -6.69 -14.15
CA VAL C 450 34.58 -6.41 -15.55
C VAL C 450 33.63 -7.16 -16.48
N PRO C 451 33.38 -8.46 -16.31
CA PRO C 451 32.37 -9.12 -17.17
C PRO C 451 30.99 -8.50 -17.06
N LEU C 452 30.59 -8.03 -15.87
CA LEU C 452 29.29 -7.38 -15.74
C LEU C 452 29.25 -6.07 -16.52
N ILE C 453 30.32 -5.28 -16.46
CA ILE C 453 30.39 -4.04 -17.23
C ILE C 453 30.33 -4.33 -18.72
N LYS C 454 31.08 -5.35 -19.15
CA LYS C 454 31.08 -5.71 -20.57
C LYS C 454 29.71 -6.18 -21.03
N GLY C 455 29.05 -7.03 -20.23
CA GLY C 455 27.74 -7.53 -20.60
C GLY C 455 26.65 -6.48 -20.55
N ALA C 456 26.81 -5.47 -19.69
CA ALA C 456 25.84 -4.40 -19.62
C ALA C 456 25.90 -3.47 -20.85
N GLY C 457 26.92 -3.60 -21.67
CA GLY C 457 27.07 -2.75 -22.84
C GLY C 457 27.79 -1.44 -22.59
N ILE C 458 28.42 -1.27 -21.43
CA ILE C 458 29.12 -0.02 -21.14
C ILE C 458 30.34 0.08 -22.03
N LYS C 459 30.43 1.16 -22.81
CA LYS C 459 31.45 1.28 -23.83
C LYS C 459 32.83 1.61 -23.26
N GLN C 460 32.88 2.46 -22.23
CA GLN C 460 34.15 2.95 -21.71
C GLN C 460 34.21 2.82 -20.20
N ILE C 461 35.40 2.51 -19.70
CA ILE C 461 35.68 2.45 -18.27
C ILE C 461 36.79 3.43 -17.97
N TYR C 462 36.49 4.43 -17.14
CA TYR C 462 37.49 5.34 -16.60
C TYR C 462 37.78 4.86 -15.18
N ALA C 463 39.03 4.51 -14.91
CA ALA C 463 39.34 3.77 -13.69
C ALA C 463 40.69 4.17 -13.12
N GLY C 464 40.88 3.83 -11.85
CA GLY C 464 42.21 3.82 -11.27
C GLY C 464 43.03 2.65 -11.77
N ASP C 465 44.35 2.74 -11.56
CA ASP C 465 45.28 1.83 -12.19
C ASP C 465 46.19 1.16 -11.16
N VAL C 466 45.98 1.43 -9.86
CA VAL C 466 46.92 0.96 -8.85
C VAL C 466 46.86 -0.56 -8.71
N ASP C 467 45.66 -1.12 -8.63
CA ASP C 467 45.48 -2.53 -8.33
C ASP C 467 45.49 -3.42 -9.57
N VAL C 468 45.73 -2.87 -10.75
CA VAL C 468 45.76 -3.67 -11.97
C VAL C 468 46.82 -4.75 -11.84
N GLY C 469 46.42 -6.00 -12.04
CA GLY C 469 47.31 -7.14 -11.98
C GLY C 469 47.36 -7.85 -10.64
N LYS C 470 46.76 -7.29 -9.59
CA LYS C 470 46.78 -7.93 -8.29
C LYS C 470 45.91 -9.19 -8.33
N LYS C 471 46.40 -10.25 -7.69
CA LYS C 471 45.74 -11.56 -7.67
C LYS C 471 45.67 -12.06 -6.23
N LYS C 472 44.58 -11.76 -5.55
CA LYS C 472 44.34 -12.27 -4.21
C LYS C 472 43.37 -13.44 -4.26
N ALA C 473 43.21 -14.10 -3.11
CA ALA C 473 42.45 -15.34 -3.06
C ALA C 473 40.99 -15.13 -3.45
N ASP C 474 40.36 -14.08 -2.93
CA ASP C 474 38.94 -13.85 -3.14
C ASP C 474 38.65 -12.66 -4.06
N ILE C 475 39.67 -11.99 -4.57
CA ILE C 475 39.47 -10.86 -5.48
C ILE C 475 40.72 -10.71 -6.33
N SER C 476 40.53 -10.43 -7.61
CA SER C 476 41.62 -10.33 -8.56
C SER C 476 41.34 -9.22 -9.56
N TYR C 477 42.38 -8.77 -10.23
CA TYR C 477 42.32 -7.67 -11.18
C TYR C 477 43.06 -8.02 -12.46
N MET C 478 42.82 -9.23 -12.97
CA MET C 478 43.50 -9.69 -14.18
C MET C 478 42.72 -9.41 -15.45
N ARG C 479 41.39 -9.32 -15.37
CA ARG C 479 40.58 -9.16 -16.57
C ARG C 479 40.49 -7.73 -17.06
N PHE C 480 40.87 -6.74 -16.26
CA PHE C 480 40.82 -5.36 -16.73
C PHE C 480 41.95 -5.07 -17.71
N GLY C 481 43.15 -5.59 -17.45
CA GLY C 481 44.26 -5.33 -18.35
C GLY C 481 44.08 -5.94 -19.72
N GLU C 482 43.42 -7.10 -19.79
CA GLU C 482 43.22 -7.81 -21.05
C GLU C 482 41.81 -7.65 -21.60
N LEU C 483 41.03 -6.71 -21.07
CA LEU C 483 39.64 -6.56 -21.49
C LEU C 483 39.57 -6.07 -22.93
N GLU C 484 38.73 -6.71 -23.74
CA GLU C 484 38.54 -6.38 -25.14
C GLU C 484 37.10 -5.97 -25.39
N GLY C 485 36.92 -5.05 -26.34
CA GLY C 485 35.61 -4.55 -26.69
C GLY C 485 35.13 -3.39 -25.85
N VAL C 486 35.86 -3.02 -24.80
CA VAL C 486 35.54 -1.88 -23.96
C VAL C 486 36.76 -0.98 -23.89
N SER C 487 36.58 0.29 -24.23
CA SER C 487 37.67 1.25 -24.11
C SER C 487 38.00 1.48 -22.64
N LYS C 488 39.29 1.57 -22.35
CA LYS C 488 39.78 1.76 -20.99
C LYS C 488 40.59 3.05 -20.92
N PHE C 489 40.23 3.92 -19.98
CA PHE C 489 40.94 5.18 -19.76
C PHE C 489 41.38 5.22 -18.31
N THR C 490 42.68 5.41 -18.10
CA THR C 490 43.28 5.44 -16.78
C THR C 490 43.93 6.79 -16.53
N TRP C 491 44.06 7.11 -15.24
CA TRP C 491 44.77 8.31 -14.82
C TRP C 491 46.26 8.15 -15.12
N GLN C 492 46.80 9.05 -15.93
CA GLN C 492 48.18 8.94 -16.38
C GLN C 492 48.56 10.25 -17.06
N LEU C 493 49.86 10.42 -17.30
CA LEU C 493 50.32 11.50 -18.16
C LEU C 493 49.81 11.29 -19.58
N ASN C 494 49.54 12.39 -20.26
CA ASN C 494 49.10 12.32 -21.64
C ASN C 494 50.21 11.72 -22.50
N PRO C 495 49.96 10.60 -23.20
CA PRO C 495 51.01 10.01 -24.04
C PRO C 495 51.45 10.91 -25.18
N SER C 496 50.62 11.87 -25.58
CA SER C 496 50.98 12.80 -26.64
C SER C 496 50.88 14.24 -26.16
N ILE D 50 23.09 19.38 22.17
CA ILE D 50 23.22 18.24 23.06
C ILE D 50 23.15 16.95 22.25
N PRO D 51 23.91 15.94 22.68
CA PRO D 51 23.86 14.64 22.01
C PRO D 51 22.51 13.97 22.20
N ARG D 52 22.10 13.20 21.21
CA ARG D 52 20.81 12.53 21.20
C ARG D 52 21.02 11.02 21.20
N LEU D 53 20.34 10.35 22.12
CA LEU D 53 20.33 8.89 22.12
C LEU D 53 19.56 8.38 20.91
N SER D 54 20.11 7.36 20.26
CA SER D 54 19.46 6.80 19.08
C SER D 54 18.23 5.99 19.48
N LYS D 55 17.33 5.80 18.52
CA LYS D 55 16.12 5.01 18.78
C LYS D 55 16.48 3.58 19.15
N VAL D 56 17.39 2.96 18.41
CA VAL D 56 17.72 1.56 18.66
C VAL D 56 18.45 1.40 19.98
N ASN D 57 19.33 2.32 20.34
CA ASN D 57 19.98 2.26 21.64
C ASN D 57 18.99 2.54 22.77
N LEU D 58 18.02 3.43 22.54
CA LEU D 58 16.95 3.62 23.51
C LEU D 58 16.19 2.32 23.74
N PHE D 59 15.85 1.62 22.66
CA PHE D 59 15.10 0.36 22.80
C PHE D 59 15.94 -0.72 23.49
N THR D 60 17.24 -0.79 23.16
CA THR D 60 18.11 -1.75 23.83
C THR D 60 18.21 -1.46 25.32
N LEU D 61 18.43 -0.19 25.68
CA LEU D 61 18.50 0.19 27.08
C LEU D 61 17.18 -0.09 27.79
N LEU D 62 16.07 0.15 27.11
CA LEU D 62 14.77 -0.09 27.74
C LEU D 62 14.51 -1.57 27.93
N SER D 63 14.95 -2.42 27.01
CA SER D 63 14.82 -3.86 27.21
C SER D 63 15.69 -4.33 28.38
N LEU D 64 16.91 -3.83 28.46
CA LEU D 64 17.77 -4.18 29.60
C LEU D 64 17.16 -3.72 30.91
N TRP D 65 16.58 -2.52 30.92
CA TRP D 65 15.95 -1.99 32.13
C TRP D 65 14.66 -2.75 32.46
N MET D 66 13.92 -3.19 31.44
CA MET D 66 12.72 -4.00 31.67
C MET D 66 13.07 -5.33 32.28
N GLU D 67 14.24 -5.88 31.94
CA GLU D 67 14.71 -7.08 32.63
C GLU D 67 14.88 -6.84 34.13
N LEU D 68 15.04 -5.59 34.55
CA LEU D 68 15.22 -5.24 35.95
C LEU D 68 13.92 -4.80 36.63
N PHE D 69 12.78 -5.01 35.98
CA PHE D 69 11.51 -4.60 36.58
C PHE D 69 11.28 -5.34 37.90
N PRO D 70 10.85 -4.65 38.95
CA PRO D 70 10.68 -5.31 40.25
C PRO D 70 9.62 -6.41 40.18
N ALA D 71 10.01 -7.61 40.62
CA ALA D 71 9.11 -8.75 40.60
C ALA D 71 8.01 -8.62 41.64
N VAL D 105 17.36 -20.90 32.70
CA VAL D 105 16.53 -19.88 32.09
C VAL D 105 16.66 -18.57 32.85
N LYS D 106 17.14 -17.53 32.17
CA LYS D 106 17.38 -16.24 32.78
C LYS D 106 16.26 -15.27 32.44
N ARG D 107 16.06 -14.28 33.32
CA ARG D 107 15.04 -13.27 33.11
C ARG D 107 15.36 -12.43 31.89
N THR D 108 14.33 -12.04 31.16
CA THR D 108 14.50 -11.31 29.90
C THR D 108 13.54 -10.13 29.85
N GLY D 109 14.05 -8.95 29.52
CA GLY D 109 13.22 -7.81 29.21
C GLY D 109 12.97 -7.72 27.72
N LEU D 110 11.84 -7.11 27.36
CA LEU D 110 11.41 -7.05 25.97
C LEU D 110 10.72 -5.72 25.69
N VAL D 111 11.11 -5.10 24.59
CA VAL D 111 10.48 -3.88 24.09
C VAL D 111 9.89 -4.17 22.72
N VAL D 112 8.57 -4.02 22.61
CA VAL D 112 7.86 -4.18 21.35
C VAL D 112 7.60 -2.80 20.77
N VAL D 113 8.09 -2.57 19.56
CA VAL D 113 8.03 -1.28 18.88
C VAL D 113 7.31 -1.46 17.56
N LYS D 114 6.37 -0.58 17.26
CA LYS D 114 5.66 -0.59 15.99
C LYS D 114 5.67 0.81 15.40
N ASN D 115 6.11 0.93 14.14
CA ASN D 115 6.25 2.22 13.47
C ASN D 115 7.12 3.17 14.29
N MET D 116 8.22 2.66 14.83
CA MET D 116 9.17 3.40 15.64
C MET D 116 8.55 3.95 16.91
N LYS D 117 7.41 3.40 17.33
CA LYS D 117 6.77 3.76 18.59
C LYS D 117 6.69 2.53 19.48
N ILE D 118 6.94 2.73 20.77
CA ILE D 118 6.88 1.62 21.72
C ILE D 118 5.43 1.24 21.95
N VAL D 119 5.11 -0.02 21.72
CA VAL D 119 3.77 -0.55 21.96
C VAL D 119 3.76 -1.63 23.03
N GLY D 120 4.91 -2.01 23.57
CA GLY D 120 4.92 -2.97 24.65
C GLY D 120 6.19 -2.99 25.48
N LEU D 121 6.05 -3.07 26.79
CA LEU D 121 7.17 -3.28 27.70
C LEU D 121 6.87 -4.52 28.54
N HIS D 122 7.71 -5.55 28.42
CA HIS D 122 7.41 -6.82 29.04
C HIS D 122 8.65 -7.37 29.73
N CYS D 123 8.43 -8.19 30.75
CA CYS D 123 9.48 -8.91 31.44
C CYS D 123 9.06 -10.35 31.64
N SER D 124 10.04 -11.25 31.63
CA SER D 124 9.78 -12.65 31.89
C SER D 124 9.27 -12.83 33.32
N SER D 125 8.19 -13.60 33.47
CA SER D 125 7.69 -13.97 34.78
C SER D 125 8.29 -15.31 35.17
N GLU D 126 7.84 -15.87 36.30
CA GLU D 126 8.34 -17.18 36.71
C GLU D 126 7.81 -18.29 35.81
N ASP D 127 6.65 -18.06 35.19
CA ASP D 127 6.03 -19.07 34.34
C ASP D 127 6.38 -18.92 32.87
N LEU D 128 6.36 -17.69 32.35
CA LEU D 128 6.45 -17.43 30.93
C LEU D 128 7.62 -16.52 30.60
N HIS D 129 8.30 -16.82 29.50
CA HIS D 129 9.34 -15.96 28.98
C HIS D 129 8.74 -14.69 28.38
N ALA D 130 9.60 -13.70 28.17
CA ALA D 130 9.16 -12.42 27.62
C ALA D 130 8.51 -12.58 26.25
N GLY D 131 9.07 -13.46 25.41
CA GLY D 131 8.50 -13.67 24.09
C GLY D 131 7.11 -14.29 24.13
N GLN D 132 6.93 -15.28 25.01
CA GLN D 132 5.60 -15.88 25.17
C GLN D 132 4.60 -14.86 25.72
N ILE D 133 5.04 -14.01 26.65
CA ILE D 133 4.16 -12.97 27.18
C ILE D 133 3.78 -11.98 26.09
N ALA D 134 4.75 -11.60 25.25
CA ALA D 134 4.44 -10.69 24.14
C ALA D 134 3.46 -11.34 23.17
N LEU D 135 3.62 -12.63 22.89
CA LEU D 135 2.65 -13.33 22.06
C LEU D 135 1.25 -13.27 22.69
N ILE D 136 1.14 -13.61 23.97
CA ILE D 136 -0.16 -13.61 24.63
C ILE D 136 -0.78 -12.22 24.58
N LYS D 137 0.03 -11.17 24.80
CA LYS D 137 -0.49 -9.83 24.90
C LYS D 137 -0.84 -9.22 23.55
N HIS D 138 -0.16 -9.59 22.48
CA HIS D 138 -0.33 -8.91 21.20
C HIS D 138 -0.98 -9.77 20.11
N GLY D 139 -0.66 -11.06 20.03
CA GLY D 139 -1.23 -11.87 18.97
C GLY D 139 -0.68 -11.49 17.62
N SER D 140 -1.58 -11.31 16.64
CA SER D 140 -1.19 -10.93 15.30
C SER D 140 -0.73 -9.49 15.20
N ARG D 141 -0.94 -8.68 16.25
CA ARG D 141 -0.46 -7.31 16.25
C ARG D 141 1.06 -7.23 16.29
N LEU D 142 1.75 -8.33 16.56
CA LEU D 142 3.20 -8.39 16.44
C LEU D 142 3.67 -8.34 14.99
N LYS D 143 2.76 -8.42 14.03
CA LYS D 143 3.13 -8.35 12.62
C LYS D 143 3.87 -7.05 12.32
N ASN D 144 5.00 -7.18 11.62
CA ASN D 144 5.84 -6.05 11.23
C ASN D 144 6.31 -5.23 12.43
N CYS D 145 6.47 -5.88 13.57
CA CYS D 145 6.95 -5.23 14.78
C CYS D 145 8.43 -5.52 15.00
N ASP D 146 9.10 -4.59 15.67
CA ASP D 146 10.48 -4.76 16.07
C ASP D 146 10.52 -5.13 17.55
N LEU D 147 11.16 -6.25 17.86
CA LEU D 147 11.28 -6.74 19.22
C LEU D 147 12.72 -6.59 19.67
N TYR D 148 12.90 -6.03 20.86
CA TYR D 148 14.23 -5.81 21.44
C TYR D 148 14.29 -6.62 22.72
N PHE D 149 15.13 -7.65 22.71
CA PHE D 149 15.26 -8.59 23.80
C PHE D 149 16.53 -8.29 24.60
N SER D 150 16.43 -8.39 25.92
CA SER D 150 17.62 -8.27 26.76
C SER D 150 18.50 -9.51 26.67
N ARG D 151 17.95 -10.64 26.26
CA ARG D 151 18.71 -11.86 26.00
C ARG D 151 18.14 -12.51 24.74
N LYS D 152 18.98 -13.26 24.05
CA LYS D 152 18.52 -13.91 22.83
C LYS D 152 17.40 -14.91 23.16
N PRO D 153 16.24 -14.81 22.54
CA PRO D 153 15.12 -15.69 22.91
C PRO D 153 15.40 -17.14 22.55
N CYS D 154 14.75 -18.04 23.29
CA CYS D 154 14.85 -19.46 23.02
C CYS D 154 14.12 -19.82 21.73
N SER D 155 14.33 -21.06 21.28
CA SER D 155 13.69 -21.52 20.05
C SER D 155 12.17 -21.53 20.18
N ALA D 156 11.65 -21.91 21.35
CA ALA D 156 10.20 -21.92 21.55
C ALA D 156 9.63 -20.51 21.46
N CYS D 157 10.33 -19.53 22.01
CA CYS D 157 9.88 -18.14 21.86
C CYS D 157 10.07 -17.65 20.43
N LEU D 158 11.21 -18.01 19.81
CA LEU D 158 11.52 -17.48 18.48
C LEU D 158 10.54 -17.98 17.43
N LYS D 159 10.16 -19.26 17.49
CA LYS D 159 9.23 -19.79 16.49
C LYS D 159 7.87 -19.12 16.58
N MET D 160 7.38 -18.88 17.81
CA MET D 160 6.11 -18.21 17.97
C MET D 160 6.19 -16.74 17.58
N ILE D 161 7.34 -16.10 17.82
CA ILE D 161 7.49 -14.70 17.45
C ILE D 161 7.54 -14.54 15.93
N VAL D 162 8.31 -15.40 15.25
CA VAL D 162 8.37 -15.30 13.79
C VAL D 162 7.05 -15.76 13.16
N ASN D 163 6.36 -16.69 13.80
CA ASN D 163 5.05 -17.10 13.31
C ASN D 163 4.06 -15.95 13.36
N ALA D 164 4.16 -15.10 14.38
CA ALA D 164 3.31 -13.92 14.50
C ALA D 164 3.63 -12.86 13.46
N GLY D 165 4.73 -12.99 12.73
CA GLY D 165 5.02 -12.10 11.63
C GLY D 165 5.82 -10.87 11.96
N VAL D 166 6.65 -10.92 13.02
CA VAL D 166 7.46 -9.75 13.36
C VAL D 166 8.48 -9.48 12.26
N ASN D 167 8.90 -8.22 12.18
CA ASN D 167 9.87 -7.80 11.17
C ASN D 167 11.30 -8.06 11.61
N ARG D 168 11.67 -7.56 12.79
CA ARG D 168 13.06 -7.53 13.23
C ARG D 168 13.14 -7.90 14.71
N ILE D 169 14.14 -8.68 15.07
CA ILE D 169 14.37 -9.13 16.43
C ILE D 169 15.82 -8.80 16.80
N SER D 170 16.01 -7.72 17.53
CA SER D 170 17.32 -7.35 18.05
C SER D 170 17.49 -7.92 19.44
N TYR D 171 18.69 -8.37 19.76
CA TYR D 171 18.95 -8.91 21.08
C TYR D 171 20.30 -8.43 21.61
N TRP D 172 20.38 -8.37 22.93
CA TRP D 172 21.61 -8.02 23.63
C TRP D 172 22.53 -9.24 23.63
N PRO D 173 23.76 -9.13 23.09
CA PRO D 173 24.57 -10.33 22.87
C PRO D 173 25.32 -10.82 24.11
N ALA D 174 24.62 -10.87 25.24
CA ALA D 174 25.10 -11.51 26.45
C ALA D 174 24.60 -12.95 26.48
N ASP D 175 24.68 -13.58 27.64
CA ASP D 175 24.14 -14.91 27.82
C ASP D 175 22.66 -14.93 27.41
N PRO D 176 22.25 -15.83 26.51
CA PRO D 176 20.87 -15.82 26.03
C PRO D 176 19.86 -16.30 27.07
N GLU D 177 18.60 -16.41 26.65
CA GLU D 177 17.52 -16.82 27.55
C GLU D 177 17.81 -18.17 28.19
N ILE D 178 18.17 -19.15 27.36
CA ILE D 178 18.64 -20.44 27.87
C ILE D 178 20.12 -20.29 28.16
N SER D 179 20.47 -20.27 29.44
CA SER D 179 21.82 -19.92 29.86
C SER D 179 22.85 -20.87 29.27
N LEU D 180 23.88 -20.31 28.65
CA LEU D 180 25.03 -21.07 28.18
C LEU D 180 26.14 -21.13 29.21
N LEU D 181 25.96 -20.48 30.37
CA LEU D 181 26.93 -20.49 31.45
C LEU D 181 26.49 -21.37 32.61
N THR D 182 25.52 -22.26 32.38
CA THR D 182 25.00 -23.12 33.43
C THR D 182 26.04 -24.17 33.85
N SER D 187 23.68 -27.64 29.56
CA SER D 187 24.77 -27.30 28.64
C SER D 187 24.43 -27.78 27.23
N GLU D 188 24.28 -29.10 27.07
CA GLU D 188 23.92 -29.65 25.77
C GLU D 188 22.55 -29.16 25.32
N ASP D 189 21.59 -29.09 26.24
CA ASP D 189 20.26 -28.60 25.89
C ASP D 189 20.30 -27.15 25.46
N ALA D 190 21.08 -26.32 26.15
CA ALA D 190 21.20 -24.91 25.77
C ALA D 190 21.85 -24.76 24.41
N LYS D 191 22.91 -25.53 24.14
CA LYS D 191 23.55 -25.46 22.84
C LYS D 191 22.62 -25.92 21.73
N LEU D 192 21.84 -26.98 21.98
CA LEU D 192 20.90 -27.46 20.98
C LEU D 192 19.79 -26.44 20.74
N ASP D 193 19.34 -25.76 21.80
CA ASP D 193 18.38 -24.68 21.65
C ASP D 193 18.95 -23.54 20.82
N ALA D 194 20.22 -23.21 21.04
CA ALA D 194 20.85 -22.17 20.23
C ALA D 194 20.95 -22.57 18.77
N LYS D 195 21.28 -23.84 18.50
CA LYS D 195 21.31 -24.33 17.13
C LYS D 195 19.93 -24.25 16.49
N ALA D 196 18.88 -24.61 17.24
CA ALA D 196 17.52 -24.49 16.73
C ALA D 196 17.15 -23.03 16.46
N VAL D 197 17.61 -22.12 17.31
CA VAL D 197 17.38 -20.70 17.09
C VAL D 197 18.04 -20.25 15.79
N GLU D 198 19.28 -20.69 15.56
CA GLU D 198 19.97 -20.33 14.31
C GLU D 198 19.24 -20.90 13.10
N ARG D 199 18.76 -22.14 13.19
CA ARG D 199 18.03 -22.73 12.07
C ARG D 199 16.72 -21.97 11.81
N LEU D 200 16.02 -21.57 12.88
CA LEU D 200 14.81 -20.77 12.70
C LEU D 200 15.13 -19.44 12.06
N LYS D 201 16.23 -18.81 12.46
CA LYS D 201 16.63 -17.53 11.88
C LYS D 201 16.97 -17.67 10.40
N SER D 202 17.62 -18.77 10.02
CA SER D 202 18.05 -18.93 8.63
C SER D 202 16.87 -19.12 7.69
N ASN D 203 15.77 -19.72 8.16
CA ASN D 203 14.64 -20.08 7.31
C ASN D 203 13.39 -19.25 7.61
N SER D 204 13.57 -18.02 8.08
CA SER D 204 12.46 -17.12 8.36
C SER D 204 12.73 -15.75 7.76
N ARG D 205 11.66 -15.06 7.39
CA ARG D 205 11.79 -13.71 6.87
C ARG D 205 12.12 -12.69 7.96
N ALA D 206 11.89 -13.04 9.22
CA ALA D 206 12.28 -12.17 10.32
C ALA D 206 13.80 -12.12 10.43
N HIS D 207 14.32 -10.92 10.71
CA HIS D 207 15.75 -10.69 10.80
C HIS D 207 16.17 -10.65 12.26
N VAL D 208 16.93 -11.64 12.71
CA VAL D 208 17.44 -11.72 14.06
C VAL D 208 18.85 -11.16 14.07
N CYS D 209 19.10 -10.14 14.88
CA CYS D 209 20.34 -9.38 14.79
C CYS D 209 20.69 -8.76 16.14
N VAL D 210 21.90 -8.21 16.20
CA VAL D 210 22.36 -7.38 17.29
C VAL D 210 22.44 -5.95 16.74
N LEU D 211 21.58 -5.07 17.25
CA LEU D 211 21.42 -3.75 16.67
C LEU D 211 22.03 -2.63 17.50
N LEU D 212 22.65 -2.94 18.64
CA LEU D 212 23.21 -1.89 19.48
C LEU D 212 24.30 -1.13 18.74
N GLN D 213 24.25 0.18 18.83
CA GLN D 213 25.20 1.06 18.15
C GLN D 213 26.15 1.70 19.15
N PRO D 214 27.34 2.10 18.72
CA PRO D 214 28.20 2.91 19.58
C PRO D 214 27.54 4.25 19.89
N LEU D 215 27.72 4.71 21.12
CA LEU D 215 27.26 6.04 21.48
C LEU D 215 28.25 7.08 20.97
N VAL D 216 27.77 8.32 20.85
CA VAL D 216 28.68 9.41 20.50
C VAL D 216 29.67 9.64 21.63
N CYS D 217 30.74 10.35 21.31
CA CYS D 217 31.83 10.51 22.27
C CYS D 217 31.39 11.21 23.54
N TYR D 218 30.43 12.14 23.44
CA TYR D 218 30.01 12.96 24.57
C TYR D 218 28.74 12.45 25.24
N MET D 219 28.16 11.35 24.74
CA MET D 219 26.84 10.93 25.22
C MET D 219 26.88 10.56 26.70
N VAL D 220 27.89 9.81 27.13
CA VAL D 220 27.93 9.35 28.52
C VAL D 220 28.21 10.50 29.46
N GLN D 221 29.13 11.39 29.09
CA GLN D 221 29.42 12.55 29.93
C GLN D 221 28.20 13.47 30.03
N PHE D 222 27.50 13.68 28.92
CA PHE D 222 26.29 14.48 28.94
C PHE D 222 25.20 13.84 29.80
N VAL D 223 25.06 12.52 29.71
CA VAL D 223 24.07 11.83 30.53
C VAL D 223 24.41 11.97 32.00
N GLU D 224 25.68 11.85 32.36
CA GLU D 224 26.09 12.04 33.75
C GLU D 224 25.80 13.46 34.22
N GLU D 225 26.12 14.45 33.39
CA GLU D 225 25.91 15.85 33.76
C GLU D 225 24.44 16.14 33.98
N THR D 226 23.58 15.63 33.09
CA THR D 226 22.15 15.88 33.23
C THR D 226 21.54 15.06 34.35
N SER D 227 22.08 13.88 34.63
CA SER D 227 21.57 13.04 35.70
C SER D 227 21.88 13.64 37.07
N TYR D 228 23.08 14.20 37.23
CA TYR D 228 23.39 14.87 38.49
C TYR D 228 22.54 16.12 38.67
N LYS D 229 22.10 16.75 37.58
CA LYS D 229 21.31 17.97 37.64
C LYS D 229 19.83 17.72 37.47
N CYS D 230 19.39 16.46 37.48
CA CYS D 230 17.97 16.17 37.33
C CYS D 230 17.21 16.53 38.60
N ASP D 231 15.88 16.54 38.48
CA ASP D 231 15.03 17.03 39.58
C ASP D 231 15.24 16.20 40.85
N PHE D 232 15.36 14.88 40.71
CA PHE D 232 15.39 14.02 41.88
C PHE D 232 16.72 14.12 42.62
N ILE D 233 17.83 14.10 41.89
CA ILE D 233 19.14 14.24 42.51
C ILE D 233 19.27 15.63 43.14
N GLN D 234 18.78 16.66 42.46
CA GLN D 234 18.80 18.01 43.02
C GLN D 234 17.95 18.11 44.28
N LYS D 235 16.79 17.46 44.29
CA LYS D 235 15.93 17.49 45.48
C LYS D 235 16.58 16.78 46.66
N ILE D 236 17.25 15.65 46.41
CA ILE D 236 17.99 14.99 47.48
C ILE D 236 19.13 15.89 47.96
N THR D 237 19.84 16.53 47.03
CA THR D 237 20.94 17.42 47.41
C THR D 237 20.45 18.59 48.25
N LYS D 238 19.30 19.17 47.89
CA LYS D 238 18.73 20.28 48.64
C LYS D 238 18.16 19.85 49.99
N THR D 239 18.21 18.56 50.32
CA THR D 239 17.67 18.07 51.57
C THR D 239 18.73 17.36 52.41
N PHE D 247 26.73 11.45 47.15
CA PHE D 247 25.80 10.34 47.30
C PHE D 247 25.45 9.74 45.94
N TYR D 248 25.40 10.59 44.93
CA TYR D 248 24.96 10.15 43.61
C TYR D 248 26.04 9.32 42.91
N TYR D 249 27.31 9.71 43.07
CA TYR D 249 28.38 9.00 42.40
C TYR D 249 28.64 7.63 43.03
N GLU D 250 28.48 7.52 44.34
CA GLU D 250 28.64 6.22 44.99
C GLU D 250 27.52 5.26 44.58
N CYS D 251 26.29 5.76 44.52
CA CYS D 251 25.19 4.94 44.01
C CYS D 251 25.42 4.59 42.55
N LYS D 252 25.99 5.50 41.78
CA LYS D 252 26.32 5.20 40.39
C LYS D 252 27.35 4.08 40.30
N GLN D 253 28.35 4.10 41.18
CA GLN D 253 29.34 3.03 41.19
C GLN D 253 28.69 1.69 41.55
N GLU D 254 27.78 1.71 42.53
CA GLU D 254 27.07 0.49 42.90
C GLU D 254 26.26 -0.06 41.72
N ARG D 255 25.54 0.82 41.02
CA ARG D 255 24.77 0.39 39.85
C ARG D 255 25.68 -0.10 38.74
N ILE D 256 26.83 0.55 38.56
CA ILE D 256 27.78 0.10 37.54
C ILE D 256 28.22 -1.32 37.83
N LYS D 257 28.62 -1.60 39.07
CA LYS D 257 29.04 -2.95 39.42
C LYS D 257 27.92 -3.96 39.22
N GLU D 258 26.72 -3.65 39.73
CA GLU D 258 25.61 -4.60 39.64
C GLU D 258 25.22 -4.87 38.20
N TYR D 259 25.12 -3.82 37.38
CA TYR D 259 24.65 -3.99 36.00
C TYR D 259 25.73 -4.58 35.11
N GLU D 260 27.01 -4.33 35.41
CA GLU D 260 28.08 -5.02 34.70
C GLU D 260 28.10 -6.51 35.05
N MET D 261 27.78 -6.85 36.30
CA MET D 261 27.64 -8.26 36.64
C MET D 261 26.46 -8.89 35.91
N LEU D 262 25.33 -8.19 35.85
CA LEU D 262 24.12 -8.79 35.32
C LEU D 262 24.12 -8.87 33.79
N PHE D 263 24.63 -7.84 33.11
CA PHE D 263 24.45 -7.71 31.68
C PHE D 263 25.71 -7.97 30.86
N LEU D 264 26.88 -8.02 31.47
CA LEU D 264 28.13 -8.19 30.74
C LEU D 264 28.78 -9.51 31.13
N VAL D 265 29.54 -10.07 30.19
CA VAL D 265 30.35 -11.25 30.41
C VAL D 265 31.79 -10.78 30.55
N SER D 266 32.27 -10.69 31.79
CA SER D 266 33.60 -10.15 32.04
C SER D 266 34.69 -10.99 31.39
N ASN D 267 34.54 -12.31 31.44
CA ASN D 267 35.53 -13.19 30.83
C ASN D 267 35.41 -13.13 29.32
N GLU D 268 36.52 -12.75 28.66
CA GLU D 268 36.51 -12.63 27.20
C GLU D 268 36.31 -13.99 26.55
N GLU D 269 36.91 -15.04 27.09
CA GLU D 269 36.77 -16.37 26.50
C GLU D 269 35.35 -16.89 26.63
N MET D 270 34.70 -16.67 27.77
CA MET D 270 33.31 -17.08 27.93
C MET D 270 32.40 -16.32 26.97
N HIS D 271 32.65 -15.02 26.79
CA HIS D 271 31.86 -14.24 25.85
C HIS D 271 32.08 -14.73 24.42
N LYS D 272 33.32 -15.06 24.06
CA LYS D 272 33.58 -15.61 22.73
C LYS D 272 32.85 -16.92 22.53
N GLN D 273 32.83 -17.78 23.56
CA GLN D 273 32.10 -19.03 23.48
C GLN D 273 30.61 -18.78 23.26
N ILE D 274 30.05 -17.82 24.00
CA ILE D 274 28.64 -17.49 23.85
C ILE D 274 28.36 -16.98 22.44
N LEU D 275 29.21 -16.10 21.93
CA LEU D 275 28.98 -15.54 20.59
C LEU D 275 29.09 -16.60 19.52
N MET D 276 30.04 -17.53 19.67
CA MET D 276 30.13 -18.65 18.74
C MET D 276 28.87 -19.52 18.79
N THR D 277 28.37 -19.78 20.01
CA THR D 277 27.19 -20.63 20.14
C THR D 277 25.96 -19.98 19.52
N ILE D 278 25.81 -18.66 19.67
CA ILE D 278 24.60 -17.98 19.23
C ILE D 278 24.79 -17.42 17.83
N GLY D 279 25.81 -17.92 17.12
CA GLY D 279 26.01 -17.55 15.73
C GLY D 279 26.44 -16.12 15.49
N LEU D 280 27.34 -15.60 16.32
CA LEU D 280 27.92 -14.27 16.14
C LEU D 280 29.41 -14.37 15.90
N GLU D 281 29.82 -15.31 15.05
CA GLU D 281 31.23 -15.50 14.76
C GLU D 281 31.84 -14.30 14.06
N ASN D 282 31.04 -13.50 13.37
CA ASN D 282 31.53 -12.28 12.73
C ASN D 282 31.99 -11.24 13.76
N LEU D 283 31.61 -11.39 15.02
CA LEU D 283 32.00 -10.46 16.08
C LEU D 283 32.91 -11.12 17.11
N CYS D 284 33.56 -12.23 16.75
CA CYS D 284 34.41 -12.96 17.68
C CYS D 284 35.88 -12.63 17.54
N GLU D 285 36.26 -11.87 16.51
CA GLU D 285 37.66 -11.49 16.29
C GLU D 285 37.80 -9.97 16.36
N ASN D 286 38.96 -9.54 16.82
CA ASN D 286 39.22 -8.11 16.96
C ASN D 286 39.33 -7.45 15.59
N PRO D 287 38.98 -6.15 15.49
CA PRO D 287 38.53 -5.25 16.56
C PRO D 287 37.03 -5.34 16.82
N TYR D 288 36.30 -6.18 16.07
CA TYR D 288 34.86 -6.24 16.21
C TYR D 288 34.46 -6.80 17.58
N PHE D 289 35.20 -7.78 18.09
CA PHE D 289 34.92 -8.30 19.42
C PHE D 289 35.11 -7.22 20.49
N SER D 290 36.24 -6.53 20.44
CA SER D 290 36.50 -5.45 21.40
C SER D 290 35.55 -4.28 21.21
N ASN D 291 35.22 -3.95 19.95
CA ASN D 291 34.25 -2.88 19.71
C ASN D 291 32.89 -3.22 20.29
N LEU D 292 32.43 -4.46 20.10
CA LEU D 292 31.15 -4.87 20.66
C LEU D 292 31.17 -4.84 22.18
N ARG D 293 32.24 -5.34 22.78
CA ARG D 293 32.32 -5.33 24.24
C ARG D 293 32.36 -3.91 24.79
N GLN D 294 33.10 -3.01 24.13
CA GLN D 294 33.16 -1.63 24.58
C GLN D 294 31.81 -0.93 24.40
N ASN D 295 31.10 -1.21 23.32
CA ASN D 295 29.78 -0.63 23.13
C ASN D 295 28.81 -1.11 24.20
N MET D 296 28.86 -2.40 24.52
CA MET D 296 28.03 -2.94 25.59
C MET D 296 28.37 -2.29 26.93
N LYS D 297 29.67 -2.12 27.21
CA LYS D 297 30.08 -1.48 28.45
C LYS D 297 29.60 -0.03 28.52
N ASP D 298 29.68 0.69 27.40
CA ASP D 298 29.22 2.08 27.38
C ASP D 298 27.71 2.16 27.61
N LEU D 299 26.94 1.28 26.97
CA LEU D 299 25.50 1.29 27.20
C LEU D 299 25.15 0.91 28.64
N ILE D 300 25.89 -0.03 29.22
CA ILE D 300 25.64 -0.39 30.62
C ILE D 300 25.99 0.77 31.54
N LEU D 301 27.06 1.51 31.22
CA LEU D 301 27.40 2.71 31.99
C LEU D 301 26.30 3.75 31.91
N LEU D 302 25.74 3.96 30.71
CA LEU D 302 24.64 4.90 30.56
C LEU D 302 23.42 4.45 31.37
N LEU D 303 23.12 3.15 31.32
CA LEU D 303 21.98 2.63 32.08
C LEU D 303 22.19 2.81 33.58
N ALA D 304 23.40 2.55 34.07
CA ALA D 304 23.69 2.74 35.49
C ALA D 304 23.57 4.20 35.88
N THR D 305 24.06 5.10 35.02
CA THR D 305 23.92 6.53 35.28
C THR D 305 22.46 6.95 35.39
N VAL D 306 21.63 6.53 34.43
CA VAL D 306 20.23 6.92 34.45
C VAL D 306 19.51 6.30 35.63
N ALA D 307 19.82 5.04 35.97
CA ALA D 307 19.17 4.39 37.11
C ALA D 307 19.58 5.02 38.42
N SER D 308 20.83 5.50 38.52
CA SER D 308 21.27 6.21 39.70
C SER D 308 20.66 7.60 39.80
N SER D 309 20.27 8.20 38.66
CA SER D 309 19.60 9.50 38.70
C SER D 309 18.30 9.47 39.50
N VAL D 310 17.71 8.30 39.71
CA VAL D 310 16.54 8.16 40.58
C VAL D 310 16.90 7.12 41.64
N PRO D 311 17.72 7.47 42.61
CA PRO D 311 18.35 6.45 43.46
C PRO D 311 17.45 5.96 44.58
N ASN D 312 17.73 4.72 45.01
CA ASN D 312 17.17 4.16 46.23
C ASN D 312 18.03 4.64 47.39
N PHE D 313 17.85 5.89 47.76
CA PHE D 313 18.71 6.58 48.72
C PHE D 313 17.89 7.08 49.90
N LYS D 314 18.37 6.79 51.10
CA LYS D 314 17.76 7.25 52.36
C LYS D 314 16.29 6.84 52.36
N HIS D 315 15.36 7.74 52.67
CA HIS D 315 13.93 7.45 52.59
C HIS D 315 13.26 8.27 51.49
N PHE D 316 14.02 8.67 50.49
CA PHE D 316 13.47 9.44 49.38
C PHE D 316 12.64 8.56 48.47
N GLY D 317 11.45 9.03 48.14
CA GLY D 317 10.54 8.31 47.28
C GLY D 317 9.43 9.22 46.81
N PHE D 318 8.44 8.62 46.18
CA PHE D 318 7.30 9.36 45.65
C PHE D 318 6.19 9.33 46.68
N TYR D 319 5.82 10.51 47.19
CA TYR D 319 4.85 10.61 48.28
C TYR D 319 3.89 11.76 48.01
N ARG D 320 2.98 11.98 48.96
CA ARG D 320 1.85 12.90 48.86
C ARG D 320 0.84 12.41 47.84
N ASN D 331 -5.28 6.88 44.66
CA ASN D 331 -4.98 7.56 45.91
C ASN D 331 -3.82 6.88 46.64
N GLN D 332 -3.66 5.58 46.41
CA GLN D 332 -2.59 4.81 47.02
C GLN D 332 -1.41 4.74 46.08
N SER D 333 -0.22 5.06 46.60
CA SER D 333 0.97 5.07 45.78
C SER D 333 1.41 3.65 45.43
N LEU D 334 2.21 3.55 44.37
CA LEU D 334 2.81 2.29 43.97
C LEU D 334 3.92 1.93 44.94
N PRO D 335 4.37 0.67 44.93
CA PRO D 335 5.62 0.34 45.62
C PRO D 335 6.76 1.19 45.07
N GLN D 336 7.65 1.63 45.96
CA GLN D 336 8.66 2.60 45.57
C GLN D 336 9.60 2.05 44.51
N GLU D 337 9.83 0.74 44.51
CA GLU D 337 10.70 0.14 43.51
C GLU D 337 10.12 0.28 42.10
N ILE D 338 8.81 0.02 41.96
CA ILE D 338 8.18 0.13 40.65
C ILE D 338 8.10 1.59 40.21
N ALA D 339 7.82 2.50 41.15
CA ALA D 339 7.81 3.92 40.82
C ALA D 339 9.17 4.39 40.34
N ARG D 340 10.24 3.94 41.01
CA ARG D 340 11.59 4.28 40.58
C ARG D 340 11.88 3.69 39.20
N HIS D 341 11.44 2.46 38.95
CA HIS D 341 11.68 1.83 37.66
C HIS D 341 10.99 2.60 36.54
N CYS D 342 9.73 3.00 36.75
CA CYS D 342 9.00 3.75 35.73
C CYS D 342 9.59 5.14 35.53
N MET D 343 10.04 5.77 36.62
CA MET D 343 10.68 7.08 36.49
C MET D 343 11.98 6.97 35.73
N VAL D 344 12.73 5.88 35.92
CA VAL D 344 13.94 5.67 35.14
C VAL D 344 13.60 5.41 33.66
N GLN D 345 12.48 4.74 33.39
CA GLN D 345 12.02 4.61 32.01
C GLN D 345 11.81 5.99 31.39
N ALA D 346 11.08 6.85 32.09
CA ALA D 346 10.83 8.21 31.59
C ALA D 346 12.13 8.98 31.43
N ARG D 347 13.07 8.80 32.35
CA ARG D 347 14.35 9.49 32.28
C ARG D 347 15.15 9.03 31.06
N LEU D 348 15.12 7.73 30.77
CA LEU D 348 15.77 7.22 29.57
C LEU D 348 15.13 7.80 28.31
N LEU D 349 13.80 7.90 28.30
CA LEU D 349 13.13 8.51 27.16
C LEU D 349 13.46 9.99 27.02
N ALA D 350 13.76 10.67 28.13
CA ALA D 350 14.06 12.09 28.08
C ALA D 350 15.30 12.40 27.24
N TYR D 351 16.16 11.40 26.99
CA TYR D 351 17.36 11.59 26.20
C TYR D 351 17.11 11.46 24.69
N ARG D 352 15.89 11.14 24.29
CA ARG D 352 15.49 11.18 22.89
C ARG D 352 14.96 12.55 22.48
N THR D 353 15.07 13.54 23.36
CA THR D 353 14.45 14.84 23.13
C THR D 353 15.04 15.54 21.91
N GLU D 354 14.18 16.33 21.25
CA GLU D 354 14.63 17.24 20.20
C GLU D 354 14.88 18.65 20.73
N ASP D 355 14.47 18.94 21.96
CA ASP D 355 14.81 20.21 22.59
C ASP D 355 16.33 20.28 22.80
N HIS D 356 16.89 21.45 22.54
CA HIS D 356 18.33 21.63 22.62
C HIS D 356 18.82 21.94 24.03
N LYS D 357 17.92 22.18 24.98
CA LYS D 357 18.31 22.54 26.33
C LYS D 357 17.84 21.53 27.37
N THR D 358 16.55 21.19 27.39
CA THR D 358 15.98 20.37 28.45
C THR D 358 15.28 19.17 27.85
N GLY D 359 15.62 17.98 28.34
CA GLY D 359 14.97 16.75 27.93
C GLY D 359 13.99 16.27 28.99
N VAL D 360 12.76 16.01 28.56
CA VAL D 360 11.68 15.57 29.43
C VAL D 360 11.13 14.27 28.89
N GLY D 361 10.89 13.31 29.78
CA GLY D 361 10.32 12.04 29.40
C GLY D 361 9.09 11.71 30.22
N ALA D 362 8.21 10.91 29.63
CA ALA D 362 6.95 10.54 30.26
C ALA D 362 6.59 9.10 29.89
N VAL D 363 6.18 8.35 30.89
CA VAL D 363 5.66 6.99 30.70
C VAL D 363 4.31 6.86 31.39
N ILE D 364 3.33 6.33 30.68
CA ILE D 364 2.01 6.05 31.22
C ILE D 364 1.88 4.53 31.37
N TRP D 365 1.57 4.10 32.59
CA TRP D 365 1.34 2.70 32.94
C TRP D 365 -0.04 2.59 33.56
N ALA D 366 -0.61 1.39 33.51
CA ALA D 366 -1.90 1.13 34.14
C ALA D 366 -1.84 -0.20 34.88
N GLU D 367 -2.60 -0.28 35.97
CA GLU D 367 -2.70 -1.49 36.79
C GLU D 367 -4.03 -2.15 36.50
N GLY D 368 -3.98 -3.32 35.86
CA GLY D 368 -5.19 -4.08 35.62
C GLY D 368 -5.76 -4.65 36.91
N LYS D 369 -7.07 -4.85 36.91
CA LYS D 369 -7.74 -5.42 38.09
C LYS D 369 -7.53 -6.92 38.19
N SER D 370 -7.32 -7.59 37.08
CA SER D 370 -7.21 -9.05 37.05
C SER D 370 -5.75 -9.48 36.93
N ARG D 371 -5.53 -10.78 37.12
CA ARG D 371 -4.20 -11.35 37.02
C ARG D 371 -3.69 -11.27 35.58
N SER D 372 -2.38 -11.11 35.44
CA SER D 372 -1.74 -11.00 34.14
C SER D 372 -0.58 -11.99 34.05
N CYS D 373 -0.25 -12.35 32.81
CA CYS D 373 0.85 -13.27 32.56
C CYS D 373 2.21 -12.60 32.54
N ASP D 374 2.25 -11.27 32.48
CA ASP D 374 3.50 -10.54 32.36
C ASP D 374 4.31 -10.61 33.65
N GLY D 375 5.62 -10.39 33.52
CA GLY D 375 6.48 -10.26 34.68
C GLY D 375 6.32 -8.96 35.42
N THR D 376 5.62 -7.98 34.83
CA THR D 376 5.31 -6.73 35.49
C THR D 376 4.08 -6.82 36.38
N GLY D 377 3.46 -8.00 36.47
CA GLY D 377 2.27 -8.16 37.27
C GLY D 377 1.04 -7.59 36.60
N ALA D 378 0.13 -7.01 37.39
CA ALA D 378 -1.06 -6.40 36.83
C ALA D 378 -0.75 -5.13 36.06
N MET D 379 0.44 -4.55 36.25
CA MET D 379 0.80 -3.33 35.56
C MET D 379 1.18 -3.62 34.12
N TYR D 380 0.66 -2.80 33.20
CA TYR D 380 0.98 -2.92 31.79
C TYR D 380 1.29 -1.54 31.22
N PHE D 381 2.18 -1.53 30.23
CA PHE D 381 2.61 -0.29 29.62
C PHE D 381 1.50 0.28 28.73
N VAL D 382 1.25 1.57 28.88
CA VAL D 382 0.20 2.27 28.14
C VAL D 382 0.78 3.18 27.07
N GLY D 383 1.76 4.00 27.43
CA GLY D 383 2.28 4.96 26.47
C GLY D 383 3.61 5.55 26.92
N CYS D 384 4.30 6.15 25.96
CA CYS D 384 5.58 6.79 26.25
C CYS D 384 5.73 8.02 25.36
N GLY D 385 6.55 8.95 25.82
CA GLY D 385 6.79 10.16 25.05
C GLY D 385 7.95 10.96 25.61
N TYR D 386 8.46 11.85 24.76
CA TYR D 386 9.47 12.83 25.15
C TYR D 386 9.12 14.15 24.47
N ASN D 387 9.73 15.23 24.95
CA ASN D 387 9.46 16.54 24.37
C ASN D 387 10.17 16.65 23.01
N ALA D 388 9.39 16.95 21.98
CA ALA D 388 9.91 17.00 20.62
C ALA D 388 8.96 17.84 19.77
N PHE D 389 9.46 18.25 18.61
CA PHE D 389 8.64 18.97 17.66
C PHE D 389 7.72 17.98 16.93
N PRO D 390 6.67 18.46 16.28
CA PRO D 390 5.68 17.55 15.68
C PRO D 390 6.31 16.57 14.71
N VAL D 391 5.79 15.35 14.69
CA VAL D 391 6.37 14.26 13.93
C VAL D 391 6.53 14.65 12.47
N GLY D 392 7.69 14.33 11.90
CA GLY D 392 7.98 14.64 10.52
C GLY D 392 8.62 16.00 10.29
N SER D 393 9.08 16.67 11.33
CA SER D 393 9.68 17.98 11.21
C SER D 393 11.18 17.88 11.06
N GLU D 394 11.76 18.79 10.28
CA GLU D 394 13.19 18.89 10.12
C GLU D 394 13.79 19.74 11.25
N TYR D 395 15.12 19.78 11.30
CA TYR D 395 15.80 20.53 12.35
C TYR D 395 15.48 22.02 12.28
N ALA D 396 15.45 22.58 11.07
CA ALA D 396 15.19 24.00 10.88
C ALA D 396 13.71 24.32 10.66
N ASP D 397 12.83 23.32 10.79
CA ASP D 397 11.41 23.56 10.55
C ASP D 397 10.83 24.54 11.55
N PHE D 398 11.19 24.41 12.82
CA PHE D 398 10.56 25.20 13.87
C PHE D 398 11.63 25.93 14.68
N PRO D 399 11.27 27.05 15.29
CA PRO D 399 12.23 27.75 16.17
C PRO D 399 12.63 26.87 17.35
N HIS D 400 13.91 26.93 17.70
CA HIS D 400 14.47 26.16 18.79
C HIS D 400 14.83 27.01 20.00
N MET D 401 14.61 28.32 19.94
CA MET D 401 15.06 29.23 20.97
C MET D 401 14.14 29.18 22.19
N ASP D 402 14.53 29.94 23.23
CA ASP D 402 13.77 30.02 24.47
C ASP D 402 13.47 31.47 24.81
N ASP D 403 13.01 31.72 26.04
CA ASP D 403 12.65 33.07 26.47
C ASP D 403 13.78 34.08 26.29
N LYS D 404 15.02 33.61 26.11
CA LYS D 404 16.12 34.53 25.84
C LYS D 404 15.91 35.27 24.52
N GLN D 405 15.36 34.59 23.52
CA GLN D 405 15.01 35.25 22.27
C GLN D 405 13.93 36.31 22.52
N LYS D 406 14.14 37.50 21.95
CA LYS D 406 13.25 38.62 22.23
C LYS D 406 11.85 38.37 21.68
N ASP D 407 11.76 37.87 20.45
CA ASP D 407 10.47 37.69 19.79
C ASP D 407 9.84 36.39 20.26
N ARG D 408 8.64 36.48 20.85
CA ARG D 408 7.93 35.29 21.29
C ARG D 408 7.48 34.43 20.12
N GLU D 409 7.29 35.02 18.94
CA GLU D 409 6.86 34.26 17.78
C GLU D 409 7.90 33.27 17.29
N ILE D 410 9.16 33.45 17.68
CA ILE D 410 10.24 32.57 17.22
C ILE D 410 10.82 31.81 18.40
N ARG D 411 9.98 31.48 19.38
CA ARG D 411 10.36 30.61 20.48
C ARG D 411 9.77 29.22 20.29
N LYS D 412 10.42 28.23 20.92
CA LYS D 412 10.06 26.84 20.71
C LYS D 412 8.74 26.45 21.38
N PHE D 413 8.26 27.25 22.33
CA PHE D 413 7.23 26.79 23.25
C PHE D 413 5.91 26.48 22.54
N ARG D 414 5.52 27.32 21.59
CA ARG D 414 4.25 27.12 20.91
C ARG D 414 4.29 26.02 19.86
N TYR D 415 5.47 25.45 19.59
CA TYR D 415 5.59 24.40 18.59
C TYR D 415 6.14 23.10 19.14
N ILE D 416 6.59 23.06 20.39
CA ILE D 416 7.18 21.86 20.97
C ILE D 416 6.07 21.01 21.59
N ILE D 417 6.07 19.72 21.25
CA ILE D 417 5.14 18.77 21.86
C ILE D 417 5.77 18.25 23.15
N HIS D 418 5.04 18.39 24.25
CA HIS D 418 5.58 17.98 25.55
C HIS D 418 5.59 16.46 25.67
N ALA D 419 6.34 15.98 26.68
CA ALA D 419 6.50 14.55 26.87
C ALA D 419 5.16 13.87 27.17
N ALA D 420 4.34 14.48 28.04
CA ALA D 420 3.05 13.90 28.37
C ALA D 420 2.12 13.92 27.16
N GLN D 421 2.18 14.99 26.36
CA GLN D 421 1.35 15.07 25.17
C GLN D 421 1.70 13.96 24.19
N ASN D 422 3.00 13.69 24.00
CA ASN D 422 3.41 12.61 23.11
C ASN D 422 3.08 11.25 23.70
N ALA D 423 3.16 11.10 25.03
CA ALA D 423 2.80 9.85 25.66
C ALA D 423 1.32 9.54 25.49
N LEU D 424 0.47 10.56 25.59
CA LEU D 424 -0.96 10.36 25.38
C LEU D 424 -1.27 10.15 23.90
N THR D 425 -0.57 10.85 23.01
CA THR D 425 -0.87 10.77 21.58
C THR D 425 -0.59 9.38 21.03
N PHE D 426 0.58 8.81 21.35
CA PHE D 426 1.01 7.54 20.80
C PHE D 426 0.87 6.41 21.79
N ARG D 427 -0.18 6.45 22.61
CA ARG D 427 -0.44 5.37 23.54
C ARG D 427 -0.87 4.11 22.81
N CYS D 428 -0.38 2.96 23.26
CA CYS D 428 -0.76 1.68 22.70
C CYS D 428 -1.99 1.08 23.39
N GLN D 429 -2.45 1.68 24.47
CA GLN D 429 -3.59 1.18 25.22
C GLN D 429 -4.53 2.33 25.56
N GLU D 430 -5.80 2.02 25.71
CA GLU D 430 -6.77 3.00 26.16
C GLU D 430 -6.74 3.11 27.69
N ILE D 431 -7.00 4.31 28.18
CA ILE D 431 -7.04 4.56 29.62
C ILE D 431 -8.38 4.06 30.14
N LYS D 432 -8.34 2.96 30.90
CA LYS D 432 -9.56 2.41 31.47
C LYS D 432 -9.99 3.25 32.67
N PRO D 433 -11.23 3.76 32.69
CA PRO D 433 -11.66 4.59 33.83
C PRO D 433 -11.65 3.85 35.15
N GLU D 434 -11.95 2.55 35.15
CA GLU D 434 -11.99 1.79 36.39
C GLU D 434 -10.61 1.38 36.89
N GLU D 435 -9.59 1.45 36.03
CA GLU D 435 -8.24 1.05 36.39
C GLU D 435 -7.46 2.23 36.96
N ARG D 436 -6.49 1.92 37.79
CA ARG D 436 -5.53 2.92 38.26
C ARG D 436 -4.51 3.16 37.16
N SER D 437 -4.33 4.41 36.77
CA SER D 437 -3.41 4.78 35.71
C SER D 437 -2.46 5.85 36.23
N MET D 438 -1.17 5.67 35.93
CA MET D 438 -0.11 6.52 36.45
C MET D 438 0.70 7.06 35.29
N ILE D 439 1.01 8.36 35.34
CA ILE D 439 1.93 8.97 34.40
C ILE D 439 3.15 9.45 35.17
N PHE D 440 4.32 9.03 34.74
CA PHE D 440 5.61 9.38 35.35
C PHE D 440 6.28 10.36 34.41
N VAL D 441 6.53 11.57 34.90
CA VAL D 441 7.16 12.64 34.12
C VAL D 441 8.38 13.13 34.87
N THR D 442 9.50 13.25 34.15
CA THR D 442 10.76 13.66 34.77
C THR D 442 10.77 15.13 35.19
N LYS D 443 9.83 15.93 34.69
CA LYS D 443 9.71 17.32 35.05
C LYS D 443 8.26 17.58 35.45
N CYS D 444 8.06 18.61 36.27
CA CYS D 444 6.71 18.95 36.71
C CYS D 444 5.82 19.23 35.51
N PRO D 445 4.63 18.63 35.45
CA PRO D 445 3.74 18.89 34.30
C PRO D 445 3.37 20.37 34.21
N CYS D 446 3.33 20.87 32.98
CA CYS D 446 3.04 22.27 32.73
C CYS D 446 1.53 22.51 32.68
N ASP D 447 1.15 23.77 32.51
CA ASP D 447 -0.26 24.14 32.60
C ASP D 447 -1.06 23.74 31.37
N GLU D 448 -0.41 23.42 30.26
CA GLU D 448 -1.11 22.88 29.10
C GLU D 448 -1.07 21.36 29.06
N CYS D 449 -0.36 20.72 30.00
CA CYS D 449 -0.31 19.27 30.09
C CYS D 449 -1.19 18.72 31.19
N VAL D 450 -1.30 19.43 32.33
CA VAL D 450 -2.13 18.95 33.43
C VAL D 450 -3.58 18.77 33.02
N PRO D 451 -4.24 19.72 32.33
CA PRO D 451 -5.61 19.46 31.87
C PRO D 451 -5.71 18.27 30.93
N LEU D 452 -4.70 18.03 30.08
CA LEU D 452 -4.73 16.86 29.20
C LEU D 452 -4.64 15.57 30.00
N ILE D 453 -3.78 15.53 31.02
CA ILE D 453 -3.67 14.36 31.87
C ILE D 453 -4.98 14.11 32.61
N LYS D 454 -5.57 15.18 33.14
CA LYS D 454 -6.83 15.06 33.88
C LYS D 454 -7.95 14.58 32.96
N GLY D 455 -8.04 15.12 31.75
CA GLY D 455 -9.09 14.72 30.83
C GLY D 455 -8.90 13.33 30.27
N ALA D 456 -7.65 12.87 30.20
CA ALA D 456 -7.38 11.52 29.72
C ALA D 456 -7.82 10.46 30.72
N GLY D 457 -8.07 10.84 31.97
CA GLY D 457 -8.46 9.91 32.99
C GLY D 457 -7.32 9.32 33.80
N ILE D 458 -6.11 9.87 33.68
CA ILE D 458 -4.97 9.34 34.42
C ILE D 458 -5.14 9.67 35.89
N LYS D 459 -5.12 8.64 36.73
CA LYS D 459 -5.46 8.81 38.15
C LYS D 459 -4.31 9.44 38.93
N GLN D 460 -3.07 9.11 38.61
CA GLN D 460 -1.93 9.52 39.40
C GLN D 460 -0.84 10.10 38.52
N ILE D 461 -0.17 11.14 39.02
CA ILE D 461 0.98 11.75 38.38
C ILE D 461 2.16 11.64 39.33
N TYR D 462 3.21 10.96 38.90
CA TYR D 462 4.48 10.91 39.60
C TYR D 462 5.44 11.85 38.90
N ALA D 463 6.03 12.77 39.66
CA ALA D 463 6.80 13.83 39.02
C ALA D 463 7.79 14.42 40.02
N GLY D 464 8.77 15.15 39.47
CA GLY D 464 9.56 16.07 40.27
C GLY D 464 8.94 17.45 40.28
N ASP D 465 9.31 18.25 41.28
CA ASP D 465 8.72 19.57 41.46
C ASP D 465 9.79 20.63 41.67
N VAL D 466 10.80 20.64 40.80
CA VAL D 466 11.75 21.74 40.78
C VAL D 466 11.09 23.00 40.23
N ASP D 467 10.31 22.86 39.15
CA ASP D 467 9.71 23.99 38.46
C ASP D 467 8.29 24.29 38.91
N VAL D 468 7.79 23.61 39.95
CA VAL D 468 6.42 23.85 40.39
C VAL D 468 6.28 25.30 40.85
N GLY D 469 5.21 25.95 40.38
CA GLY D 469 4.97 27.34 40.69
C GLY D 469 5.64 28.34 39.79
N LYS D 470 6.50 27.89 38.87
CA LYS D 470 7.16 28.80 37.95
C LYS D 470 6.17 29.33 36.92
N LYS D 471 6.26 30.62 36.63
CA LYS D 471 5.34 31.32 35.72
C LYS D 471 6.17 32.09 34.71
N LYS D 472 6.41 31.48 33.55
CA LYS D 472 7.09 32.13 32.44
C LYS D 472 6.06 32.56 31.39
N ALA D 473 6.54 33.33 30.40
CA ALA D 473 5.63 33.93 29.44
C ALA D 473 4.89 32.88 28.61
N ASP D 474 5.60 31.86 28.14
CA ASP D 474 5.01 30.86 27.27
C ASP D 474 4.83 29.49 27.93
N ILE D 475 5.17 29.36 29.21
CA ILE D 475 5.00 28.10 29.92
C ILE D 475 4.91 28.40 31.40
N SER D 476 3.98 27.72 32.07
CA SER D 476 3.73 27.94 33.49
C SER D 476 3.49 26.61 34.17
N TYR D 477 3.65 26.59 35.50
CA TYR D 477 3.50 25.40 36.32
C TYR D 477 2.63 25.71 37.53
N MET D 478 1.52 26.39 37.29
CA MET D 478 0.60 26.74 38.37
C MET D 478 -0.52 25.73 38.56
N ARG D 479 -0.90 25.02 37.50
CA ARG D 479 -2.04 24.12 37.57
C ARG D 479 -1.72 22.81 38.28
N PHE D 480 -0.43 22.45 38.40
CA PHE D 480 -0.09 21.19 39.05
C PHE D 480 -0.28 21.26 40.55
N GLY D 481 0.10 22.39 41.17
CA GLY D 481 -0.04 22.51 42.61
C GLY D 481 -1.48 22.49 43.08
N GLU D 482 -2.38 23.06 42.28
CA GLU D 482 -3.79 23.17 42.63
C GLU D 482 -4.64 22.11 41.95
N LEU D 483 -4.02 21.10 41.35
CA LEU D 483 -4.76 20.09 40.61
C LEU D 483 -5.61 19.23 41.55
N GLU D 484 -6.88 19.06 41.20
CA GLU D 484 -7.82 18.28 41.99
C GLU D 484 -8.32 17.10 41.17
N GLY D 485 -8.61 16.00 41.87
CA GLY D 485 -9.11 14.80 41.24
C GLY D 485 -8.04 13.86 40.73
N VAL D 486 -6.78 14.26 40.75
CA VAL D 486 -5.66 13.43 40.34
C VAL D 486 -4.66 13.40 41.49
N SER D 487 -4.31 12.19 41.94
CA SER D 487 -3.29 12.06 42.98
C SER D 487 -1.94 12.48 42.44
N LYS D 488 -1.18 13.19 43.27
CA LYS D 488 0.14 13.68 42.89
C LYS D 488 1.19 13.13 43.84
N PHE D 489 2.19 12.45 43.28
CA PHE D 489 3.28 11.88 44.04
C PHE D 489 4.58 12.50 43.56
N THR D 490 5.34 13.07 44.48
CA THR D 490 6.57 13.79 44.18
C THR D 490 7.74 13.18 44.92
N TRP D 491 8.93 13.39 44.37
CA TRP D 491 10.17 12.94 45.00
C TRP D 491 10.44 13.77 46.25
N GLN D 492 10.50 13.11 47.39
CA GLN D 492 10.64 13.78 48.68
C GLN D 492 10.94 12.74 49.74
N LEU D 493 11.35 13.23 50.91
CA LEU D 493 11.45 12.35 52.08
C LEU D 493 10.07 11.84 52.45
N ASN D 494 10.04 10.62 52.98
CA ASN D 494 8.78 10.05 53.43
C ASN D 494 8.21 10.89 54.56
N PRO D 495 7.00 11.46 54.41
CA PRO D 495 6.43 12.28 55.49
C PRO D 495 6.19 11.50 56.78
N SER D 496 6.07 10.18 56.72
CA SER D 496 5.88 9.38 57.91
C SER D 496 7.19 9.16 58.64
N ILE E 50 0.55 -37.21 4.13
CA ILE E 50 -0.89 -37.21 4.37
C ILE E 50 -1.57 -36.11 3.55
N PRO E 51 -2.79 -36.37 3.09
CA PRO E 51 -3.51 -35.33 2.34
C PRO E 51 -3.90 -34.16 3.23
N ARG E 52 -3.98 -32.99 2.62
CA ARG E 52 -4.27 -31.75 3.34
C ARG E 52 -5.56 -31.15 2.81
N LEU E 53 -6.49 -30.86 3.72
CA LEU E 53 -7.70 -30.16 3.34
C LEU E 53 -7.37 -28.73 2.93
N SER E 54 -8.03 -28.25 1.88
CA SER E 54 -7.77 -26.91 1.39
C SER E 54 -8.45 -25.87 2.29
N LYS E 55 -7.93 -24.64 2.22
CA LYS E 55 -8.49 -23.56 3.03
C LYS E 55 -9.95 -23.31 2.67
N VAL E 56 -10.27 -23.26 1.38
CA VAL E 56 -11.63 -22.94 0.97
C VAL E 56 -12.58 -24.08 1.32
N ASN E 57 -12.14 -25.34 1.19
CA ASN E 57 -12.98 -26.45 1.60
C ASN E 57 -13.13 -26.51 3.12
N LEU E 58 -12.09 -26.15 3.86
CA LEU E 58 -12.20 -26.02 5.31
C LEU E 58 -13.26 -24.99 5.68
N PHE E 59 -13.24 -23.84 5.00
CA PHE E 59 -14.21 -22.79 5.32
C PHE E 59 -15.63 -23.20 4.93
N THR E 60 -15.79 -23.89 3.80
CA THR E 60 -17.10 -24.38 3.42
C THR E 60 -17.63 -25.39 4.44
N LEU E 61 -16.77 -26.33 4.85
CA LEU E 61 -17.16 -27.31 5.85
C LEU E 61 -17.51 -26.65 7.17
N LEU E 62 -16.74 -25.62 7.55
CA LEU E 62 -16.99 -24.94 8.81
C LEU E 62 -18.29 -24.14 8.76
N SER E 63 -18.62 -23.54 7.62
CA SER E 63 -19.90 -22.84 7.51
C SER E 63 -21.06 -23.83 7.59
N LEU E 64 -20.93 -24.97 6.91
CA LEU E 64 -21.96 -25.99 6.97
C LEU E 64 -22.12 -26.51 8.39
N TRP E 65 -21.01 -26.70 9.11
CA TRP E 65 -21.06 -27.15 10.49
C TRP E 65 -21.62 -26.07 11.42
N MET E 66 -21.31 -24.81 11.16
CA MET E 66 -21.85 -23.71 11.95
C MET E 66 -23.35 -23.61 11.79
N GLU E 67 -23.87 -23.98 10.62
CA GLU E 67 -25.33 -24.08 10.49
C GLU E 67 -25.92 -25.11 11.45
N LEU E 68 -25.11 -26.07 11.90
CA LEU E 68 -25.55 -27.11 12.82
C LEU E 68 -25.29 -26.75 14.28
N PHE E 69 -24.88 -25.53 14.58
CA PHE E 69 -24.59 -25.15 15.95
C PHE E 69 -25.84 -25.30 16.82
N PRO E 70 -25.74 -25.90 18.00
CA PRO E 70 -26.93 -26.14 18.82
C PRO E 70 -27.58 -24.83 19.25
N ALA E 71 -28.90 -24.75 19.06
CA ALA E 71 -29.65 -23.55 19.40
C ALA E 71 -29.99 -23.52 20.89
N VAL E 105 -37.49 -19.34 5.35
CA VAL E 105 -36.16 -18.93 5.74
C VAL E 105 -35.45 -20.05 6.49
N LYS E 106 -34.35 -20.52 5.93
CA LYS E 106 -33.60 -21.63 6.50
C LYS E 106 -32.38 -21.13 7.26
N ARG E 107 -31.98 -21.92 8.26
CA ARG E 107 -30.82 -21.57 9.08
C ARG E 107 -29.55 -21.57 8.24
N THR E 108 -28.65 -20.64 8.52
CA THR E 108 -27.44 -20.46 7.75
C THR E 108 -26.24 -20.34 8.66
N GLY E 109 -25.18 -21.07 8.37
CA GLY E 109 -23.90 -20.90 9.02
C GLY E 109 -22.98 -20.04 8.19
N LEU E 110 -22.12 -19.27 8.86
CA LEU E 110 -21.29 -18.29 8.19
C LEU E 110 -19.90 -18.30 8.80
N VAL E 111 -18.89 -18.31 7.93
CA VAL E 111 -17.48 -18.20 8.32
C VAL E 111 -16.93 -16.91 7.73
N VAL E 112 -16.45 -16.03 8.60
CA VAL E 112 -15.83 -14.78 8.19
C VAL E 112 -14.32 -14.95 8.30
N VAL E 113 -13.62 -14.76 7.17
CA VAL E 113 -12.19 -14.99 7.06
C VAL E 113 -11.54 -13.69 6.61
N LYS E 114 -10.45 -13.30 7.27
CA LYS E 114 -9.69 -12.13 6.89
C LYS E 114 -8.21 -12.49 6.82
N ASN E 115 -7.58 -12.21 5.68
CA ASN E 115 -6.18 -12.57 5.44
C ASN E 115 -5.95 -14.07 5.65
N MET E 116 -6.88 -14.87 5.15
CA MET E 116 -6.85 -16.33 5.25
C MET E 116 -6.91 -16.82 6.69
N LYS E 117 -7.31 -15.95 7.62
CA LYS E 117 -7.53 -16.33 9.00
C LYS E 117 -9.00 -16.16 9.35
N ILE E 118 -9.52 -17.10 10.13
CA ILE E 118 -10.93 -17.04 10.54
C ILE E 118 -11.08 -15.97 11.61
N VAL E 119 -11.99 -15.02 11.34
CA VAL E 119 -12.30 -13.97 12.29
C VAL E 119 -13.73 -14.01 12.77
N GLY E 120 -14.55 -14.93 12.24
CA GLY E 120 -15.91 -15.05 12.74
C GLY E 120 -16.59 -16.36 12.44
N LEU E 121 -17.30 -16.91 13.42
CA LEU E 121 -18.14 -18.08 13.23
C LEU E 121 -19.54 -17.72 13.71
N HIS E 122 -20.51 -17.71 12.80
CA HIS E 122 -21.83 -17.22 13.10
C HIS E 122 -22.88 -18.20 12.60
N CYS E 123 -24.05 -18.16 13.24
CA CYS E 123 -25.20 -18.93 12.80
C CYS E 123 -26.44 -18.05 12.86
N SER E 124 -27.37 -18.31 11.95
CA SER E 124 -28.65 -17.61 11.98
C SER E 124 -29.40 -17.93 13.27
N SER E 125 -29.93 -16.90 13.90
CA SER E 125 -30.79 -17.05 15.06
C SER E 125 -32.25 -16.99 14.60
N GLU E 126 -33.17 -17.01 15.57
CA GLU E 126 -34.57 -16.92 15.21
C GLU E 126 -34.93 -15.54 14.69
N ASP E 127 -34.21 -14.51 15.13
CA ASP E 127 -34.50 -13.14 14.73
C ASP E 127 -33.71 -12.71 13.50
N LEU E 128 -32.42 -12.98 13.47
CA LEU E 128 -31.53 -12.42 12.46
C LEU E 128 -30.84 -13.52 11.67
N HIS E 129 -30.60 -13.24 10.39
CA HIS E 129 -29.83 -14.12 9.53
C HIS E 129 -28.34 -14.02 9.84
N ALA E 130 -27.59 -14.99 9.32
CA ALA E 130 -26.15 -15.02 9.55
C ALA E 130 -25.46 -13.76 9.01
N GLY E 131 -25.90 -13.28 7.84
CA GLY E 131 -25.30 -12.07 7.28
C GLY E 131 -25.58 -10.83 8.11
N GLN E 132 -26.82 -10.70 8.60
CA GLN E 132 -27.15 -9.58 9.48
C GLN E 132 -26.36 -9.65 10.78
N ILE E 133 -26.20 -10.84 11.33
CA ILE E 133 -25.43 -11.01 12.56
C ILE E 133 -23.97 -10.64 12.31
N ALA E 134 -23.42 -11.06 11.16
CA ALA E 134 -22.06 -10.70 10.83
C ALA E 134 -21.90 -9.19 10.70
N LEU E 135 -22.88 -8.53 10.07
CA LEU E 135 -22.85 -7.08 10.00
C LEU E 135 -22.83 -6.47 11.39
N ILE E 136 -23.74 -6.90 12.26
CA ILE E 136 -23.81 -6.35 13.61
C ILE E 136 -22.49 -6.56 14.35
N LYS E 137 -21.89 -7.74 14.19
CA LYS E 137 -20.72 -8.08 14.97
C LYS E 137 -19.46 -7.39 14.46
N HIS E 138 -19.35 -7.18 13.14
CA HIS E 138 -18.09 -6.71 12.57
C HIS E 138 -18.12 -5.27 12.07
N GLY E 139 -19.24 -4.80 11.52
CA GLY E 139 -19.26 -3.43 11.01
C GLY E 139 -18.41 -3.30 9.76
N SER E 140 -17.57 -2.27 9.74
CA SER E 140 -16.69 -2.02 8.62
C SER E 140 -15.49 -2.96 8.59
N ARG E 141 -15.28 -3.76 9.64
CA ARG E 141 -14.21 -4.75 9.64
C ARG E 141 -14.46 -5.86 8.64
N LEU E 142 -15.67 -5.96 8.08
CA LEU E 142 -15.94 -6.88 7.00
C LEU E 142 -15.27 -6.47 5.70
N LYS E 143 -14.66 -5.29 5.65
CA LYS E 143 -13.97 -4.84 4.45
C LYS E 143 -12.87 -5.82 4.07
N ASN E 144 -12.84 -6.19 2.78
CA ASN E 144 -11.87 -7.12 2.22
C ASN E 144 -11.93 -8.50 2.87
N CYS E 145 -13.06 -8.87 3.44
CA CYS E 145 -13.22 -10.18 4.07
C CYS E 145 -13.87 -11.16 3.12
N ASP E 146 -13.58 -12.44 3.33
CA ASP E 146 -14.22 -13.52 2.60
C ASP E 146 -15.27 -14.17 3.50
N LEU E 147 -16.51 -14.21 3.02
CA LEU E 147 -17.62 -14.76 3.77
C LEU E 147 -18.04 -16.07 3.12
N TYR E 148 -18.14 -17.12 3.93
CA TYR E 148 -18.52 -18.45 3.48
C TYR E 148 -19.86 -18.79 4.11
N PHE E 149 -20.90 -18.83 3.28
CA PHE E 149 -22.26 -19.05 3.72
C PHE E 149 -22.67 -20.50 3.44
N SER E 150 -23.38 -21.09 4.38
CA SER E 150 -23.94 -22.43 4.16
C SER E 150 -25.12 -22.41 3.19
N ARG E 151 -25.75 -21.25 3.01
CA ARG E 151 -26.79 -21.06 2.00
C ARG E 151 -26.60 -19.68 1.38
N LYS E 152 -27.07 -19.52 0.16
CA LYS E 152 -26.92 -18.23 -0.52
C LYS E 152 -27.71 -17.16 0.24
N PRO E 153 -27.07 -16.07 0.67
CA PRO E 153 -27.78 -15.08 1.48
C PRO E 153 -28.87 -14.37 0.69
N CYS E 154 -29.89 -13.92 1.41
CA CYS E 154 -30.97 -13.15 0.83
C CYS E 154 -30.45 -11.80 0.34
N SER E 155 -31.31 -11.10 -0.40
CA SER E 155 -30.93 -9.80 -0.93
C SER E 155 -30.68 -8.79 0.18
N ALA E 156 -31.48 -8.84 1.25
CA ALA E 156 -31.28 -7.94 2.37
C ALA E 156 -29.92 -8.16 3.02
N CYS E 157 -29.53 -9.42 3.20
CA CYS E 157 -28.20 -9.71 3.73
C CYS E 157 -27.12 -9.32 2.75
N LEU E 158 -27.31 -9.63 1.47
CA LEU E 158 -26.26 -9.40 0.48
C LEU E 158 -25.97 -7.92 0.29
N LYS E 159 -27.01 -7.08 0.27
CA LYS E 159 -26.78 -5.65 0.07
C LYS E 159 -25.99 -5.05 1.24
N MET E 160 -26.33 -5.45 2.47
CA MET E 160 -25.59 -4.98 3.63
C MET E 160 -24.16 -5.49 3.61
N ILE E 161 -23.97 -6.75 3.22
CA ILE E 161 -22.63 -7.33 3.20
C ILE E 161 -21.75 -6.64 2.17
N VAL E 162 -22.29 -6.37 0.97
CA VAL E 162 -21.49 -5.69 -0.04
C VAL E 162 -21.30 -4.23 0.31
N ASN E 163 -22.25 -3.61 1.01
CA ASN E 163 -22.06 -2.26 1.50
C ASN E 163 -20.93 -2.20 2.50
N ALA E 164 -20.79 -3.23 3.34
CA ALA E 164 -19.69 -3.30 4.29
C ALA E 164 -18.34 -3.45 3.62
N GLY E 165 -18.29 -3.85 2.35
CA GLY E 165 -17.05 -3.87 1.60
C GLY E 165 -16.32 -5.19 1.57
N VAL E 166 -17.03 -6.32 1.66
CA VAL E 166 -16.36 -7.61 1.64
C VAL E 166 -15.79 -7.89 0.25
N ASN E 167 -14.85 -8.84 0.20
CA ASN E 167 -14.21 -9.21 -1.06
C ASN E 167 -14.97 -10.31 -1.78
N ARG E 168 -15.15 -11.46 -1.13
CA ARG E 168 -15.77 -12.62 -1.75
C ARG E 168 -16.90 -13.15 -0.87
N ILE E 169 -17.99 -13.56 -1.50
CA ILE E 169 -19.07 -14.29 -0.85
C ILE E 169 -19.14 -15.65 -1.53
N SER E 170 -18.58 -16.68 -0.89
CA SER E 170 -18.72 -18.04 -1.35
C SER E 170 -19.93 -18.66 -0.65
N TYR E 171 -20.73 -19.41 -1.39
CA TYR E 171 -21.91 -20.03 -0.79
C TYR E 171 -22.02 -21.48 -1.23
N TRP E 172 -22.62 -22.28 -0.35
CA TRP E 172 -22.93 -23.67 -0.64
C TRP E 172 -24.16 -23.73 -1.53
N PRO E 173 -24.08 -24.34 -2.74
CA PRO E 173 -25.14 -24.23 -3.74
C PRO E 173 -26.31 -25.19 -3.53
N ALA E 174 -26.78 -25.29 -2.30
CA ALA E 174 -28.01 -25.98 -1.97
C ALA E 174 -29.15 -24.97 -1.96
N ASP E 175 -30.29 -25.34 -1.39
CA ASP E 175 -31.39 -24.41 -1.21
C ASP E 175 -30.91 -23.16 -0.49
N PRO E 176 -31.14 -21.96 -1.04
CA PRO E 176 -30.60 -20.75 -0.42
C PRO E 176 -31.31 -20.35 0.86
N GLU E 177 -30.93 -19.19 1.41
CA GLU E 177 -31.49 -18.73 2.69
C GLU E 177 -32.99 -18.57 2.60
N ILE E 178 -33.48 -17.92 1.55
CA ILE E 178 -34.91 -17.86 1.26
C ILE E 178 -35.25 -19.12 0.47
N SER E 179 -35.94 -20.05 1.11
CA SER E 179 -36.12 -21.38 0.56
C SER E 179 -36.84 -21.34 -0.78
N LEU E 180 -36.26 -22.00 -1.77
CA LEU E 180 -36.90 -22.21 -3.07
C LEU E 180 -37.72 -23.49 -3.12
N LEU E 181 -37.70 -24.27 -2.04
CA LEU E 181 -38.44 -25.52 -1.97
C LEU E 181 -39.76 -25.38 -1.23
N THR E 182 -40.12 -24.16 -0.83
CA THR E 182 -41.35 -23.93 -0.10
C THR E 182 -42.55 -23.88 -1.05
N SER E 187 -42.79 -18.74 -2.74
CA SER E 187 -42.33 -19.17 -4.05
C SER E 187 -41.96 -17.98 -4.92
N GLU E 188 -42.95 -17.15 -5.25
CA GLU E 188 -42.70 -15.95 -6.03
C GLU E 188 -41.79 -14.99 -5.28
N ASP E 189 -41.99 -14.84 -3.97
CA ASP E 189 -41.12 -13.98 -3.17
C ASP E 189 -39.69 -14.49 -3.16
N ALA E 190 -39.51 -15.81 -3.04
CA ALA E 190 -38.16 -16.38 -3.06
C ALA E 190 -37.49 -16.16 -4.41
N LYS E 191 -38.24 -16.33 -5.50
CA LYS E 191 -37.68 -16.07 -6.82
C LYS E 191 -37.32 -14.61 -7.01
N LEU E 192 -38.15 -13.70 -6.52
CA LEU E 192 -37.83 -12.28 -6.58
C LEU E 192 -36.58 -11.97 -5.77
N ASP E 193 -36.44 -12.59 -4.59
CA ASP E 193 -35.24 -12.39 -3.78
C ASP E 193 -34.00 -12.90 -4.52
N ALA E 194 -34.12 -14.05 -5.19
CA ALA E 194 -32.99 -14.57 -5.96
C ALA E 194 -32.62 -13.63 -7.11
N LYS E 195 -33.63 -13.08 -7.79
CA LYS E 195 -33.36 -12.12 -8.86
C LYS E 195 -32.66 -10.87 -8.31
N ALA E 196 -33.11 -10.38 -7.16
CA ALA E 196 -32.46 -9.23 -6.54
C ALA E 196 -31.04 -9.55 -6.13
N VAL E 197 -30.79 -10.77 -5.64
CA VAL E 197 -29.42 -11.18 -5.31
C VAL E 197 -28.55 -11.18 -6.56
N GLU E 198 -29.07 -11.70 -7.66
CA GLU E 198 -28.31 -11.70 -8.91
C GLU E 198 -28.01 -10.28 -9.37
N ARG E 199 -29.00 -9.38 -9.28
CA ARG E 199 -28.76 -8.00 -9.68
C ARG E 199 -27.73 -7.32 -8.78
N LEU E 200 -27.80 -7.57 -7.47
CA LEU E 200 -26.80 -7.03 -6.55
C LEU E 200 -25.41 -7.55 -6.89
N LYS E 201 -25.31 -8.84 -7.22
CA LYS E 201 -24.02 -9.42 -7.58
C LYS E 201 -23.47 -8.82 -8.86
N SER E 202 -24.33 -8.57 -9.84
CA SER E 202 -23.86 -8.05 -11.13
C SER E 202 -23.33 -6.63 -11.02
N ASN E 203 -23.84 -5.84 -10.08
CA ASN E 203 -23.51 -4.42 -9.98
C ASN E 203 -22.66 -4.10 -8.75
N SER E 204 -21.92 -5.08 -8.24
CA SER E 204 -21.05 -4.87 -7.09
C SER E 204 -19.66 -5.44 -7.38
N ARG E 205 -18.65 -4.82 -6.79
CA ARG E 205 -17.29 -5.32 -6.89
C ARG E 205 -17.07 -6.57 -6.04
N ALA E 206 -17.98 -6.88 -5.12
CA ALA E 206 -17.90 -8.13 -4.39
C ALA E 206 -18.21 -9.29 -5.32
N HIS E 207 -17.45 -10.36 -5.17
CA HIS E 207 -17.55 -11.54 -6.04
C HIS E 207 -18.35 -12.61 -5.31
N VAL E 208 -19.55 -12.90 -5.81
CA VAL E 208 -20.41 -13.92 -5.25
C VAL E 208 -20.24 -15.18 -6.09
N CYS E 209 -19.86 -16.28 -5.45
CA CYS E 209 -19.43 -17.46 -6.18
C CYS E 209 -19.65 -18.72 -5.33
N VAL E 210 -19.46 -19.86 -5.98
CA VAL E 210 -19.39 -21.16 -5.34
C VAL E 210 -17.94 -21.61 -5.42
N LEU E 211 -17.28 -21.70 -4.26
CA LEU E 211 -15.85 -21.90 -4.21
C LEU E 211 -15.44 -23.29 -3.76
N LEU E 212 -16.39 -24.18 -3.49
CA LEU E 212 -16.03 -25.53 -3.03
C LEU E 212 -15.26 -26.27 -4.12
N GLN E 213 -14.17 -26.90 -3.73
CA GLN E 213 -13.30 -27.65 -4.63
C GLN E 213 -13.48 -29.14 -4.43
N PRO E 214 -13.21 -29.94 -5.46
CA PRO E 214 -13.15 -31.40 -5.25
C PRO E 214 -12.02 -31.76 -4.30
N LEU E 215 -12.29 -32.72 -3.43
CA LEU E 215 -11.25 -33.27 -2.57
C LEU E 215 -10.35 -34.19 -3.38
N VAL E 216 -9.13 -34.40 -2.87
CA VAL E 216 -8.27 -35.39 -3.49
C VAL E 216 -8.92 -36.77 -3.35
N CYS E 217 -8.50 -37.69 -4.23
CA CYS E 217 -9.19 -38.98 -4.33
C CYS E 217 -9.13 -39.79 -3.05
N TYR E 218 -8.19 -39.50 -2.16
CA TYR E 218 -8.01 -40.27 -0.93
C TYR E 218 -8.18 -39.43 0.32
N MET E 219 -8.73 -38.22 0.22
CA MET E 219 -8.93 -37.40 1.41
C MET E 219 -9.97 -38.02 2.35
N VAL E 220 -11.07 -38.55 1.79
CA VAL E 220 -12.13 -39.09 2.63
C VAL E 220 -11.67 -40.35 3.34
N GLN E 221 -10.93 -41.21 2.64
CA GLN E 221 -10.42 -42.43 3.28
C GLN E 221 -9.46 -42.09 4.41
N PHE E 222 -8.57 -41.11 4.19
CA PHE E 222 -7.65 -40.70 5.24
C PHE E 222 -8.39 -40.08 6.42
N VAL E 223 -9.43 -39.29 6.14
CA VAL E 223 -10.22 -38.70 7.21
C VAL E 223 -10.90 -39.78 8.03
N GLU E 224 -11.46 -40.79 7.36
CA GLU E 224 -12.09 -41.90 8.08
C GLU E 224 -11.06 -42.66 8.93
N GLU E 225 -9.87 -42.91 8.37
CA GLU E 225 -8.84 -43.63 9.11
C GLU E 225 -8.43 -42.87 10.36
N THR E 226 -8.20 -41.56 10.23
CA THR E 226 -7.81 -40.77 11.39
C THR E 226 -8.97 -40.55 12.35
N SER E 227 -10.21 -40.61 11.86
CA SER E 227 -11.36 -40.41 12.73
C SER E 227 -11.61 -41.64 13.59
N TYR E 228 -11.43 -42.84 13.04
CA TYR E 228 -11.55 -44.02 13.88
C TYR E 228 -10.43 -44.08 14.92
N LYS E 229 -9.28 -43.48 14.63
CA LYS E 229 -8.10 -43.58 15.48
C LYS E 229 -7.90 -42.36 16.37
N CYS E 230 -8.87 -41.46 16.45
CA CYS E 230 -8.70 -40.23 17.22
C CYS E 230 -8.89 -40.51 18.71
N ASP E 231 -8.57 -39.49 19.51
CA ASP E 231 -8.57 -39.65 20.97
C ASP E 231 -9.95 -40.04 21.49
N PHE E 232 -11.00 -39.42 20.95
CA PHE E 232 -12.34 -39.65 21.49
C PHE E 232 -12.88 -41.02 21.10
N ILE E 233 -12.72 -41.40 19.84
CA ILE E 233 -13.17 -42.73 19.41
C ILE E 233 -12.35 -43.81 20.09
N GLN E 234 -11.04 -43.59 20.23
CA GLN E 234 -10.20 -44.57 20.92
C GLN E 234 -10.59 -44.69 22.39
N LYS E 235 -10.92 -43.56 23.03
CA LYS E 235 -11.36 -43.61 24.42
C LYS E 235 -12.68 -44.35 24.56
N ILE E 236 -13.59 -44.17 23.60
CA ILE E 236 -14.82 -44.96 23.60
C ILE E 236 -14.52 -46.44 23.45
N THR E 237 -13.62 -46.79 22.53
CA THR E 237 -13.30 -48.19 22.29
C THR E 237 -12.67 -48.83 23.53
N LYS E 238 -11.79 -48.11 24.22
CA LYS E 238 -11.14 -48.63 25.41
C LYS E 238 -12.06 -48.70 26.62
N THR E 239 -13.31 -48.25 26.49
CA THR E 239 -14.25 -48.27 27.60
C THR E 239 -15.48 -49.12 27.28
N PHE E 247 -19.56 -49.16 16.70
CA PHE E 247 -20.32 -48.01 17.19
C PHE E 247 -20.07 -46.80 16.31
N TYR E 248 -18.82 -46.64 15.88
CA TYR E 248 -18.43 -45.43 15.16
C TYR E 248 -19.01 -45.42 13.75
N TYR E 249 -19.01 -46.57 13.07
CA TYR E 249 -19.48 -46.61 11.69
C TYR E 249 -21.00 -46.45 11.61
N GLU E 250 -21.74 -46.96 12.61
CA GLU E 250 -23.18 -46.77 12.61
C GLU E 250 -23.55 -45.32 12.86
N CYS E 251 -22.88 -44.67 13.81
CA CYS E 251 -23.09 -43.24 14.02
C CYS E 251 -22.68 -42.46 12.78
N LYS E 252 -21.62 -42.90 12.10
CA LYS E 252 -21.21 -42.27 10.85
C LYS E 252 -22.30 -42.37 9.80
N GLN E 253 -22.94 -43.54 9.69
CA GLN E 253 -24.04 -43.70 8.75
C GLN E 253 -25.22 -42.79 9.11
N GLU E 254 -25.51 -42.68 10.41
CA GLU E 254 -26.58 -41.78 10.84
C GLU E 254 -26.27 -40.34 10.46
N ARG E 255 -25.03 -39.89 10.71
CA ARG E 255 -24.65 -38.53 10.33
C ARG E 255 -24.70 -38.35 8.82
N ILE E 256 -24.29 -39.37 8.06
CA ILE E 256 -24.35 -39.29 6.60
C ILE E 256 -25.77 -39.04 6.15
N LYS E 257 -26.71 -39.85 6.66
CA LYS E 257 -28.11 -39.69 6.27
C LYS E 257 -28.65 -38.31 6.66
N GLU E 258 -28.41 -37.90 7.90
CA GLU E 258 -28.94 -36.63 8.37
C GLU E 258 -28.36 -35.45 7.59
N TYR E 259 -27.05 -35.45 7.36
CA TYR E 259 -26.41 -34.32 6.69
C TYR E 259 -26.68 -34.32 5.19
N GLU E 260 -26.88 -35.49 4.58
CA GLU E 260 -27.33 -35.51 3.19
C GLU E 260 -28.75 -35.00 3.07
N MET E 261 -29.60 -35.29 4.04
CA MET E 261 -30.94 -34.69 4.05
C MET E 261 -30.87 -33.18 4.19
N LEU E 262 -30.01 -32.69 5.09
CA LEU E 262 -30.01 -31.27 5.43
C LEU E 262 -29.29 -30.41 4.38
N PHE E 263 -28.19 -30.90 3.82
CA PHE E 263 -27.32 -30.07 2.99
C PHE E 263 -27.37 -30.40 1.51
N LEU E 264 -27.98 -31.50 1.11
CA LEU E 264 -28.00 -31.91 -0.28
C LEU E 264 -29.44 -31.91 -0.81
N VAL E 265 -29.55 -31.73 -2.12
CA VAL E 265 -30.81 -31.83 -2.84
C VAL E 265 -30.75 -33.13 -3.64
N SER E 266 -31.38 -34.18 -3.11
CA SER E 266 -31.29 -35.49 -3.74
C SER E 266 -31.91 -35.49 -5.13
N ASN E 267 -33.04 -34.81 -5.30
CA ASN E 267 -33.69 -34.74 -6.60
C ASN E 267 -32.86 -33.88 -7.55
N GLU E 268 -32.41 -34.48 -8.65
CA GLU E 268 -31.55 -33.76 -9.59
C GLU E 268 -32.31 -32.63 -10.29
N GLU E 269 -33.57 -32.87 -10.66
CA GLU E 269 -34.35 -31.82 -11.29
C GLU E 269 -34.61 -30.66 -10.34
N MET E 270 -34.89 -30.97 -9.08
CA MET E 270 -35.08 -29.92 -8.07
C MET E 270 -33.81 -29.10 -7.89
N HIS E 271 -32.65 -29.78 -7.85
CA HIS E 271 -31.39 -29.07 -7.72
C HIS E 271 -31.11 -28.21 -8.95
N LYS E 272 -31.44 -28.72 -10.14
CA LYS E 272 -31.29 -27.93 -11.36
C LYS E 272 -32.16 -26.68 -11.31
N GLN E 273 -33.39 -26.83 -10.82
CA GLN E 273 -34.26 -25.66 -10.66
C GLN E 273 -33.65 -24.65 -9.70
N ILE E 274 -33.10 -25.12 -8.58
CA ILE E 274 -32.47 -24.23 -7.62
C ILE E 274 -31.29 -23.50 -8.26
N LEU E 275 -30.45 -24.25 -8.98
CA LEU E 275 -29.25 -23.67 -9.58
C LEU E 275 -29.61 -22.64 -10.65
N MET E 276 -30.64 -22.92 -11.45
CA MET E 276 -31.10 -21.95 -12.43
C MET E 276 -31.63 -20.70 -11.75
N THR E 277 -32.38 -20.88 -10.64
CA THR E 277 -32.94 -19.72 -9.94
C THR E 277 -31.84 -18.84 -9.35
N ILE E 278 -30.77 -19.44 -8.83
CA ILE E 278 -29.74 -18.69 -8.12
C ILE E 278 -28.60 -18.33 -9.09
N GLY E 279 -28.88 -18.40 -10.38
CA GLY E 279 -27.91 -17.98 -11.38
C GLY E 279 -26.67 -18.84 -11.50
N LEU E 280 -26.82 -20.17 -11.43
CA LEU E 280 -25.73 -21.10 -11.63
C LEU E 280 -25.98 -21.97 -12.85
N GLU E 281 -26.41 -21.34 -13.95
CA GLU E 281 -26.72 -22.08 -15.17
C GLU E 281 -25.48 -22.73 -15.76
N ASN E 282 -24.30 -22.19 -15.48
CA ASN E 282 -23.05 -22.80 -15.95
C ASN E 282 -22.78 -24.16 -15.31
N LEU E 283 -23.50 -24.51 -14.24
CA LEU E 283 -23.33 -25.79 -13.57
C LEU E 283 -24.59 -26.64 -13.63
N CYS E 284 -25.47 -26.39 -14.61
CA CYS E 284 -26.74 -27.09 -14.70
C CYS E 284 -26.73 -28.22 -15.73
N GLU E 285 -25.67 -28.37 -16.50
CA GLU E 285 -25.56 -29.44 -17.48
C GLU E 285 -24.30 -30.25 -17.23
N ASN E 286 -24.37 -31.53 -17.58
CA ASN E 286 -23.25 -32.44 -17.32
C ASN E 286 -22.05 -32.08 -18.19
N PRO E 287 -20.84 -32.38 -17.73
CA PRO E 287 -20.49 -33.08 -16.49
C PRO E 287 -20.39 -32.15 -15.28
N TYR E 288 -20.60 -30.84 -15.48
CA TYR E 288 -20.42 -29.88 -14.40
C TYR E 288 -21.48 -30.05 -13.32
N PHE E 289 -22.72 -30.35 -13.72
CA PHE E 289 -23.78 -30.61 -12.74
C PHE E 289 -23.45 -31.81 -11.87
N SER E 290 -23.08 -32.93 -12.51
CA SER E 290 -22.74 -34.13 -11.77
C SER E 290 -21.45 -33.95 -10.98
N ASN E 291 -20.47 -33.22 -11.51
CA ASN E 291 -19.25 -32.96 -10.78
C ASN E 291 -19.53 -32.14 -9.52
N LEU E 292 -20.37 -31.11 -9.63
CA LEU E 292 -20.72 -30.31 -8.47
C LEU E 292 -21.47 -31.15 -7.43
N ARG E 293 -22.42 -31.98 -7.88
CA ARG E 293 -23.16 -32.81 -6.94
C ARG E 293 -22.24 -33.81 -6.24
N GLN E 294 -21.31 -34.41 -6.99
CA GLN E 294 -20.37 -35.35 -6.38
C GLN E 294 -19.44 -34.66 -5.40
N ASN E 295 -18.98 -33.45 -5.73
CA ASN E 295 -18.14 -32.71 -4.80
C ASN E 295 -18.89 -32.37 -3.51
N MET E 296 -20.16 -31.96 -3.65
CA MET E 296 -20.97 -31.68 -2.47
C MET E 296 -21.17 -32.94 -1.64
N LYS E 297 -21.41 -34.08 -2.30
CA LYS E 297 -21.57 -35.34 -1.58
C LYS E 297 -20.30 -35.73 -0.84
N ASP E 298 -19.13 -35.54 -1.48
CA ASP E 298 -17.87 -35.88 -0.84
C ASP E 298 -17.62 -34.99 0.38
N LEU E 299 -17.91 -33.69 0.25
CA LEU E 299 -17.74 -32.79 1.39
C LEU E 299 -18.70 -33.13 2.52
N ILE E 300 -19.95 -33.51 2.19
CA ILE E 300 -20.90 -33.91 3.22
C ILE E 300 -20.43 -35.20 3.89
N LEU E 301 -19.86 -36.12 3.12
CA LEU E 301 -19.34 -37.36 3.71
C LEU E 301 -18.19 -37.06 4.67
N LEU E 302 -17.28 -36.16 4.28
CA LEU E 302 -16.19 -35.79 5.17
C LEU E 302 -16.72 -35.12 6.43
N LEU E 303 -17.72 -34.25 6.29
CA LEU E 303 -18.31 -33.60 7.46
C LEU E 303 -18.96 -34.60 8.38
N ALA E 304 -19.68 -35.57 7.83
CA ALA E 304 -20.30 -36.61 8.65
C ALA E 304 -19.25 -37.44 9.37
N THR E 305 -18.16 -37.76 8.67
CA THR E 305 -17.06 -38.50 9.29
C THR E 305 -16.49 -37.74 10.47
N VAL E 306 -16.18 -36.46 10.28
CA VAL E 306 -15.60 -35.66 11.35
C VAL E 306 -16.59 -35.50 12.51
N ALA E 307 -17.87 -35.28 12.20
CA ALA E 307 -18.85 -35.09 13.25
C ALA E 307 -19.05 -36.36 14.07
N SER E 308 -19.05 -37.52 13.41
CA SER E 308 -19.16 -38.79 14.12
C SER E 308 -17.88 -39.15 14.86
N SER E 309 -16.74 -38.55 14.49
CA SER E 309 -15.53 -38.77 15.27
C SER E 309 -15.64 -38.27 16.70
N VAL E 310 -16.59 -37.40 17.00
CA VAL E 310 -16.88 -36.96 18.36
C VAL E 310 -18.36 -37.22 18.61
N PRO E 311 -18.77 -38.47 18.79
CA PRO E 311 -20.19 -38.80 18.70
C PRO E 311 -20.95 -38.61 20.01
N ASN E 312 -22.26 -38.46 19.86
CA ASN E 312 -23.19 -38.53 20.98
C ASN E 312 -23.50 -40.00 21.23
N PHE E 313 -22.77 -40.61 22.15
CA PHE E 313 -22.79 -42.07 22.29
C PHE E 313 -22.62 -42.46 23.74
N LYS E 314 -23.59 -43.23 24.25
CA LYS E 314 -23.48 -43.94 25.53
C LYS E 314 -23.13 -43.01 26.68
N HIS E 315 -23.75 -41.83 26.71
CA HIS E 315 -23.54 -40.85 27.77
C HIS E 315 -22.08 -40.45 27.91
N PHE E 316 -21.35 -40.40 26.81
CA PHE E 316 -19.96 -39.96 26.83
C PHE E 316 -19.89 -38.47 26.57
N GLY E 317 -19.02 -37.79 27.31
CA GLY E 317 -18.92 -36.35 27.12
C GLY E 317 -17.70 -35.79 27.79
N PHE E 318 -17.65 -34.48 27.86
CA PHE E 318 -16.53 -33.77 28.47
C PHE E 318 -16.84 -33.53 29.94
N TYR E 319 -16.06 -34.13 30.82
CA TYR E 319 -16.31 -34.06 32.25
C TYR E 319 -15.00 -33.85 32.99
N ARG E 320 -15.09 -33.89 34.32
CA ARG E 320 -14.00 -33.62 35.26
C ARG E 320 -13.63 -32.14 35.23
N ASN E 331 -15.55 -23.37 35.89
CA ASN E 331 -15.74 -24.56 36.72
C ASN E 331 -16.93 -25.38 36.23
N GLN E 332 -17.92 -24.71 35.65
CA GLN E 332 -19.11 -25.37 35.13
C GLN E 332 -18.92 -25.66 33.65
N SER E 333 -19.13 -26.92 33.27
CA SER E 333 -18.94 -27.32 31.89
C SER E 333 -20.06 -26.76 31.01
N LEU E 334 -19.76 -26.69 29.72
CA LEU E 334 -20.75 -26.29 28.73
C LEU E 334 -21.76 -27.39 28.52
N PRO E 335 -22.91 -27.08 27.91
CA PRO E 335 -23.79 -28.16 27.43
C PRO E 335 -23.02 -29.07 26.48
N GLN E 336 -23.26 -30.38 26.61
CA GLN E 336 -22.43 -31.35 25.91
C GLN E 336 -22.54 -31.20 24.40
N GLU E 337 -23.69 -30.76 23.90
CA GLU E 337 -23.86 -30.56 22.46
C GLU E 337 -22.92 -29.48 21.95
N ILE E 338 -22.81 -28.36 22.66
CA ILE E 338 -21.94 -27.27 22.23
C ILE E 338 -20.48 -27.68 22.35
N ALA E 339 -20.14 -28.43 23.40
CA ALA E 339 -18.78 -28.92 23.54
C ALA E 339 -18.41 -29.85 22.39
N ARG E 340 -19.33 -30.74 22.01
CA ARG E 340 -19.09 -31.61 20.87
C ARG E 340 -18.95 -30.80 19.58
N HIS E 341 -19.78 -29.78 19.41
CA HIS E 341 -19.71 -28.96 18.21
C HIS E 341 -18.37 -28.23 18.10
N CYS E 342 -17.90 -27.66 19.21
CA CYS E 342 -16.61 -26.97 19.19
C CYS E 342 -15.45 -27.94 19.00
N MET E 343 -15.55 -29.14 19.59
CA MET E 343 -14.52 -30.14 19.37
C MET E 343 -14.48 -30.56 17.90
N VAL E 344 -15.65 -30.66 17.26
CA VAL E 344 -15.68 -30.98 15.84
C VAL E 344 -15.09 -29.83 15.01
N GLN E 345 -15.32 -28.58 15.43
CA GLN E 345 -14.67 -27.46 14.76
C GLN E 345 -13.16 -27.62 14.80
N ALA E 346 -12.61 -27.87 15.99
CA ALA E 346 -11.17 -28.04 16.13
C ALA E 346 -10.68 -29.24 15.35
N ARG E 347 -11.49 -30.30 15.30
CA ARG E 347 -11.11 -31.50 14.55
C ARG E 347 -11.05 -31.24 13.05
N LEU E 348 -12.01 -30.47 12.53
CA LEU E 348 -11.97 -30.07 11.12
C LEU E 348 -10.73 -29.22 10.86
N LEU E 349 -10.37 -28.34 11.80
CA LEU E 349 -9.13 -27.57 11.63
C LEU E 349 -7.90 -28.46 11.67
N ALA E 350 -7.96 -29.58 12.41
CA ALA E 350 -6.82 -30.47 12.51
C ALA E 350 -6.38 -31.04 11.17
N TYR E 351 -7.27 -31.05 10.17
CA TYR E 351 -6.93 -31.57 8.85
C TYR E 351 -6.25 -30.54 7.95
N ARG E 352 -6.05 -29.32 8.44
CA ARG E 352 -5.23 -28.33 7.76
C ARG E 352 -3.76 -28.41 8.17
N THR E 353 -3.39 -29.43 8.95
CA THR E 353 -2.07 -29.51 9.54
C THR E 353 -0.98 -29.59 8.47
N GLU E 354 0.17 -28.99 8.80
CA GLU E 354 1.38 -29.16 8.00
C GLU E 354 2.25 -30.30 8.50
N ASP E 355 1.97 -30.81 9.71
CA ASP E 355 2.67 -32.00 10.19
C ASP E 355 2.31 -33.19 9.31
N HIS E 356 3.31 -34.03 9.05
CA HIS E 356 3.13 -35.16 8.16
C HIS E 356 2.62 -36.41 8.86
N LYS E 357 2.52 -36.40 10.18
CA LYS E 357 2.07 -37.57 10.93
C LYS E 357 0.79 -37.32 11.71
N THR E 358 0.75 -36.26 12.53
CA THR E 358 -0.35 -36.02 13.45
C THR E 358 -0.93 -34.64 13.24
N GLY E 359 -2.24 -34.56 13.05
CA GLY E 359 -2.93 -33.30 12.92
C GLY E 359 -3.68 -32.95 14.20
N VAL E 360 -3.42 -31.74 14.70
CA VAL E 360 -4.03 -31.25 15.92
C VAL E 360 -4.72 -29.92 15.61
N GLY E 361 -5.94 -29.76 16.11
CA GLY E 361 -6.68 -28.53 15.94
C GLY E 361 -7.13 -27.96 17.27
N ALA E 362 -7.35 -26.65 17.29
CA ALA E 362 -7.74 -25.96 18.50
C ALA E 362 -8.66 -24.80 18.17
N VAL E 363 -9.73 -24.65 18.94
CA VAL E 363 -10.65 -23.53 18.83
C VAL E 363 -10.83 -22.90 20.20
N ILE E 364 -10.77 -21.57 20.25
CA ILE E 364 -11.02 -20.81 21.47
C ILE E 364 -12.34 -20.08 21.30
N TRP E 365 -13.27 -20.33 22.22
CA TRP E 365 -14.57 -19.68 22.28
C TRP E 365 -14.71 -19.00 23.63
N ALA E 366 -15.57 -18.00 23.69
CA ALA E 366 -15.83 -17.30 24.95
C ALA E 366 -17.33 -17.10 25.13
N GLU E 367 -17.78 -17.20 26.37
CA GLU E 367 -19.19 -17.01 26.73
C GLU E 367 -19.36 -15.60 27.27
N GLY E 368 -20.00 -14.74 26.48
CA GLY E 368 -20.24 -13.38 26.91
C GLY E 368 -21.26 -13.32 28.04
N LYS E 369 -21.15 -12.25 28.84
CA LYS E 369 -22.07 -12.09 29.96
C LYS E 369 -23.44 -11.62 29.52
N SER E 370 -23.50 -10.77 28.50
CA SER E 370 -24.75 -10.18 28.05
C SER E 370 -25.33 -10.95 26.87
N ARG E 371 -26.58 -10.62 26.54
CA ARG E 371 -27.25 -11.26 25.42
C ARG E 371 -26.59 -10.87 24.11
N SER E 372 -26.63 -11.78 23.14
CA SER E 372 -26.03 -11.55 21.84
C SER E 372 -27.05 -11.84 20.75
N CYS E 373 -26.84 -11.20 19.59
CA CYS E 373 -27.71 -11.39 18.44
C CYS E 373 -27.41 -12.66 17.67
N ASP E 374 -26.27 -13.28 17.91
CA ASP E 374 -25.85 -14.44 17.13
C ASP E 374 -26.71 -15.66 17.45
N GLY E 375 -26.70 -16.62 16.53
CA GLY E 375 -27.35 -17.89 16.75
C GLY E 375 -26.60 -18.82 17.69
N THR E 376 -25.36 -18.49 18.03
CA THR E 376 -24.58 -19.23 19.00
C THR E 376 -24.84 -18.78 20.43
N GLY E 377 -25.75 -17.83 20.63
CA GLY E 377 -26.05 -17.32 21.95
C GLY E 377 -24.97 -16.41 22.48
N ALA E 378 -24.72 -16.48 23.79
CA ALA E 378 -23.67 -15.66 24.38
C ALA E 378 -22.28 -16.08 23.94
N MET E 379 -22.13 -17.29 23.41
CA MET E 379 -20.83 -17.77 22.97
C MET E 379 -20.44 -17.12 21.65
N TYR E 380 -19.20 -16.64 21.58
CA TYR E 380 -18.65 -16.05 20.38
C TYR E 380 -17.26 -16.63 20.10
N PHE E 381 -16.94 -16.74 18.83
CA PHE E 381 -15.66 -17.30 18.41
C PHE E 381 -14.52 -16.34 18.71
N VAL E 382 -13.44 -16.87 19.27
CA VAL E 382 -12.28 -16.08 19.66
C VAL E 382 -11.09 -16.37 18.77
N GLY E 383 -10.77 -17.64 18.55
CA GLY E 383 -9.58 -17.96 17.78
C GLY E 383 -9.59 -19.40 17.32
N CYS E 384 -8.74 -19.69 16.34
CA CYS E 384 -8.59 -21.04 15.84
C CYS E 384 -7.16 -21.26 15.37
N GLY E 385 -6.75 -22.52 15.36
CA GLY E 385 -5.41 -22.86 14.92
C GLY E 385 -5.24 -24.35 14.73
N TYR E 386 -4.17 -24.69 14.02
CA TYR E 386 -3.75 -26.08 13.84
C TYR E 386 -2.24 -26.12 13.93
N ASN E 387 -1.69 -27.32 14.11
CA ASN E 387 -0.25 -27.47 14.21
C ASN E 387 0.38 -27.31 12.83
N ALA E 388 1.32 -26.37 12.72
CA ALA E 388 1.95 -26.06 11.44
C ALA E 388 3.26 -25.33 11.72
N PHE E 389 4.09 -25.26 10.70
CA PHE E 389 5.33 -24.51 10.78
C PHE E 389 5.05 -23.01 10.67
N PRO E 390 6.00 -22.16 11.07
CA PRO E 390 5.72 -20.72 11.12
C PRO E 390 5.27 -20.18 9.77
N VAL E 391 4.36 -19.20 9.83
CA VAL E 391 3.70 -18.69 8.63
C VAL E 391 4.72 -18.24 7.60
N GLY E 392 4.45 -18.57 6.33
CA GLY E 392 5.35 -18.22 5.26
C GLY E 392 6.53 -19.16 5.08
N SER E 393 6.39 -20.41 5.50
CA SER E 393 7.46 -21.38 5.39
C SER E 393 7.19 -22.36 4.25
N GLU E 394 8.23 -22.68 3.50
CA GLU E 394 8.13 -23.68 2.45
C GLU E 394 8.19 -25.08 3.05
N TYR E 395 7.93 -26.08 2.21
CA TYR E 395 7.91 -27.47 2.67
C TYR E 395 9.27 -27.90 3.20
N ALA E 396 10.34 -27.51 2.52
CA ALA E 396 11.70 -27.92 2.89
C ALA E 396 12.37 -26.93 3.83
N ASP E 397 11.66 -25.90 4.29
CA ASP E 397 12.28 -24.91 5.17
C ASP E 397 12.70 -25.53 6.50
N PHE E 398 11.86 -26.38 7.08
CA PHE E 398 12.10 -26.89 8.41
C PHE E 398 12.06 -28.41 8.41
N PRO E 399 12.76 -29.04 9.35
CA PRO E 399 12.67 -30.50 9.47
C PRO E 399 11.25 -30.95 9.79
N HIS E 400 10.85 -32.05 9.16
CA HIS E 400 9.53 -32.65 9.36
C HIS E 400 9.59 -33.94 10.17
N MET E 401 10.78 -34.36 10.59
CA MET E 401 11.01 -35.64 11.23
C MET E 401 10.54 -35.63 12.68
N ASP E 402 10.47 -36.83 13.26
CA ASP E 402 10.06 -37.06 14.64
C ASP E 402 11.21 -37.72 15.40
N ASP E 403 10.91 -38.19 16.62
CA ASP E 403 11.92 -38.79 17.48
C ASP E 403 12.63 -39.97 16.83
N LYS E 404 12.05 -40.55 15.78
CA LYS E 404 12.74 -41.63 15.06
C LYS E 404 14.06 -41.16 14.47
N GLN E 405 14.13 -39.91 14.03
CA GLN E 405 15.39 -39.34 13.57
C GLN E 405 16.37 -39.24 14.73
N LYS E 406 17.63 -39.60 14.46
CA LYS E 406 18.63 -39.67 15.52
C LYS E 406 18.99 -38.27 16.03
N ASP E 407 19.23 -37.33 15.13
CA ASP E 407 19.66 -35.99 15.52
C ASP E 407 18.45 -35.18 15.97
N ARG E 408 18.48 -34.71 17.22
CA ARG E 408 17.39 -33.90 17.74
C ARG E 408 17.34 -32.53 17.05
N GLU E 409 18.47 -32.07 16.53
CA GLU E 409 18.50 -30.77 15.87
C GLU E 409 17.71 -30.75 14.57
N ILE E 410 17.39 -31.91 14.00
CA ILE E 410 16.68 -31.97 12.74
C ILE E 410 15.32 -32.62 12.95
N ARG E 411 14.73 -32.42 14.12
CA ARG E 411 13.36 -32.84 14.40
C ARG E 411 12.41 -31.65 14.33
N LYS E 412 11.14 -31.96 14.07
CA LYS E 412 10.13 -30.93 13.82
C LYS E 412 9.73 -30.18 15.08
N PHE E 413 10.02 -30.71 16.26
CA PHE E 413 9.36 -30.24 17.47
C PHE E 413 9.73 -28.79 17.81
N ARG E 414 11.01 -28.43 17.65
CA ARG E 414 11.44 -27.09 18.01
C ARG E 414 11.01 -26.04 17.00
N TYR E 415 10.46 -26.45 15.86
CA TYR E 415 10.05 -25.51 14.82
C TYR E 415 8.55 -25.56 14.51
N ILE E 416 7.82 -26.51 15.06
CA ILE E 416 6.39 -26.65 14.77
C ILE E 416 5.60 -25.78 15.73
N ILE E 417 4.68 -24.99 15.19
CA ILE E 417 3.77 -24.21 16.02
C ILE E 417 2.56 -25.07 16.33
N HIS E 418 2.23 -25.19 17.61
CA HIS E 418 1.14 -26.06 18.02
C HIS E 418 -0.21 -25.41 17.72
N ALA E 419 -1.27 -26.23 17.79
CA ALA E 419 -2.60 -25.75 17.47
C ALA E 419 -3.05 -24.65 18.44
N ALA E 420 -2.81 -24.84 19.73
CA ALA E 420 -3.20 -23.83 20.71
C ALA E 420 -2.38 -22.56 20.54
N GLN E 421 -1.08 -22.71 20.22
CA GLN E 421 -0.24 -21.53 20.00
C GLN E 421 -0.75 -20.72 18.80
N ASN E 422 -1.15 -21.41 17.72
CA ASN E 422 -1.68 -20.71 16.56
C ASN E 422 -3.05 -20.09 16.86
N ALA E 423 -3.87 -20.78 17.66
CA ALA E 423 -5.17 -20.24 18.02
C ALA E 423 -5.03 -18.97 18.84
N LEU E 424 -4.07 -18.96 19.78
CA LEU E 424 -3.83 -17.75 20.56
C LEU E 424 -3.20 -16.65 19.72
N THR E 425 -2.31 -17.02 18.80
CA THR E 425 -1.59 -16.03 18.00
C THR E 425 -2.55 -15.27 17.08
N PHE E 426 -3.41 -16.00 16.37
CA PHE E 426 -4.30 -15.39 15.38
C PHE E 426 -5.73 -15.28 15.87
N ARG E 427 -5.89 -14.99 17.17
CA ARG E 427 -7.21 -14.77 17.72
C ARG E 427 -7.82 -13.47 17.18
N CYS E 428 -9.11 -13.50 16.90
CA CYS E 428 -9.83 -12.31 16.45
C CYS E 428 -10.43 -11.52 17.60
N GLN E 429 -10.38 -12.05 18.82
CA GLN E 429 -10.95 -11.39 19.99
C GLN E 429 -9.96 -11.48 21.15
N GLU E 430 -10.06 -10.52 22.06
CA GLU E 430 -9.25 -10.55 23.27
C GLU E 430 -9.91 -11.44 24.32
N ILE E 431 -9.07 -12.12 25.10
CA ILE E 431 -9.56 -12.97 26.18
C ILE E 431 -9.94 -12.08 27.34
N LYS E 432 -11.24 -11.96 27.61
CA LYS E 432 -11.71 -11.10 28.68
C LYS E 432 -11.65 -11.83 30.02
N PRO E 433 -10.98 -11.29 31.02
CA PRO E 433 -10.83 -12.01 32.30
C PRO E 433 -12.15 -12.35 32.98
N GLU E 434 -13.16 -11.49 32.84
CA GLU E 434 -14.44 -11.72 33.51
C GLU E 434 -15.30 -12.75 32.79
N GLU E 435 -15.00 -13.06 31.54
CA GLU E 435 -15.79 -14.01 30.76
C GLU E 435 -15.24 -15.42 30.92
N ARG E 436 -16.12 -16.40 30.77
CA ARG E 436 -15.69 -17.80 30.68
C ARG E 436 -15.08 -18.04 29.30
N SER E 437 -13.88 -18.61 29.27
CA SER E 437 -13.18 -18.90 28.04
C SER E 437 -12.89 -20.39 27.96
N MET E 438 -13.07 -20.97 26.79
CA MET E 438 -12.89 -22.40 26.59
C MET E 438 -12.01 -22.63 25.36
N ILE E 439 -10.97 -23.43 25.52
CA ILE E 439 -10.16 -23.88 24.39
C ILE E 439 -10.38 -25.37 24.20
N PHE E 440 -10.79 -25.75 23.00
CA PHE E 440 -11.03 -27.14 22.63
C PHE E 440 -9.88 -27.57 21.74
N VAL E 441 -9.16 -28.60 22.16
CA VAL E 441 -8.00 -29.09 21.43
C VAL E 441 -8.13 -30.59 21.26
N THR E 442 -7.90 -31.08 20.04
CA THR E 442 -8.13 -32.49 19.72
C THR E 442 -7.12 -33.42 20.37
N LYS E 443 -6.01 -32.90 20.88
CA LYS E 443 -5.00 -33.67 21.56
C LYS E 443 -4.73 -33.01 22.91
N CYS E 444 -4.20 -33.79 23.84
CA CYS E 444 -3.86 -33.24 25.15
C CYS E 444 -2.85 -32.11 24.98
N PRO E 445 -3.08 -30.95 25.60
CA PRO E 445 -2.11 -29.86 25.48
C PRO E 445 -0.76 -30.27 26.05
N CYS E 446 0.30 -29.86 25.35
CA CYS E 446 1.66 -30.22 25.74
C CYS E 446 2.18 -29.26 26.79
N ASP E 447 3.41 -29.51 27.25
CA ASP E 447 3.97 -28.76 28.37
C ASP E 447 4.38 -27.34 27.98
N GLU E 448 4.53 -27.05 26.70
CA GLU E 448 4.80 -25.68 26.27
C GLU E 448 3.55 -24.95 25.81
N CYS E 449 2.40 -25.62 25.83
CA CYS E 449 1.12 -25.00 25.51
C CYS E 449 0.28 -24.69 26.73
N VAL E 450 0.31 -25.56 27.75
CA VAL E 450 -0.48 -25.33 28.96
C VAL E 450 -0.11 -24.01 29.65
N PRO E 451 1.16 -23.67 29.84
CA PRO E 451 1.46 -22.34 30.41
C PRO E 451 0.96 -21.19 29.56
N LEU E 452 0.98 -21.33 28.22
CA LEU E 452 0.44 -20.27 27.37
C LEU E 452 -1.06 -20.13 27.55
N ILE E 453 -1.77 -21.26 27.64
CA ILE E 453 -3.22 -21.21 27.85
C ILE E 453 -3.53 -20.58 29.20
N LYS E 454 -2.77 -20.96 30.23
CA LYS E 454 -2.99 -20.40 31.56
C LYS E 454 -2.71 -18.89 31.58
N GLY E 455 -1.62 -18.46 30.94
CA GLY E 455 -1.28 -17.06 30.93
C GLY E 455 -2.22 -16.22 30.09
N ALA E 456 -2.82 -16.82 29.06
CA ALA E 456 -3.79 -16.12 28.24
C ALA E 456 -5.10 -15.84 28.97
N GLY E 457 -5.34 -16.49 30.11
CA GLY E 457 -6.56 -16.33 30.84
C GLY E 457 -7.69 -17.26 30.45
N ILE E 458 -7.42 -18.27 29.65
CA ILE E 458 -8.45 -19.21 29.24
C ILE E 458 -8.87 -20.04 30.45
N LYS E 459 -10.17 -20.02 30.77
CA LYS E 459 -10.64 -20.62 32.01
C LYS E 459 -10.72 -22.14 31.93
N GLN E 460 -11.07 -22.68 30.77
CA GLN E 460 -11.37 -24.10 30.63
C GLN E 460 -10.69 -24.67 29.40
N ILE E 461 -10.20 -25.91 29.54
CA ILE E 461 -9.60 -26.66 28.44
C ILE E 461 -10.41 -27.94 28.26
N TYR E 462 -11.01 -28.09 27.09
CA TYR E 462 -11.66 -29.32 26.68
C TYR E 462 -10.70 -30.03 25.73
N ALA E 463 -10.33 -31.27 26.07
CA ALA E 463 -9.25 -31.91 25.34
C ALA E 463 -9.42 -33.42 25.35
N GLY E 464 -8.74 -34.05 24.39
CA GLY E 464 -8.48 -35.47 24.49
C GLY E 464 -7.39 -35.77 25.51
N ASP E 465 -7.30 -37.03 25.89
CA ASP E 465 -6.42 -37.38 27.01
C ASP E 465 -5.61 -38.65 26.78
N VAL E 466 -5.37 -39.03 25.53
CA VAL E 466 -4.60 -40.25 25.28
C VAL E 466 -3.13 -40.06 25.64
N ASP E 467 -2.58 -38.86 25.45
CA ASP E 467 -1.17 -38.60 25.68
C ASP E 467 -0.86 -38.03 27.06
N VAL E 468 -1.86 -37.93 27.93
CA VAL E 468 -1.63 -37.39 29.27
C VAL E 468 -0.58 -38.24 29.99
N GLY E 469 0.50 -37.61 30.42
CA GLY E 469 1.57 -38.29 31.13
C GLY E 469 2.75 -38.70 30.27
N LYS E 470 2.62 -38.64 28.95
CA LYS E 470 3.74 -38.99 28.09
C LYS E 470 4.82 -37.93 28.16
N LYS E 471 6.08 -38.38 28.22
CA LYS E 471 7.24 -37.49 28.34
C LYS E 471 8.29 -37.93 27.34
N LYS E 472 8.26 -37.34 26.14
CA LYS E 472 9.29 -37.59 25.14
C LYS E 472 10.39 -36.53 25.25
N ALA E 473 11.43 -36.71 24.43
CA ALA E 473 12.61 -35.85 24.55
C ALA E 473 12.28 -34.40 24.24
N ASP E 474 11.51 -34.16 23.18
CA ASP E 474 11.23 -32.80 22.74
C ASP E 474 9.79 -32.36 22.99
N ILE E 475 8.96 -33.21 23.58
CA ILE E 475 7.58 -32.86 23.87
C ILE E 475 7.09 -33.74 25.02
N SER E 476 6.37 -33.13 25.96
CA SER E 476 5.89 -33.83 27.14
C SER E 476 4.48 -33.35 27.47
N TYR E 477 3.79 -34.14 28.29
CA TYR E 477 2.41 -33.89 28.67
C TYR E 477 2.23 -34.04 30.17
N MET E 478 3.16 -33.47 30.94
CA MET E 478 3.11 -33.58 32.39
C MET E 478 2.35 -32.45 33.06
N ARG E 479 2.31 -31.27 32.44
CA ARG E 479 1.73 -30.10 33.08
C ARG E 479 0.21 -30.05 32.97
N PHE E 480 -0.38 -30.85 32.08
CA PHE E 480 -1.84 -30.83 31.96
C PHE E 480 -2.50 -31.54 33.13
N GLY E 481 -1.95 -32.68 33.55
CA GLY E 481 -2.54 -33.42 34.66
C GLY E 481 -2.51 -32.67 35.97
N GLU E 482 -1.47 -31.86 36.18
CA GLU E 482 -1.29 -31.12 37.42
C GLU E 482 -1.64 -29.64 37.30
N LEU E 483 -2.31 -29.26 36.22
CA LEU E 483 -2.61 -27.84 35.98
C LEU E 483 -3.64 -27.34 36.98
N GLU E 484 -3.35 -26.20 37.59
CA GLU E 484 -4.23 -25.57 38.57
C GLU E 484 -4.67 -24.20 38.07
N GLY E 485 -5.87 -23.80 38.47
CA GLY E 485 -6.44 -22.54 38.07
C GLY E 485 -7.19 -22.56 36.76
N VAL E 486 -7.14 -23.68 36.03
CA VAL E 486 -7.85 -23.85 34.77
C VAL E 486 -8.67 -25.13 34.87
N SER E 487 -9.97 -25.03 34.62
CA SER E 487 -10.82 -26.21 34.60
C SER E 487 -10.45 -27.09 33.40
N LYS E 488 -10.46 -28.41 33.62
CA LYS E 488 -10.10 -29.36 32.59
C LYS E 488 -11.26 -30.32 32.37
N PHE E 489 -11.69 -30.46 31.12
CA PHE E 489 -12.75 -31.37 30.74
C PHE E 489 -12.24 -32.30 29.66
N THR E 490 -12.40 -33.60 29.88
CA THR E 490 -11.92 -34.64 28.98
C THR E 490 -13.07 -35.53 28.54
N TRP E 491 -12.90 -36.14 27.37
CA TRP E 491 -13.84 -37.14 26.88
C TRP E 491 -13.82 -38.35 27.83
N GLN E 492 -15.00 -38.75 28.29
CA GLN E 492 -15.05 -39.63 29.45
C GLN E 492 -16.49 -40.11 29.67
N LEU E 493 -16.60 -41.19 30.44
CA LEU E 493 -17.85 -41.53 31.11
C LEU E 493 -18.32 -40.35 31.95
N ASN E 494 -19.62 -40.14 32.00
CA ASN E 494 -20.16 -39.22 32.99
C ASN E 494 -19.93 -39.81 34.38
N PRO E 495 -19.20 -39.13 35.27
CA PRO E 495 -18.97 -39.70 36.60
C PRO E 495 -20.23 -39.91 37.42
N SER E 496 -21.31 -39.20 37.10
CA SER E 496 -22.58 -39.37 37.78
C SER E 496 -23.58 -40.11 36.88
N ILE F 50 -33.43 15.42 -6.69
CA ILE F 50 -33.28 16.30 -5.53
C ILE F 50 -31.81 16.68 -5.36
N PRO F 51 -31.55 17.90 -4.91
CA PRO F 51 -30.17 18.32 -4.66
C PRO F 51 -29.57 17.56 -3.50
N ARG F 52 -28.25 17.40 -3.54
CA ARG F 52 -27.52 16.64 -2.54
C ARG F 52 -26.50 17.54 -1.85
N LEU F 53 -26.48 17.49 -0.52
CA LEU F 53 -25.44 18.18 0.24
C LEU F 53 -24.10 17.48 0.03
N SER F 54 -23.05 18.28 -0.09
CA SER F 54 -21.72 17.72 -0.28
C SER F 54 -21.14 17.23 1.05
N LYS F 55 -20.13 16.36 0.95
CA LYS F 55 -19.51 15.80 2.14
C LYS F 55 -18.84 16.88 2.98
N VAL F 56 -18.08 17.77 2.34
CA VAL F 56 -17.39 18.81 3.10
C VAL F 56 -18.38 19.79 3.71
N ASN F 57 -19.45 20.12 3.00
CA ASN F 57 -20.46 20.99 3.57
C ASN F 57 -21.22 20.30 4.70
N LEU F 58 -21.47 19.00 4.56
CA LEU F 58 -22.05 18.23 5.67
C LEU F 58 -21.16 18.30 6.90
N PHE F 59 -19.85 18.10 6.72
CA PHE F 59 -18.95 18.11 7.86
C PHE F 59 -18.83 19.50 8.48
N THR F 60 -18.80 20.54 7.65
CA THR F 60 -18.78 21.90 8.17
C THR F 60 -20.04 22.21 8.97
N LEU F 61 -21.20 21.86 8.43
CA LEU F 61 -22.46 22.08 9.13
C LEU F 61 -22.50 21.29 10.43
N LEU F 62 -21.99 20.06 10.41
CA LEU F 62 -22.00 19.23 11.61
C LEU F 62 -21.06 19.78 12.67
N SER F 63 -19.91 20.34 12.27
CA SER F 63 -19.02 20.94 13.26
C SER F 63 -19.65 22.20 13.86
N LEU F 64 -20.28 23.02 13.03
CA LEU F 64 -20.98 24.19 13.55
C LEU F 64 -22.13 23.79 14.47
N TRP F 65 -22.82 22.70 14.15
CA TRP F 65 -23.89 22.21 15.02
C TRP F 65 -23.35 21.60 16.31
N MET F 66 -22.20 20.93 16.23
CA MET F 66 -21.56 20.38 17.42
C MET F 66 -21.12 21.47 18.37
N GLU F 67 -20.72 22.63 17.83
CA GLU F 67 -20.45 23.77 18.69
C GLU F 67 -21.67 24.18 19.50
N LEU F 68 -22.86 23.83 19.04
CA LEU F 68 -24.12 24.15 19.73
C LEU F 68 -24.61 23.02 20.62
N PHE F 69 -23.81 21.99 20.84
CA PHE F 69 -24.23 20.87 21.67
C PHE F 69 -24.55 21.35 23.08
N PRO F 70 -25.67 20.91 23.67
CA PRO F 70 -26.05 21.40 24.99
C PRO F 70 -25.03 21.02 26.05
N ALA F 71 -24.63 22.00 26.86
CA ALA F 71 -23.64 21.78 27.90
C ALA F 71 -24.24 21.02 29.08
N VAL F 105 -11.44 32.66 24.70
CA VAL F 105 -11.51 31.31 24.15
C VAL F 105 -12.96 30.93 23.90
N LYS F 106 -13.32 30.81 22.62
CA LYS F 106 -14.69 30.51 22.23
C LYS F 106 -14.89 29.01 22.06
N ARG F 107 -16.13 28.57 22.24
CA ARG F 107 -16.49 27.17 22.09
C ARG F 107 -16.32 26.72 20.65
N THR F 108 -15.87 25.48 20.46
CA THR F 108 -15.58 24.95 19.14
C THR F 108 -16.18 23.56 18.99
N GLY F 109 -16.86 23.34 17.87
CA GLY F 109 -17.30 22.02 17.46
C GLY F 109 -16.31 21.40 16.50
N LEU F 110 -16.23 20.07 16.53
CA LEU F 110 -15.24 19.36 15.74
C LEU F 110 -15.82 18.06 15.20
N VAL F 111 -15.59 17.82 13.92
CA VAL F 111 -15.98 16.57 13.25
C VAL F 111 -14.71 15.88 12.78
N VAL F 112 -14.49 14.66 13.27
CA VAL F 112 -13.36 13.84 12.86
C VAL F 112 -13.86 12.81 11.85
N VAL F 113 -13.28 12.82 10.65
CA VAL F 113 -13.70 11.99 9.54
C VAL F 113 -12.51 11.15 9.09
N LYS F 114 -12.74 9.86 8.89
CA LYS F 114 -11.73 8.95 8.37
C LYS F 114 -12.31 8.14 7.23
N ASN F 115 -11.64 8.17 6.07
CA ASN F 115 -12.12 7.50 4.86
C ASN F 115 -13.54 7.95 4.51
N MET F 116 -13.77 9.27 4.59
CA MET F 116 -15.05 9.90 4.28
C MET F 116 -16.18 9.43 5.19
N LYS F 117 -15.84 8.80 6.31
CA LYS F 117 -16.81 8.40 7.33
C LYS F 117 -16.51 9.15 8.62
N ILE F 118 -17.57 9.59 9.30
CA ILE F 118 -17.43 10.31 10.55
C ILE F 118 -17.03 9.33 11.64
N VAL F 119 -15.90 9.61 12.30
CA VAL F 119 -15.43 8.81 13.42
C VAL F 119 -15.44 9.58 14.73
N GLY F 120 -15.76 10.86 14.70
CA GLY F 120 -15.85 11.60 15.95
C GLY F 120 -16.67 12.87 15.89
N LEU F 121 -17.47 13.12 16.92
CA LEU F 121 -18.19 14.38 17.08
C LEU F 121 -17.86 14.94 18.46
N HIS F 122 -17.21 16.10 18.50
CA HIS F 122 -16.69 16.62 19.74
C HIS F 122 -17.03 18.10 19.89
N CYS F 123 -17.08 18.56 21.13
CA CYS F 123 -17.29 19.96 21.43
C CYS F 123 -16.32 20.37 22.53
N SER F 124 -15.90 21.63 22.50
CA SER F 124 -15.05 22.16 23.56
C SER F 124 -15.82 22.16 24.89
N SER F 125 -15.15 21.67 25.93
CA SER F 125 -15.69 21.72 27.27
C SER F 125 -15.16 22.96 27.98
N GLU F 126 -15.46 23.10 29.26
CA GLU F 126 -14.93 24.23 30.03
C GLU F 126 -13.44 24.08 30.27
N ASP F 127 -12.94 22.85 30.31
CA ASP F 127 -11.53 22.60 30.60
C ASP F 127 -10.68 22.49 29.33
N LEU F 128 -11.17 21.81 28.30
CA LEU F 128 -10.36 21.44 27.15
C LEU F 128 -11.01 21.90 25.86
N HIS F 129 -10.18 22.28 24.90
CA HIS F 129 -10.64 22.63 23.57
C HIS F 129 -11.01 21.37 22.78
N ALA F 130 -11.73 21.58 21.67
CA ALA F 130 -12.16 20.45 20.85
C ALA F 130 -10.98 19.67 20.31
N GLY F 131 -9.89 20.35 19.93
CA GLY F 131 -8.72 19.64 19.43
C GLY F 131 -8.05 18.80 20.49
N GLN F 132 -7.92 19.34 21.71
CA GLN F 132 -7.36 18.56 22.81
C GLN F 132 -8.24 17.35 23.13
N ILE F 133 -9.55 17.54 23.11
CA ILE F 133 -10.46 16.42 23.37
C ILE F 133 -10.34 15.36 22.29
N ALA F 134 -10.21 15.78 21.03
CA ALA F 134 -10.01 14.83 19.95
C ALA F 134 -8.71 14.07 20.12
N LEU F 135 -7.65 14.77 20.53
CA LEU F 135 -6.39 14.08 20.81
C LEU F 135 -6.58 13.03 21.91
N ILE F 136 -7.18 13.43 23.02
CA ILE F 136 -7.38 12.49 24.13
C ILE F 136 -8.20 11.28 23.67
N LYS F 137 -9.24 11.52 22.87
CA LYS F 137 -10.16 10.45 22.51
C LYS F 137 -9.57 9.51 21.47
N HIS F 138 -8.76 10.03 20.54
CA HIS F 138 -8.33 9.22 19.40
C HIS F 138 -6.87 8.79 19.44
N GLY F 139 -5.97 9.58 20.04
CA GLY F 139 -4.57 9.19 20.05
C GLY F 139 -3.97 9.34 18.67
N SER F 140 -3.20 8.33 18.26
CA SER F 140 -2.61 8.31 16.93
C SER F 140 -3.58 7.82 15.86
N ARG F 141 -4.80 7.45 16.23
CA ARG F 141 -5.84 7.13 15.26
C ARG F 141 -6.25 8.35 14.45
N LEU F 142 -5.86 9.55 14.86
CA LEU F 142 -6.07 10.75 14.07
C LEU F 142 -5.22 10.77 12.81
N LYS F 143 -4.28 9.84 12.66
CA LYS F 143 -3.45 9.79 11.46
C LYS F 143 -4.31 9.66 10.20
N ASN F 144 -4.01 10.51 9.22
CA ASN F 144 -4.72 10.54 7.94
C ASN F 144 -6.21 10.83 8.12
N CYS F 145 -6.56 11.60 9.14
CA CYS F 145 -7.94 12.00 9.37
C CYS F 145 -8.17 13.44 8.93
N ASP F 146 -9.41 13.73 8.56
CA ASP F 146 -9.84 15.08 8.24
C ASP F 146 -10.61 15.64 9.41
N LEU F 147 -10.15 16.77 9.95
CA LEU F 147 -10.79 17.42 11.08
C LEU F 147 -11.48 18.68 10.58
N TYR F 148 -12.74 18.85 10.96
CA TYR F 148 -13.56 19.98 10.57
C TYR F 148 -13.89 20.75 11.84
N PHE F 149 -13.28 21.91 11.99
CA PHE F 149 -13.43 22.75 13.18
C PHE F 149 -14.45 23.84 12.90
N SER F 150 -15.26 24.17 13.90
CA SER F 150 -16.14 25.32 13.80
C SER F 150 -15.40 26.64 13.96
N ARG F 151 -14.19 26.61 14.52
CA ARG F 151 -13.33 27.78 14.63
C ARG F 151 -11.89 27.34 14.38
N LYS F 152 -11.07 28.27 13.94
CA LYS F 152 -9.66 27.95 13.68
C LYS F 152 -8.99 27.54 15.00
N PRO F 153 -8.41 26.35 15.07
CA PRO F 153 -7.82 25.90 16.33
C PRO F 153 -6.61 26.74 16.73
N CYS F 154 -6.36 26.77 18.04
CA CYS F 154 -5.21 27.48 18.57
C CYS F 154 -3.92 26.72 18.26
N SER F 155 -2.79 27.39 18.51
CA SER F 155 -1.49 26.78 18.23
C SER F 155 -1.26 25.55 19.10
N ALA F 156 -1.70 25.60 20.36
CA ALA F 156 -1.55 24.44 21.24
C ALA F 156 -2.34 23.25 20.72
N CYS F 157 -3.55 23.49 20.22
CA CYS F 157 -4.31 22.40 19.61
C CYS F 157 -3.71 21.98 18.29
N LEU F 158 -3.31 22.94 17.45
CA LEU F 158 -2.84 22.62 16.11
C LEU F 158 -1.56 21.79 16.15
N LYS F 159 -0.63 22.12 17.05
CA LYS F 159 0.62 21.36 17.10
C LYS F 159 0.37 19.91 17.48
N MET F 160 -0.52 19.65 18.43
CA MET F 160 -0.83 18.28 18.81
C MET F 160 -1.59 17.55 17.71
N ILE F 161 -2.49 18.24 17.01
CA ILE F 161 -3.22 17.61 15.92
C ILE F 161 -2.29 17.23 14.77
N VAL F 162 -1.37 18.12 14.40
CA VAL F 162 -0.43 17.80 13.33
C VAL F 162 0.58 16.76 13.80
N ASN F 163 0.92 16.74 15.08
CA ASN F 163 1.78 15.70 15.62
C ASN F 163 1.11 14.33 15.52
N ALA F 164 -0.21 14.29 15.76
CA ALA F 164 -0.95 13.05 15.63
C ALA F 164 -1.03 12.54 14.19
N GLY F 165 -0.70 13.38 13.21
CA GLY F 165 -0.59 12.93 11.84
C GLY F 165 -1.83 13.07 10.99
N VAL F 166 -2.69 14.06 11.29
CA VAL F 166 -3.91 14.23 10.50
C VAL F 166 -3.57 14.72 9.10
N ASN F 167 -4.53 14.58 8.19
CA ASN F 167 -4.35 14.98 6.81
C ASN F 167 -4.76 16.43 6.57
N ARG F 168 -6.02 16.75 6.85
CA ARG F 168 -6.58 18.07 6.57
C ARG F 168 -7.23 18.63 7.83
N ILE F 169 -7.04 19.93 8.05
CA ILE F 169 -7.77 20.69 9.06
C ILE F 169 -8.56 21.76 8.32
N SER F 170 -9.84 21.53 8.13
CA SER F 170 -10.74 22.54 7.56
C SER F 170 -11.37 23.31 8.71
N TYR F 171 -11.46 24.63 8.57
CA TYR F 171 -12.04 25.43 9.63
C TYR F 171 -13.01 26.45 9.06
N TRP F 172 -13.99 26.81 9.89
CA TRP F 172 -14.97 27.83 9.54
C TRP F 172 -14.33 29.20 9.68
N PRO F 173 -14.29 30.02 8.61
CA PRO F 173 -13.50 31.26 8.62
C PRO F 173 -14.19 32.41 9.35
N ALA F 174 -14.47 32.20 10.62
CA ALA F 174 -14.98 33.22 11.53
C ALA F 174 -13.96 33.40 12.64
N ASP F 175 -14.35 34.14 13.69
CA ASP F 175 -13.54 34.33 14.89
C ASP F 175 -12.94 33.00 15.33
N PRO F 176 -11.62 32.88 15.38
CA PRO F 176 -11.00 31.60 15.72
C PRO F 176 -11.19 31.20 17.18
N GLU F 177 -10.58 30.09 17.56
CA GLU F 177 -10.73 29.58 18.92
C GLU F 177 -10.24 30.60 19.95
N ILE F 178 -9.06 31.18 19.72
CA ILE F 178 -8.59 32.31 20.51
C ILE F 178 -9.19 33.57 19.89
N SER F 179 -10.16 34.16 20.57
CA SER F 179 -10.97 35.22 19.97
C SER F 179 -10.11 36.42 19.56
N LEU F 180 -10.30 36.85 18.33
CA LEU F 180 -9.68 38.07 17.82
C LEU F 180 -10.56 39.29 17.99
N LEU F 181 -11.80 39.11 18.46
CA LEU F 181 -12.73 40.20 18.69
C LEU F 181 -12.75 40.68 20.13
N THR F 182 -11.88 40.14 20.98
CA THR F 182 -11.83 40.53 22.39
C THR F 182 -11.03 41.82 22.56
N SER F 187 -5.75 40.56 22.96
CA SER F 187 -5.56 41.04 21.59
C SER F 187 -4.20 40.63 21.06
N GLU F 188 -3.14 41.08 21.73
CA GLU F 188 -1.78 40.73 21.31
C GLU F 188 -1.55 39.23 21.43
N ASP F 189 -2.06 38.61 22.51
CA ASP F 189 -1.90 37.17 22.67
C ASP F 189 -2.61 36.40 21.57
N ALA F 190 -3.81 36.84 21.20
CA ALA F 190 -4.55 36.18 20.12
C ALA F 190 -3.82 36.32 18.80
N LYS F 191 -3.26 37.50 18.52
CA LYS F 191 -2.51 37.68 17.29
C LYS F 191 -1.25 36.81 17.27
N LEU F 192 -0.57 36.71 18.41
CA LEU F 192 0.60 35.84 18.49
C LEU F 192 0.21 34.39 18.27
N ASP F 193 -0.93 33.97 18.83
CA ASP F 193 -1.41 32.60 18.60
C ASP F 193 -1.72 32.37 17.13
N ALA F 194 -2.32 33.35 16.47
CA ALA F 194 -2.61 33.21 15.05
C ALA F 194 -1.32 33.11 14.23
N LYS F 195 -0.31 33.91 14.57
CA LYS F 195 0.98 33.82 13.89
C LYS F 195 1.62 32.46 14.11
N ALA F 196 1.54 31.93 15.33
CA ALA F 196 2.07 30.59 15.60
C ALA F 196 1.31 29.53 14.82
N VAL F 197 -0.01 29.67 14.69
CA VAL F 197 -0.79 28.74 13.89
C VAL F 197 -0.34 28.78 12.43
N GLU F 198 -0.12 29.98 11.90
CA GLU F 198 0.35 30.10 10.52
C GLU F 198 1.72 29.46 10.34
N ARG F 199 2.62 29.67 11.31
CA ARG F 199 3.95 29.06 11.22
C ARG F 199 3.86 27.53 11.29
N LEU F 200 3.00 27.00 12.17
CA LEU F 200 2.80 25.56 12.23
C LEU F 200 2.25 25.02 10.91
N LYS F 201 1.32 25.75 10.30
CA LYS F 201 0.74 25.34 9.03
C LYS F 201 1.78 25.34 7.92
N SER F 202 2.68 26.33 7.93
CA SER F 202 3.68 26.42 6.87
C SER F 202 4.67 25.27 6.90
N ASN F 203 5.01 24.76 8.09
CA ASN F 203 6.07 23.77 8.25
C ASN F 203 5.52 22.39 8.63
N SER F 204 4.30 22.07 8.21
CA SER F 204 3.70 20.77 8.49
C SER F 204 3.11 20.19 7.22
N ARG F 205 3.10 18.86 7.13
CA ARG F 205 2.48 18.19 6.00
C ARG F 205 0.96 18.24 6.07
N ALA F 206 0.39 18.53 7.24
CA ALA F 206 -1.05 18.71 7.35
C ALA F 206 -1.48 19.97 6.62
N HIS F 207 -2.62 19.89 5.93
CA HIS F 207 -3.14 20.98 5.12
C HIS F 207 -4.25 21.68 5.88
N VAL F 208 -4.01 22.92 6.27
CA VAL F 208 -4.99 23.73 6.99
C VAL F 208 -5.67 24.66 5.99
N CYS F 209 -6.99 24.58 5.91
CA CYS F 209 -7.71 25.24 4.83
C CYS F 209 -9.14 25.54 5.25
N VAL F 210 -9.86 26.21 4.34
CA VAL F 210 -11.29 26.45 4.42
C VAL F 210 -11.93 25.67 3.28
N LEU F 211 -12.70 24.64 3.61
CA LEU F 211 -13.22 23.71 2.62
C LEU F 211 -14.69 23.93 2.29
N LEU F 212 -15.36 24.90 2.91
CA LEU F 212 -16.78 25.10 2.65
C LEU F 212 -16.99 25.50 1.20
N GLN F 213 -17.96 24.87 0.56
CA GLN F 213 -18.28 25.09 -0.84
C GLN F 213 -19.60 25.84 -0.96
N PRO F 214 -19.81 26.55 -2.07
CA PRO F 214 -21.14 27.10 -2.34
C PRO F 214 -22.16 25.98 -2.49
N LEU F 215 -23.35 26.21 -1.93
CA LEU F 215 -24.44 25.28 -2.15
C LEU F 215 -24.99 25.43 -3.55
N VAL F 216 -25.64 24.36 -4.04
CA VAL F 216 -26.32 24.46 -5.32
C VAL F 216 -27.49 25.44 -5.20
N CYS F 217 -28.00 25.87 -6.35
CA CYS F 217 -28.97 26.96 -6.37
C CYS F 217 -30.25 26.59 -5.61
N TYR F 218 -30.69 25.34 -5.74
CA TYR F 218 -31.96 24.92 -5.18
C TYR F 218 -31.81 24.28 -3.79
N MET F 219 -30.59 24.21 -3.25
CA MET F 219 -30.37 23.45 -2.02
C MET F 219 -31.14 24.02 -0.84
N VAL F 220 -31.11 25.35 -0.68
CA VAL F 220 -31.75 25.96 0.48
C VAL F 220 -33.27 25.85 0.38
N GLN F 221 -33.83 26.10 -0.81
CA GLN F 221 -35.27 25.97 -0.98
C GLN F 221 -35.73 24.54 -0.77
N PHE F 222 -34.97 23.57 -1.29
CA PHE F 222 -35.31 22.17 -1.09
C PHE F 222 -35.23 21.78 0.38
N VAL F 223 -34.21 22.26 1.09
CA VAL F 223 -34.08 21.97 2.51
C VAL F 223 -35.26 22.55 3.27
N GLU F 224 -35.66 23.78 2.93
CA GLU F 224 -36.83 24.37 3.59
C GLU F 224 -38.09 23.56 3.32
N GLU F 225 -38.29 23.15 2.06
CA GLU F 225 -39.47 22.38 1.70
C GLU F 225 -39.53 21.07 2.46
N THR F 226 -38.40 20.35 2.51
CA THR F 226 -38.37 19.06 3.20
C THR F 226 -38.46 19.23 4.71
N SER F 227 -37.89 20.30 5.26
CA SER F 227 -37.95 20.52 6.71
C SER F 227 -39.36 20.85 7.15
N TYR F 228 -40.09 21.64 6.35
CA TYR F 228 -41.48 21.91 6.70
C TYR F 228 -42.33 20.65 6.59
N LYS F 229 -41.95 19.71 5.74
CA LYS F 229 -42.69 18.47 5.53
C LYS F 229 -42.11 17.29 6.29
N CYS F 230 -41.15 17.52 7.18
CA CYS F 230 -40.56 16.43 7.93
C CYS F 230 -41.52 15.92 9.00
N ASP F 231 -41.18 14.78 9.59
CA ASP F 231 -42.09 14.10 10.51
C ASP F 231 -42.43 14.98 11.71
N PHE F 232 -41.44 15.68 12.25
CA PHE F 232 -41.65 16.42 13.51
C PHE F 232 -42.49 17.67 13.29
N ILE F 233 -42.19 18.43 12.24
CA ILE F 233 -43.00 19.61 11.93
C ILE F 233 -44.43 19.20 11.58
N GLN F 234 -44.58 18.11 10.82
CA GLN F 234 -45.91 17.63 10.49
C GLN F 234 -46.67 17.18 11.73
N LYS F 235 -45.98 16.52 12.66
CA LYS F 235 -46.63 16.08 13.89
C LYS F 235 -47.09 17.27 14.73
N ILE F 236 -46.27 18.32 14.80
CA ILE F 236 -46.71 19.52 15.50
C ILE F 236 -47.89 20.16 14.79
N THR F 237 -47.85 20.21 13.46
CA THR F 237 -48.95 20.80 12.70
C THR F 237 -50.24 20.02 12.88
N LYS F 238 -50.16 18.68 12.88
CA LYS F 238 -51.35 17.86 13.07
C LYS F 238 -51.88 17.91 14.50
N THR F 239 -51.13 18.50 15.43
CA THR F 239 -51.57 18.59 16.82
C THR F 239 -51.84 20.03 17.23
N PHE F 247 -45.82 28.48 12.71
CA PHE F 247 -44.97 28.25 13.87
C PHE F 247 -43.54 27.92 13.43
N TYR F 248 -43.42 27.24 12.28
CA TYR F 248 -42.11 26.81 11.82
C TYR F 248 -41.30 27.97 11.27
N TYR F 249 -41.95 28.89 10.54
CA TYR F 249 -41.23 30.01 9.96
C TYR F 249 -40.68 30.95 11.03
N GLU F 250 -41.46 31.19 12.09
CA GLU F 250 -40.99 32.09 13.14
C GLU F 250 -39.82 31.48 13.90
N CYS F 251 -39.89 30.19 14.21
CA CYS F 251 -38.75 29.50 14.82
C CYS F 251 -37.55 29.53 13.90
N LYS F 252 -37.77 29.37 12.60
CA LYS F 252 -36.68 29.46 11.64
C LYS F 252 -36.03 30.84 11.67
N GLN F 253 -36.85 31.90 11.75
CA GLN F 253 -36.30 33.25 11.84
C GLN F 253 -35.49 33.44 13.12
N GLU F 254 -35.99 32.92 14.23
CA GLU F 254 -35.24 33.00 15.49
C GLU F 254 -33.89 32.29 15.38
N ARG F 255 -33.89 31.08 14.81
CA ARG F 255 -32.63 30.36 14.62
C ARG F 255 -31.70 31.08 13.66
N ILE F 256 -32.27 31.70 12.61
CA ILE F 256 -31.45 32.46 11.67
C ILE F 256 -30.73 33.59 12.40
N LYS F 257 -31.47 34.36 13.20
CA LYS F 257 -30.86 35.45 13.93
C LYS F 257 -29.80 34.96 14.90
N GLU F 258 -30.11 33.92 15.69
CA GLU F 258 -29.17 33.43 16.69
C GLU F 258 -27.90 32.87 16.04
N TYR F 259 -28.07 32.08 14.97
CA TYR F 259 -26.91 31.44 14.35
C TYR F 259 -26.10 32.41 13.52
N GLU F 260 -26.73 33.44 12.95
CA GLU F 260 -25.96 34.50 12.28
C GLU F 260 -25.19 35.33 13.29
N MET F 261 -25.74 35.52 14.48
CA MET F 261 -24.96 36.16 15.55
C MET F 261 -23.78 35.29 15.97
N LEU F 262 -24.00 33.99 16.12
CA LEU F 262 -22.98 33.11 16.69
C LEU F 262 -21.87 32.79 15.68
N PHE F 263 -22.20 32.59 14.41
CA PHE F 263 -21.27 32.04 13.45
C PHE F 263 -20.78 33.01 12.40
N LEU F 264 -21.44 34.14 12.22
CA LEU F 264 -21.06 35.11 11.20
C LEU F 264 -20.49 36.37 11.84
N VAL F 265 -19.70 37.09 11.05
CA VAL F 265 -19.16 38.39 11.44
C VAL F 265 -19.86 39.43 10.56
N SER F 266 -20.88 40.07 11.11
CA SER F 266 -21.70 41.00 10.32
C SER F 266 -20.87 42.17 9.82
N ASN F 267 -19.97 42.70 10.65
CA ASN F 267 -19.12 43.80 10.24
C ASN F 267 -18.09 43.30 9.22
N GLU F 268 -18.13 43.87 8.01
CA GLU F 268 -17.22 43.43 6.96
C GLU F 268 -15.77 43.75 7.29
N GLU F 269 -15.51 44.90 7.93
CA GLU F 269 -14.14 45.25 8.26
C GLU F 269 -13.59 44.38 9.37
N MET F 270 -14.42 44.02 10.36
CA MET F 270 -13.98 43.09 11.39
C MET F 270 -13.67 41.72 10.79
N HIS F 271 -14.50 41.26 9.86
CA HIS F 271 -14.23 40.00 9.19
C HIS F 271 -12.95 40.06 8.37
N LYS F 272 -12.71 41.18 7.68
CA LYS F 272 -11.48 41.34 6.93
C LYS F 272 -10.27 41.31 7.86
N GLN F 273 -10.37 41.97 9.01
CA GLN F 273 -9.30 41.93 10.00
C GLN F 273 -9.03 40.52 10.47
N ILE F 274 -10.09 39.76 10.75
CA ILE F 274 -9.94 38.37 11.19
C ILE F 274 -9.26 37.54 10.11
N LEU F 275 -9.72 37.69 8.86
CA LEU F 275 -9.18 36.90 7.76
C LEU F 275 -7.71 37.22 7.52
N MET F 276 -7.35 38.50 7.60
CA MET F 276 -5.93 38.87 7.48
C MET F 276 -5.11 38.28 8.62
N THR F 277 -5.65 38.31 9.85
CA THR F 277 -4.92 37.78 10.99
C THR F 277 -4.70 36.27 10.87
N ILE F 278 -5.69 35.54 10.36
CA ILE F 278 -5.64 34.09 10.32
C ILE F 278 -5.09 33.63 8.98
N GLY F 279 -4.44 34.54 8.25
CA GLY F 279 -3.79 34.18 7.01
C GLY F 279 -4.70 33.79 5.87
N LEU F 280 -5.83 34.48 5.70
CA LEU F 280 -6.73 34.28 4.58
C LEU F 280 -6.80 35.53 3.72
N GLU F 281 -5.63 36.12 3.43
CA GLU F 281 -5.57 37.33 2.62
C GLU F 281 -6.06 37.09 1.19
N ASN F 282 -6.01 35.85 0.71
CA ASN F 282 -6.52 35.54 -0.62
C ASN F 282 -8.03 35.69 -0.72
N LEU F 283 -8.74 35.80 0.41
CA LEU F 283 -10.18 35.95 0.43
C LEU F 283 -10.61 37.27 1.07
N CYS F 284 -9.74 38.28 1.05
CA CYS F 284 -10.03 39.56 1.70
C CYS F 284 -10.48 40.64 0.74
N GLU F 285 -10.42 40.40 -0.57
CA GLU F 285 -10.87 41.36 -1.55
C GLU F 285 -11.91 40.72 -2.47
N ASN F 286 -12.81 41.54 -2.98
CA ASN F 286 -13.92 41.05 -3.79
C ASN F 286 -13.40 40.50 -5.12
N PRO F 287 -14.13 39.55 -5.73
CA PRO F 287 -15.40 38.97 -5.29
C PRO F 287 -15.24 37.82 -4.30
N TYR F 288 -14.01 37.42 -4.01
CA TYR F 288 -13.79 36.26 -3.15
C TYR F 288 -14.25 36.52 -1.72
N PHE F 289 -14.06 37.75 -1.22
CA PHE F 289 -14.55 38.10 0.11
C PHE F 289 -16.07 38.01 0.18
N SER F 290 -16.75 38.63 -0.78
CA SER F 290 -18.21 38.58 -0.82
C SER F 290 -18.71 37.17 -1.08
N ASN F 291 -18.03 36.42 -1.94
CA ASN F 291 -18.43 35.04 -2.20
C ASN F 291 -18.32 34.20 -0.94
N LEU F 292 -17.22 34.36 -0.20
CA LEU F 292 -17.05 33.60 1.05
C LEU F 292 -18.13 33.97 2.06
N ARG F 293 -18.41 35.27 2.20
CA ARG F 293 -19.42 35.68 3.17
C ARG F 293 -20.81 35.17 2.76
N GLN F 294 -21.12 35.19 1.47
CA GLN F 294 -22.41 34.68 1.01
C GLN F 294 -22.51 33.17 1.21
N ASN F 295 -21.42 32.44 0.96
CA ASN F 295 -21.44 31.00 1.20
C ASN F 295 -21.64 30.68 2.67
N MET F 296 -20.97 31.43 3.56
CA MET F 296 -21.18 31.25 4.99
C MET F 296 -22.62 31.56 5.38
N LYS F 297 -23.18 32.63 4.83
CA LYS F 297 -24.57 32.97 5.13
C LYS F 297 -25.53 31.88 4.65
N ASP F 298 -25.27 31.32 3.47
CA ASP F 298 -26.13 30.26 2.95
C ASP F 298 -26.05 29.01 3.82
N LEU F 299 -24.84 28.64 4.25
CA LEU F 299 -24.71 27.49 5.13
C LEU F 299 -25.37 27.74 6.49
N ILE F 300 -25.29 28.97 7.01
CA ILE F 300 -25.97 29.29 8.26
C ILE F 300 -27.48 29.22 8.08
N LEU F 301 -27.98 29.67 6.94
CA LEU F 301 -29.41 29.57 6.66
C LEU F 301 -29.85 28.11 6.61
N LEU F 302 -29.06 27.26 5.96
CA LEU F 302 -29.39 25.83 5.91
C LEU F 302 -29.38 25.23 7.32
N LEU F 303 -28.38 25.58 8.13
CA LEU F 303 -28.30 25.06 9.49
C LEU F 303 -29.51 25.50 10.32
N ALA F 304 -29.90 26.77 10.20
CA ALA F 304 -31.06 27.26 10.92
C ALA F 304 -32.32 26.54 10.48
N THR F 305 -32.46 26.31 9.17
CA THR F 305 -33.61 25.57 8.65
C THR F 305 -33.68 24.17 9.26
N VAL F 306 -32.56 23.44 9.23
CA VAL F 306 -32.57 22.07 9.73
C VAL F 306 -32.79 22.04 11.24
N ALA F 307 -32.20 22.99 11.96
CA ALA F 307 -32.40 23.03 13.41
C ALA F 307 -33.82 23.40 13.77
N SER F 308 -34.49 24.19 12.93
CA SER F 308 -35.89 24.50 13.14
C SER F 308 -36.81 23.35 12.76
N SER F 309 -36.36 22.43 11.90
CA SER F 309 -37.16 21.25 11.58
C SER F 309 -37.44 20.39 12.81
N VAL F 310 -36.65 20.53 13.88
CA VAL F 310 -36.90 19.85 15.14
C VAL F 310 -36.95 20.93 16.21
N PRO F 311 -38.04 21.68 16.31
CA PRO F 311 -38.03 22.91 17.11
C PRO F 311 -38.29 22.69 18.59
N ASN F 312 -37.80 23.63 19.39
CA ASN F 312 -38.15 23.73 20.80
C ASN F 312 -39.46 24.51 20.89
N PHE F 313 -40.55 23.82 20.57
CA PHE F 313 -41.85 24.46 20.41
C PHE F 313 -42.86 23.84 21.37
N LYS F 314 -43.58 24.69 22.11
CA LYS F 314 -44.64 24.28 23.03
C LYS F 314 -44.06 23.26 24.00
N HIS F 315 -44.68 22.09 24.19
CA HIS F 315 -44.16 21.03 25.02
C HIS F 315 -43.83 19.79 24.19
N PHE F 316 -43.50 19.98 22.92
CA PHE F 316 -43.19 18.86 22.04
C PHE F 316 -41.77 18.35 22.31
N GLY F 317 -41.65 17.04 22.43
CA GLY F 317 -40.36 16.43 22.64
C GLY F 317 -40.44 14.94 22.39
N PHE F 318 -39.40 14.23 22.78
CA PHE F 318 -39.34 12.79 22.59
C PHE F 318 -39.81 12.10 23.86
N TYR F 319 -40.96 11.43 23.78
CA TYR F 319 -41.59 10.82 24.94
C TYR F 319 -42.04 9.41 24.60
N ARG F 320 -42.74 8.79 25.56
CA ARG F 320 -43.19 7.40 25.50
C ARG F 320 -42.00 6.46 25.56
N ASN F 331 -34.41 3.14 29.61
CA ASN F 331 -35.82 3.36 29.89
C ASN F 331 -36.11 4.83 30.16
N GLN F 332 -35.08 5.56 30.60
CA GLN F 332 -35.18 6.98 30.90
C GLN F 332 -34.70 7.79 29.70
N SER F 333 -35.51 8.76 29.29
CA SER F 333 -35.16 9.57 28.13
C SER F 333 -34.03 10.53 28.44
N LEU F 334 -33.38 11.00 27.38
CA LEU F 334 -32.33 12.00 27.49
C LEU F 334 -32.96 13.36 27.78
N PRO F 335 -32.17 14.33 28.22
CA PRO F 335 -32.66 15.72 28.23
C PRO F 335 -33.10 16.12 26.82
N GLN F 336 -34.22 16.85 26.77
CA GLN F 336 -34.86 17.11 25.48
C GLN F 336 -33.96 17.92 24.55
N GLU F 337 -33.10 18.78 25.11
CA GLU F 337 -32.20 19.55 24.27
C GLU F 337 -31.19 18.65 23.55
N ILE F 338 -30.64 17.65 24.24
CA ILE F 338 -29.68 16.75 23.61
C ILE F 338 -30.38 15.87 22.58
N ALA F 339 -31.59 15.42 22.88
CA ALA F 339 -32.35 14.63 21.92
C ALA F 339 -32.64 15.43 20.66
N ARG F 340 -33.01 16.71 20.82
CA ARG F 340 -33.22 17.57 19.67
C ARG F 340 -31.93 17.77 18.89
N HIS F 341 -30.81 17.95 19.58
CA HIS F 341 -29.54 18.15 18.90
C HIS F 341 -29.15 16.93 18.08
N CYS F 342 -29.32 15.73 18.65
CA CYS F 342 -28.99 14.51 17.93
C CYS F 342 -29.94 14.29 16.76
N MET F 343 -31.23 14.61 16.95
CA MET F 343 -32.17 14.48 15.85
C MET F 343 -31.83 15.44 14.72
N VAL F 344 -31.36 16.64 15.05
CA VAL F 344 -30.92 17.57 14.01
C VAL F 344 -29.67 17.05 13.31
N GLN F 345 -28.78 16.38 14.05
CA GLN F 345 -27.64 15.71 13.40
C GLN F 345 -28.13 14.71 12.36
N ALA F 346 -29.11 13.88 12.74
CA ALA F 346 -29.66 12.90 11.81
C ALA F 346 -30.35 13.57 10.63
N ARG F 347 -31.05 14.68 10.87
CA ARG F 347 -31.71 15.40 9.79
C ARG F 347 -30.69 15.99 8.82
N LEU F 348 -29.58 16.51 9.33
CA LEU F 348 -28.51 16.99 8.47
C LEU F 348 -27.92 15.86 7.64
N LEU F 349 -27.74 14.69 8.25
CA LEU F 349 -27.25 13.54 7.49
C LEU F 349 -28.25 13.10 6.42
N ALA F 350 -29.55 13.27 6.67
CA ALA F 350 -30.56 12.84 5.73
C ALA F 350 -30.45 13.54 4.38
N TYR F 351 -29.77 14.68 4.32
CA TYR F 351 -29.59 15.42 3.07
C TYR F 351 -28.41 14.91 2.25
N ARG F 352 -27.68 13.92 2.73
CA ARG F 352 -26.68 13.21 1.96
C ARG F 352 -27.26 12.01 1.22
N THR F 353 -28.58 11.85 1.25
CA THR F 353 -29.21 10.65 0.72
C THR F 353 -28.96 10.49 -0.77
N GLU F 354 -28.86 9.23 -1.19
CA GLU F 354 -28.86 8.88 -2.60
C GLU F 354 -30.24 8.56 -3.13
N ASP F 355 -31.21 8.34 -2.24
CA ASP F 355 -32.59 8.18 -2.66
C ASP F 355 -33.11 9.46 -3.31
N HIS F 356 -33.82 9.31 -4.42
CA HIS F 356 -34.28 10.47 -5.17
C HIS F 356 -35.57 11.06 -4.64
N LYS F 357 -36.22 10.42 -3.67
CA LYS F 357 -37.49 10.90 -3.13
C LYS F 357 -37.42 11.24 -1.66
N THR F 358 -36.94 10.33 -0.81
CA THR F 358 -36.99 10.51 0.64
C THR F 358 -35.59 10.34 1.22
N GLY F 359 -35.18 11.33 2.02
CA GLY F 359 -33.91 11.26 2.72
C GLY F 359 -34.11 10.92 4.18
N VAL F 360 -33.36 9.93 4.65
CA VAL F 360 -33.44 9.46 6.02
C VAL F 360 -32.03 9.49 6.62
N GLY F 361 -31.94 9.98 7.85
CA GLY F 361 -30.67 10.01 8.55
C GLY F 361 -30.77 9.35 9.91
N ALA F 362 -29.63 8.85 10.39
CA ALA F 362 -29.57 8.13 11.65
C ALA F 362 -28.23 8.41 12.33
N VAL F 363 -28.29 8.70 13.63
CA VAL F 363 -27.10 8.87 14.46
C VAL F 363 -27.22 7.96 15.68
N ILE F 364 -26.14 7.26 15.99
CA ILE F 364 -26.07 6.42 17.17
C ILE F 364 -25.09 7.06 18.15
N TRP F 365 -25.57 7.35 19.36
CA TRP F 365 -24.79 7.91 20.45
C TRP F 365 -24.88 6.96 21.63
N ALA F 366 -23.90 7.04 22.53
CA ALA F 366 -23.90 6.25 23.74
C ALA F 366 -23.50 7.11 24.93
N GLU F 367 -24.10 6.80 26.07
CA GLU F 367 -23.84 7.51 27.33
C GLU F 367 -22.90 6.64 28.17
N GLY F 368 -21.64 7.06 28.28
CA GLY F 368 -20.69 6.33 29.07
C GLY F 368 -20.99 6.43 30.55
N LYS F 369 -20.55 5.41 31.30
CA LYS F 369 -20.78 5.40 32.74
C LYS F 369 -19.89 6.40 33.47
N SER F 370 -18.66 6.55 33.02
CA SER F 370 -17.69 7.44 33.66
C SER F 370 -17.65 8.79 32.96
N ARG F 371 -17.16 9.79 33.69
CA ARG F 371 -17.04 11.13 33.14
C ARG F 371 -15.98 11.16 32.04
N SER F 372 -16.23 11.96 31.01
CA SER F 372 -15.32 12.12 29.90
C SER F 372 -14.82 13.56 29.84
N CYS F 373 -13.79 13.77 29.02
CA CYS F 373 -13.22 15.08 28.81
C CYS F 373 -13.99 15.90 27.78
N ASP F 374 -14.88 15.28 27.01
CA ASP F 374 -15.57 15.96 25.92
C ASP F 374 -16.57 16.97 26.45
N GLY F 375 -16.89 17.94 25.60
CA GLY F 375 -17.96 18.88 25.89
C GLY F 375 -19.35 18.31 25.78
N THR F 376 -19.47 17.10 25.22
CA THR F 376 -20.74 16.38 25.18
C THR F 376 -21.03 15.62 26.46
N GLY F 377 -20.15 15.69 27.45
CA GLY F 377 -20.32 14.97 28.69
C GLY F 377 -20.03 13.49 28.56
N ALA F 378 -20.82 12.66 29.24
CA ALA F 378 -20.64 11.21 29.14
C ALA F 378 -21.06 10.66 27.79
N MET F 379 -21.80 11.45 27.00
CA MET F 379 -22.26 11.00 25.70
C MET F 379 -21.14 11.09 24.67
N TYR F 380 -20.97 10.04 23.89
CA TYR F 380 -19.98 10.00 22.83
C TYR F 380 -20.60 9.45 21.55
N PHE F 381 -20.14 9.96 20.42
CA PHE F 381 -20.68 9.57 19.14
C PHE F 381 -20.24 8.16 18.78
N VAL F 382 -21.19 7.35 18.32
CA VAL F 382 -20.95 5.94 17.99
C VAL F 382 -20.97 5.71 16.49
N GLY F 383 -21.97 6.25 15.80
CA GLY F 383 -22.08 5.98 14.37
C GLY F 383 -23.08 6.91 13.72
N CYS F 384 -23.01 6.94 12.39
CA CYS F 384 -23.91 7.78 11.61
C CYS F 384 -24.15 7.14 10.26
N GLY F 385 -25.28 7.50 9.65
CA GLY F 385 -25.62 6.96 8.35
C GLY F 385 -26.82 7.65 7.74
N TYR F 386 -26.97 7.45 6.43
CA TYR F 386 -28.13 7.91 5.68
C TYR F 386 -28.51 6.81 4.69
N ASN F 387 -29.71 6.93 4.14
CA ASN F 387 -30.17 5.93 3.17
C ASN F 387 -29.47 6.15 1.84
N ALA F 388 -28.80 5.10 1.36
CA ALA F 388 -28.02 5.18 0.13
C ALA F 388 -27.84 3.77 -0.41
N PHE F 389 -27.42 3.70 -1.66
CA PHE F 389 -27.10 2.43 -2.28
C PHE F 389 -25.73 1.94 -1.80
N PRO F 390 -25.42 0.65 -1.98
CA PRO F 390 -24.17 0.12 -1.40
C PRO F 390 -22.95 0.88 -1.88
N VAL F 391 -21.98 1.01 -0.97
CA VAL F 391 -20.81 1.85 -1.19
C VAL F 391 -20.12 1.46 -2.49
N GLY F 392 -19.73 2.46 -3.28
CA GLY F 392 -19.08 2.23 -4.54
C GLY F 392 -20.01 2.01 -5.71
N SER F 393 -21.25 2.47 -5.62
CA SER F 393 -22.24 2.27 -6.67
C SER F 393 -22.39 3.54 -7.50
N GLU F 394 -22.50 3.35 -8.82
CA GLU F 394 -22.78 4.46 -9.72
C GLU F 394 -24.28 4.79 -9.68
N TYR F 395 -24.63 5.91 -10.34
CA TYR F 395 -26.02 6.35 -10.34
C TYR F 395 -26.94 5.34 -11.02
N ALA F 396 -26.48 4.75 -12.13
CA ALA F 396 -27.29 3.80 -12.88
C ALA F 396 -27.06 2.36 -12.47
N ASP F 397 -26.28 2.13 -11.40
CA ASP F 397 -26.00 0.76 -10.98
C ASP F 397 -27.26 0.04 -10.52
N PHE F 398 -28.11 0.73 -9.76
CA PHE F 398 -29.26 0.08 -9.15
C PHE F 398 -30.53 0.84 -9.51
N PRO F 399 -31.67 0.15 -9.52
CA PRO F 399 -32.94 0.84 -9.76
C PRO F 399 -33.22 1.88 -8.69
N HIS F 400 -33.76 3.03 -9.12
CA HIS F 400 -34.10 4.12 -8.23
C HIS F 400 -35.60 4.29 -8.06
N MET F 401 -36.40 3.41 -8.65
CA MET F 401 -37.85 3.58 -8.67
C MET F 401 -38.47 3.16 -7.34
N ASP F 402 -39.75 3.47 -7.20
CA ASP F 402 -40.55 3.17 -6.03
C ASP F 402 -41.70 2.25 -6.42
N ASP F 403 -42.65 2.07 -5.50
CA ASP F 403 -43.78 1.17 -5.74
C ASP F 403 -44.60 1.55 -6.97
N LYS F 404 -44.49 2.81 -7.43
CA LYS F 404 -45.19 3.20 -8.65
C LYS F 404 -44.74 2.37 -9.85
N GLN F 405 -43.46 1.98 -9.87
CA GLN F 405 -42.98 1.07 -10.90
C GLN F 405 -43.68 -0.28 -10.77
N LYS F 406 -44.11 -0.83 -11.90
CA LYS F 406 -44.88 -2.07 -11.89
C LYS F 406 -44.05 -3.25 -11.42
N ASP F 407 -42.85 -3.41 -11.96
CA ASP F 407 -42.01 -4.56 -11.66
C ASP F 407 -41.31 -4.35 -10.32
N ARG F 408 -41.52 -5.27 -9.38
CA ARG F 408 -40.87 -5.16 -8.08
C ARG F 408 -39.37 -5.41 -8.18
N GLU F 409 -38.93 -6.15 -9.21
CA GLU F 409 -37.52 -6.44 -9.38
C GLU F 409 -36.70 -5.19 -9.70
N ILE F 410 -37.34 -4.14 -10.21
CA ILE F 410 -36.63 -2.92 -10.58
C ILE F 410 -37.02 -1.79 -9.64
N ARG F 411 -37.33 -2.12 -8.39
CA ARG F 411 -37.57 -1.13 -7.36
C ARG F 411 -36.35 -0.99 -6.46
N LYS F 412 -36.21 0.19 -5.87
CA LYS F 412 -35.01 0.53 -5.09
C LYS F 412 -34.92 -0.23 -3.77
N PHE F 413 -36.04 -0.78 -3.27
CA PHE F 413 -36.12 -1.18 -1.88
C PHE F 413 -35.14 -2.31 -1.54
N ARG F 414 -35.01 -3.30 -2.43
CA ARG F 414 -34.13 -4.42 -2.16
C ARG F 414 -32.66 -4.09 -2.31
N TYR F 415 -32.32 -2.90 -2.80
CA TYR F 415 -30.93 -2.51 -3.00
C TYR F 415 -30.51 -1.30 -2.19
N ILE F 416 -31.43 -0.59 -1.56
CA ILE F 416 -31.12 0.61 -0.81
C ILE F 416 -30.71 0.24 0.61
N ILE F 417 -29.59 0.78 1.06
CA ILE F 417 -29.14 0.61 2.44
C ILE F 417 -29.79 1.68 3.29
N HIS F 418 -30.50 1.28 4.33
CA HIS F 418 -31.21 2.23 5.16
C HIS F 418 -30.24 3.02 6.05
N ALA F 419 -30.75 4.12 6.60
CA ALA F 419 -29.92 5.00 7.42
C ALA F 419 -29.39 4.28 8.65
N ALA F 420 -30.26 3.53 9.33
CA ALA F 420 -29.82 2.79 10.52
C ALA F 420 -28.83 1.70 10.15
N GLN F 421 -29.05 1.03 9.01
CA GLN F 421 -28.11 0.01 8.56
C GLN F 421 -26.74 0.60 8.29
N ASN F 422 -26.68 1.77 7.66
CA ASN F 422 -25.40 2.43 7.42
C ASN F 422 -24.77 2.94 8.71
N ALA F 423 -25.59 3.40 9.66
CA ALA F 423 -25.06 3.86 10.93
C ALA F 423 -24.43 2.71 11.71
N LEU F 424 -25.07 1.54 11.68
CA LEU F 424 -24.49 0.38 12.36
C LEU F 424 -23.28 -0.15 11.61
N THR F 425 -23.30 -0.12 10.27
CA THR F 425 -22.20 -0.66 9.49
C THR F 425 -20.92 0.12 9.71
N PHE F 426 -20.99 1.45 9.64
CA PHE F 426 -19.81 2.30 9.70
C PHE F 426 -19.67 2.97 11.07
N ARG F 427 -20.03 2.26 12.13
CA ARG F 427 -19.87 2.79 13.48
C ARG F 427 -18.39 2.87 13.84
N CYS F 428 -18.01 3.96 14.52
CA CYS F 428 -16.65 4.12 15.00
C CYS F 428 -16.44 3.54 16.40
N GLN F 429 -17.51 3.13 17.07
CA GLN F 429 -17.43 2.59 18.42
C GLN F 429 -18.28 1.34 18.52
N GLU F 430 -17.90 0.46 19.42
CA GLU F 430 -18.68 -0.75 19.70
C GLU F 430 -19.83 -0.41 20.63
N ILE F 431 -20.97 -1.08 20.43
CA ILE F 431 -22.12 -0.90 21.31
C ILE F 431 -21.86 -1.66 22.59
N LYS F 432 -21.63 -0.94 23.68
CA LYS F 432 -21.36 -1.58 24.96
C LYS F 432 -22.67 -1.99 25.63
N PRO F 433 -22.84 -3.26 25.98
CA PRO F 433 -24.12 -3.71 26.55
C PRO F 433 -24.49 -3.00 27.85
N GLU F 434 -23.51 -2.65 28.68
CA GLU F 434 -23.80 -2.01 29.95
C GLU F 434 -24.17 -0.54 29.81
N GLU F 435 -23.80 0.08 28.70
CA GLU F 435 -24.06 1.50 28.47
C GLU F 435 -25.45 1.71 27.86
N ARG F 436 -25.99 2.89 28.09
CA ARG F 436 -27.22 3.30 27.41
C ARG F 436 -26.88 3.80 26.01
N SER F 437 -27.46 3.18 25.00
CA SER F 437 -27.19 3.54 23.61
C SER F 437 -28.48 3.96 22.93
N MET F 438 -28.42 5.08 22.20
CA MET F 438 -29.59 5.69 21.59
C MET F 438 -29.33 5.86 20.09
N ILE F 439 -30.29 5.46 19.28
CA ILE F 439 -30.26 5.73 17.85
C ILE F 439 -31.38 6.71 17.52
N PHE F 440 -31.03 7.81 16.87
CA PHE F 440 -31.96 8.85 16.46
C PHE F 440 -32.13 8.72 14.96
N VAL F 441 -33.36 8.51 14.51
CA VAL F 441 -33.65 8.31 13.09
C VAL F 441 -34.79 9.21 12.69
N THR F 442 -34.62 9.92 11.56
CA THR F 442 -35.58 10.93 11.14
C THR F 442 -36.90 10.33 10.69
N LYS F 443 -36.93 9.05 10.37
CA LYS F 443 -38.14 8.35 9.95
C LYS F 443 -38.31 7.12 10.84
N CYS F 444 -39.55 6.67 10.97
CA CYS F 444 -39.82 5.49 11.78
C CYS F 444 -39.01 4.30 11.24
N PRO F 445 -38.30 3.57 12.09
CA PRO F 445 -37.52 2.43 11.61
C PRO F 445 -38.40 1.37 10.96
N CYS F 446 -37.91 0.82 9.85
CA CYS F 446 -38.67 -0.16 9.09
C CYS F 446 -38.51 -1.55 9.67
N ASP F 447 -39.19 -2.53 9.07
CA ASP F 447 -39.24 -3.88 9.63
C ASP F 447 -37.94 -4.65 9.44
N GLU F 448 -37.06 -4.22 8.54
CA GLU F 448 -35.75 -4.84 8.41
C GLU F 448 -34.66 -4.07 9.16
N CYS F 449 -35.01 -2.93 9.76
CA CYS F 449 -34.07 -2.17 10.58
C CYS F 449 -34.26 -2.38 12.07
N VAL F 450 -35.51 -2.55 12.51
CA VAL F 450 -35.78 -2.76 13.94
C VAL F 450 -35.08 -4.01 14.48
N PRO F 451 -35.14 -5.17 13.81
CA PRO F 451 -34.37 -6.31 14.32
C PRO F 451 -32.86 -6.05 14.37
N LEU F 452 -32.32 -5.31 13.41
CA LEU F 452 -30.90 -4.99 13.46
C LEU F 452 -30.57 -4.09 14.64
N ILE F 453 -31.41 -3.10 14.91
CA ILE F 453 -31.20 -2.22 16.07
C ILE F 453 -31.28 -3.02 17.35
N LYS F 454 -32.27 -3.92 17.45
CA LYS F 454 -32.41 -4.73 18.65
C LYS F 454 -31.23 -5.67 18.84
N GLY F 455 -30.77 -6.31 17.76
CA GLY F 455 -29.64 -7.22 17.87
C GLY F 455 -28.33 -6.53 18.12
N ALA F 456 -28.21 -5.27 17.69
CA ALA F 456 -26.99 -4.52 17.94
C ALA F 456 -26.85 -4.12 19.41
N GLY F 457 -27.92 -4.24 20.19
CA GLY F 457 -27.89 -3.86 21.59
C GLY F 457 -28.28 -2.43 21.88
N ILE F 458 -28.79 -1.71 20.89
CA ILE F 458 -29.17 -0.31 21.11
C ILE F 458 -30.38 -0.27 22.02
N LYS F 459 -30.30 0.53 23.09
CA LYS F 459 -31.30 0.52 24.14
C LYS F 459 -32.51 1.38 23.79
N GLN F 460 -32.29 2.51 23.12
CA GLN F 460 -33.34 3.48 22.88
C GLN F 460 -33.37 3.89 21.42
N ILE F 461 -34.58 4.06 20.89
CA ILE F 461 -34.80 4.55 19.54
C ILE F 461 -35.61 5.84 19.64
N TYR F 462 -35.05 6.94 19.16
CA TYR F 462 -35.72 8.22 19.08
C TYR F 462 -36.11 8.45 17.62
N ALA F 463 -37.37 8.80 17.39
CA ALA F 463 -37.84 8.91 16.02
C ALA F 463 -39.08 9.78 15.91
N GLY F 464 -39.38 10.17 14.67
CA GLY F 464 -40.71 10.58 14.30
C GLY F 464 -41.45 9.39 13.72
N ASP F 465 -42.75 9.32 13.98
CA ASP F 465 -43.52 8.11 13.68
C ASP F 465 -44.70 8.40 12.77
N VAL F 466 -44.46 9.12 11.68
CA VAL F 466 -45.52 9.34 10.69
C VAL F 466 -45.89 8.03 10.00
N ASP F 467 -44.89 7.23 9.64
CA ASP F 467 -45.08 6.03 8.85
C ASP F 467 -45.32 4.78 9.68
N VAL F 468 -45.43 4.90 11.01
CA VAL F 468 -45.63 3.72 11.84
C VAL F 468 -46.95 3.05 11.48
N GLY F 469 -46.91 1.73 11.30
CA GLY F 469 -48.07 0.97 10.90
C GLY F 469 -48.27 0.82 9.41
N LYS F 470 -47.50 1.53 8.60
CA LYS F 470 -47.63 1.40 7.15
C LYS F 470 -47.08 0.06 6.70
N LYS F 471 -47.78 -0.56 5.73
CA LYS F 471 -47.44 -1.88 5.23
C LYS F 471 -47.46 -1.83 3.70
N LYS F 472 -46.30 -1.61 3.11
CA LYS F 472 -46.13 -1.63 1.66
C LYS F 472 -45.51 -2.95 1.23
N ALA F 473 -45.46 -3.17 -0.09
CA ALA F 473 -45.04 -4.45 -0.63
C ALA F 473 -43.59 -4.77 -0.26
N ASP F 474 -42.70 -3.79 -0.39
CA ASP F 474 -41.28 -4.02 -0.17
C ASP F 474 -40.74 -3.35 1.09
N ILE F 475 -41.58 -2.68 1.86
CA ILE F 475 -41.14 -2.04 3.10
C ILE F 475 -42.37 -1.90 4.01
N SER F 476 -42.15 -2.16 5.31
CA SER F 476 -43.23 -2.12 6.28
C SER F 476 -42.72 -1.52 7.57
N TYR F 477 -43.66 -1.08 8.40
CA TYR F 477 -43.38 -0.42 9.67
C TYR F 477 -44.24 -1.01 10.79
N MET F 478 -44.30 -2.34 10.83
CA MET F 478 -45.13 -3.02 11.83
C MET F 478 -44.35 -3.42 13.08
N ARG F 479 -43.05 -3.67 12.96
CA ARG F 479 -42.27 -4.16 14.09
C ARG F 479 -41.88 -3.07 15.07
N PHE F 480 -41.95 -1.80 14.68
CA PHE F 480 -41.59 -0.73 15.60
C PHE F 480 -42.66 -0.54 16.67
N GLY F 481 -43.93 -0.60 16.29
CA GLY F 481 -44.99 -0.41 17.27
C GLY F 481 -45.03 -1.50 18.33
N GLU F 482 -44.71 -2.73 17.96
CA GLU F 482 -44.76 -3.87 18.85
C GLU F 482 -43.38 -4.26 19.38
N LEU F 483 -42.37 -3.42 19.18
CA LEU F 483 -41.01 -3.77 19.56
C LEU F 483 -40.87 -3.89 21.06
N GLU F 484 -40.27 -5.00 21.52
CA GLU F 484 -40.06 -5.26 22.93
C GLU F 484 -38.57 -5.24 23.25
N GLY F 485 -38.24 -4.78 24.45
CA GLY F 485 -36.87 -4.76 24.92
C GLY F 485 -36.08 -3.53 24.55
N VAL F 486 -36.63 -2.66 23.71
CA VAL F 486 -35.99 -1.41 23.33
C VAL F 486 -36.95 -0.27 23.64
N SER F 487 -36.47 0.71 24.41
CA SER F 487 -37.28 1.88 24.70
C SER F 487 -37.48 2.70 23.43
N LYS F 488 -38.70 3.17 23.21
CA LYS F 488 -39.04 3.94 22.03
C LYS F 488 -39.52 5.32 22.46
N PHE F 489 -38.84 6.36 21.98
CA PHE F 489 -39.24 7.74 22.22
C PHE F 489 -39.56 8.39 20.89
N THR F 490 -40.77 8.93 20.79
CA THR F 490 -41.26 9.53 19.57
C THR F 490 -41.51 11.01 19.79
N TRP F 491 -41.43 11.76 18.70
CA TRP F 491 -41.84 13.16 18.74
C TRP F 491 -43.33 13.25 19.06
N GLN F 492 -43.66 14.02 20.09
CA GLN F 492 -44.98 13.92 20.70
C GLN F 492 -45.12 15.03 21.74
N LEU F 493 -46.36 15.40 22.01
CA LEU F 493 -46.63 16.22 23.18
C LEU F 493 -46.30 15.46 24.45
N ASN F 494 -45.84 16.17 25.46
CA ASN F 494 -45.52 15.54 26.73
C ASN F 494 -46.79 14.97 27.35
N PRO F 495 -46.84 13.67 27.63
CA PRO F 495 -48.04 13.11 28.27
C PRO F 495 -48.32 13.67 29.64
N SER F 496 -47.32 14.23 30.33
CA SER F 496 -47.51 14.82 31.64
C SER F 496 -47.31 16.33 31.58
#